data_6S10
#
_entry.id   6S10
#
_cell.length_a   1.000
_cell.length_b   1.000
_cell.length_c   1.000
_cell.angle_alpha   90.00
_cell.angle_beta   90.00
_cell.angle_gamma   90.00
#
_symmetry.space_group_name_H-M   'P 1'
#
_entity_poly.entity_id   1
_entity_poly.type   'polypeptide(L)'
_entity_poly.pdbx_seq_one_letter_code
;GSNQQLNATKKDKLQVIDWLIENFPNAFFKKGNQVKPLKIGIFDDLIDFYERLDTPPFSKKSLREALSYYSASPAYLSCQ
KPDTARVDIYGNEVDVVTPEQAKYAYQRYQERYGNKKSQDLK
;
_entity_poly.pdbx_strand_id   A
#
# COMPACT_ATOMS: atom_id res chain seq x y z
N GLY A 1 4.76 -25.97 -19.29
CA GLY A 1 3.41 -25.42 -19.39
C GLY A 1 2.54 -25.79 -18.20
N SER A 2 2.71 -25.13 -17.05
CA SER A 2 1.92 -25.40 -15.86
C SER A 2 1.65 -24.11 -15.09
N ASN A 3 0.65 -24.18 -14.22
CA ASN A 3 0.21 -23.08 -13.35
C ASN A 3 1.29 -22.86 -12.28
N GLN A 4 1.26 -21.73 -11.58
CA GLN A 4 2.24 -21.40 -10.53
C GLN A 4 1.56 -20.48 -9.50
N GLN A 5 2.08 -20.37 -8.27
CA GLN A 5 1.53 -19.54 -7.19
C GLN A 5 2.64 -19.32 -6.16
N LEU A 6 2.79 -18.11 -5.61
CA LEU A 6 3.85 -17.80 -4.64
C LEU A 6 3.36 -16.96 -3.48
N ASN A 7 2.84 -17.61 -2.44
CA ASN A 7 2.35 -16.96 -1.23
C ASN A 7 3.27 -17.32 -0.06
N ALA A 8 3.34 -16.43 0.94
CA ALA A 8 4.12 -16.52 2.17
C ALA A 8 5.64 -16.59 1.97
N THR A 9 6.35 -16.14 3.01
CA THR A 9 7.80 -16.09 3.10
C THR A 9 8.25 -16.28 4.55
N LYS A 10 8.08 -15.25 5.40
CA LYS A 10 8.48 -15.25 6.80
C LYS A 10 7.44 -14.54 7.68
N LYS A 11 7.41 -13.20 7.60
CA LYS A 11 6.54 -12.36 8.39
C LYS A 11 5.11 -12.40 7.89
N ASP A 12 4.20 -12.73 8.79
CA ASP A 12 2.76 -12.80 8.50
C ASP A 12 2.26 -11.41 8.08
N LYS A 13 2.90 -10.37 8.61
CA LYS A 13 2.56 -8.99 8.29
C LYS A 13 2.81 -8.79 6.80
N LEU A 14 3.97 -9.20 6.29
CA LEU A 14 4.26 -9.03 4.87
C LEU A 14 3.47 -10.04 4.05
N GLN A 15 3.15 -11.23 4.59
CA GLN A 15 2.43 -12.27 3.89
C GLN A 15 1.06 -11.78 3.40
N VAL A 16 0.27 -11.15 4.26
CA VAL A 16 -1.06 -10.67 3.83
C VAL A 16 -0.93 -9.69 2.66
N ILE A 17 0.09 -8.83 2.64
CA ILE A 17 0.34 -7.85 1.58
C ILE A 17 0.79 -8.59 0.32
N ASP A 18 1.69 -9.55 0.46
CA ASP A 18 2.25 -10.34 -0.63
C ASP A 18 1.17 -11.18 -1.31
N TRP A 19 0.19 -11.66 -0.52
CA TRP A 19 -0.94 -12.45 -0.97
C TRP A 19 -1.86 -11.60 -1.84
N LEU A 20 -2.31 -10.45 -1.30
CA LEU A 20 -3.19 -9.56 -2.06
C LEU A 20 -2.52 -9.07 -3.34
N ILE A 21 -1.19 -8.88 -3.32
CA ILE A 21 -0.43 -8.44 -4.48
C ILE A 21 -0.54 -9.48 -5.60
N GLU A 22 -0.52 -10.79 -5.29
CA GLU A 22 -0.65 -11.85 -6.28
C GLU A 22 -2.12 -12.08 -6.70
N ASN A 23 -3.07 -11.79 -5.80
CA ASN A 23 -4.50 -11.97 -6.04
C ASN A 23 -5.02 -11.04 -7.13
N PHE A 24 -4.68 -9.75 -7.06
CA PHE A 24 -5.11 -8.77 -8.06
C PHE A 24 -3.86 -8.25 -8.77
N PRO A 25 -3.42 -8.92 -9.83
CA PRO A 25 -2.23 -8.55 -10.59
C PRO A 25 -2.45 -7.39 -11.58
N ASN A 26 -3.52 -6.59 -11.52
CA ASN A 26 -3.64 -5.50 -12.51
C ASN A 26 -2.81 -4.30 -12.06
N ALA A 27 -2.53 -4.17 -10.76
CA ALA A 27 -1.74 -3.10 -10.20
C ALA A 27 -1.44 -3.44 -8.76
N PHE A 28 -0.15 -3.61 -8.48
CA PHE A 28 0.45 -3.89 -7.18
C PHE A 28 1.97 -3.97 -7.36
N PHE A 29 2.76 -3.99 -6.28
CA PHE A 29 4.22 -4.09 -6.38
C PHE A 29 4.76 -4.72 -5.11
N LYS A 30 5.66 -5.70 -5.24
CA LYS A 30 6.25 -6.38 -4.09
C LYS A 30 7.35 -5.53 -3.45
N LYS A 31 8.38 -5.18 -4.22
CA LYS A 31 9.51 -4.40 -3.71
C LYS A 31 9.10 -2.95 -3.47
N GLY A 32 9.35 -2.43 -2.27
CA GLY A 32 9.02 -1.05 -1.90
C GLY A 32 9.67 -0.03 -2.84
N ASN A 33 10.85 -0.32 -3.39
CA ASN A 33 11.55 0.61 -4.29
C ASN A 33 10.77 0.99 -5.56
N GLN A 34 9.84 0.14 -6.01
CA GLN A 34 9.03 0.35 -7.21
C GLN A 34 7.55 0.51 -6.90
N VAL A 35 7.19 0.51 -5.62
CA VAL A 35 5.80 0.66 -5.19
C VAL A 35 5.25 2.00 -5.70
N LYS A 36 3.92 2.14 -5.86
CA LYS A 36 3.31 3.38 -6.36
C LYS A 36 1.98 3.65 -5.65
N PRO A 37 1.45 4.88 -5.71
CA PRO A 37 0.18 5.21 -5.09
C PRO A 37 -0.94 4.41 -5.77
N LEU A 38 -1.90 3.98 -4.97
CA LEU A 38 -3.07 3.18 -5.37
C LEU A 38 -4.37 3.97 -5.21
N LYS A 39 -5.47 3.44 -5.78
CA LYS A 39 -6.83 4.01 -5.73
C LYS A 39 -7.20 4.36 -4.29
N ILE A 40 -8.03 5.38 -4.07
CA ILE A 40 -8.44 5.77 -2.73
C ILE A 40 -9.23 4.61 -2.10
N GLY A 41 -9.01 4.34 -0.81
CA GLY A 41 -9.71 3.28 -0.08
C GLY A 41 -9.60 1.90 -0.74
N ILE A 42 -8.55 1.63 -1.52
CA ILE A 42 -8.34 0.35 -2.22
C ILE A 42 -8.43 -0.85 -1.28
N PHE A 43 -8.05 -0.72 0.00
CA PHE A 43 -8.12 -1.84 0.92
C PHE A 43 -9.57 -2.31 1.06
N ASP A 44 -10.52 -1.37 1.10
CA ASP A 44 -11.94 -1.66 1.27
C ASP A 44 -12.50 -2.41 0.06
N ASP A 45 -11.89 -2.18 -1.11
CA ASP A 45 -12.23 -2.78 -2.38
C ASP A 45 -11.68 -4.22 -2.46
N LEU A 46 -10.40 -4.36 -2.06
CA LEU A 46 -9.57 -5.56 -2.03
C LEU A 46 -9.96 -6.57 -0.98
N ILE A 47 -10.34 -6.14 0.22
CA ILE A 47 -10.70 -7.03 1.33
C ILE A 47 -11.81 -7.98 0.90
N ASP A 48 -12.60 -7.58 -0.10
CA ASP A 48 -13.70 -8.38 -0.62
C ASP A 48 -13.17 -9.74 -1.07
N PHE A 49 -11.98 -9.75 -1.69
CA PHE A 49 -11.30 -10.95 -2.17
C PHE A 49 -10.87 -11.82 -0.98
N TYR A 50 -10.56 -11.24 0.18
CA TYR A 50 -10.18 -12.00 1.39
C TYR A 50 -11.44 -12.72 1.90
N GLU A 51 -12.63 -12.17 1.67
CA GLU A 51 -13.86 -12.83 2.13
C GLU A 51 -14.18 -14.05 1.24
N ARG A 52 -13.55 -14.19 0.07
CA ARG A 52 -13.80 -15.30 -0.86
C ARG A 52 -13.15 -16.61 -0.37
N LEU A 53 -12.09 -16.53 0.44
CA LEU A 53 -11.37 -17.66 1.01
C LEU A 53 -12.31 -18.59 1.75
N ASP A 54 -11.98 -19.88 1.68
CA ASP A 54 -12.76 -20.90 2.36
C ASP A 54 -12.44 -20.87 3.87
N THR A 55 -11.21 -20.47 4.22
CA THR A 55 -10.75 -20.37 5.59
C THR A 55 -9.87 -19.13 5.74
N PRO A 56 -10.48 -17.93 5.82
CA PRO A 56 -9.75 -16.68 5.98
C PRO A 56 -8.96 -16.73 7.30
N PRO A 57 -7.62 -16.71 7.28
CA PRO A 57 -6.81 -16.80 8.49
C PRO A 57 -6.66 -15.46 9.21
N PHE A 58 -5.81 -14.58 8.70
CA PHE A 58 -5.54 -13.27 9.26
C PHE A 58 -6.71 -12.36 8.87
N SER A 59 -7.53 -12.04 9.86
CA SER A 59 -8.70 -11.21 9.71
C SER A 59 -8.39 -9.84 9.10
N LYS A 60 -9.44 -9.16 8.61
CA LYS A 60 -9.40 -7.84 7.98
C LYS A 60 -8.57 -6.82 8.75
N LYS A 61 -8.56 -6.90 10.08
CA LYS A 61 -7.79 -6.00 10.93
C LYS A 61 -6.29 -6.14 10.62
N SER A 62 -5.74 -7.36 10.66
CA SER A 62 -4.33 -7.61 10.39
C SER A 62 -3.99 -7.22 8.96
N LEU A 63 -4.85 -7.59 8.00
CA LEU A 63 -4.62 -7.26 6.59
C LEU A 63 -4.46 -5.75 6.44
N ARG A 64 -5.39 -4.94 6.93
CA ARG A 64 -5.28 -3.49 6.82
C ARG A 64 -4.09 -2.96 7.59
N GLU A 65 -3.88 -3.39 8.84
CA GLU A 65 -2.77 -2.93 9.67
C GLU A 65 -1.44 -3.17 8.97
N ALA A 66 -1.27 -4.34 8.36
CA ALA A 66 -0.07 -4.69 7.63
C ALA A 66 0.05 -3.82 6.38
N LEU A 67 -1.04 -3.64 5.62
CA LEU A 67 -1.03 -2.81 4.42
C LEU A 67 -0.65 -1.37 4.79
N SER A 68 -0.97 -0.94 6.02
CA SER A 68 -0.66 0.39 6.53
C SER A 68 0.85 0.55 6.58
N TYR A 69 1.58 -0.55 6.82
CA TYR A 69 3.03 -0.56 6.88
C TYR A 69 3.60 -0.31 5.48
N TYR A 70 2.99 -0.86 4.43
CA TYR A 70 3.46 -0.65 3.06
C TYR A 70 3.23 0.79 2.62
N SER A 71 2.12 1.40 3.04
CA SER A 71 1.86 2.80 2.69
C SER A 71 2.76 3.75 3.50
N ALA A 72 3.38 3.23 4.57
CA ALA A 72 4.29 3.92 5.47
C ALA A 72 5.75 3.60 5.12
N SER A 73 5.99 2.86 4.03
CA SER A 73 7.35 2.53 3.65
C SER A 73 8.12 3.80 3.26
N PRO A 74 9.44 3.82 3.45
CA PRO A 74 10.25 4.99 3.15
C PRO A 74 10.17 5.34 1.67
N ALA A 75 10.38 4.36 0.79
CA ALA A 75 10.34 4.57 -0.64
C ALA A 75 9.01 5.16 -1.10
N TYR A 76 7.88 4.62 -0.64
CA TYR A 76 6.57 5.11 -1.02
C TYR A 76 6.42 6.59 -0.71
N LEU A 77 6.78 7.01 0.50
CA LEU A 77 6.67 8.40 0.92
C LEU A 77 7.69 9.28 0.21
N SER A 78 8.95 8.84 0.17
CA SER A 78 10.06 9.52 -0.48
C SER A 78 9.82 9.69 -1.99
N CYS A 79 8.95 8.90 -2.59
CA CYS A 79 8.59 8.92 -3.99
C CYS A 79 7.31 9.73 -4.25
N GLN A 80 6.77 10.45 -3.25
CA GLN A 80 5.57 11.29 -3.44
C GLN A 80 5.64 12.03 -4.78
N LYS A 81 4.79 11.61 -5.70
CA LYS A 81 4.69 12.18 -7.02
C LYS A 81 3.22 12.38 -7.35
N PRO A 82 2.71 13.62 -7.29
CA PRO A 82 1.32 13.93 -7.62
C PRO A 82 1.13 13.78 -9.14
N ASP A 83 -0.10 13.96 -9.64
CA ASP A 83 -0.42 13.84 -11.08
C ASP A 83 0.22 12.58 -11.64
N THR A 84 -0.31 11.44 -11.21
CA THR A 84 0.21 10.13 -11.57
C THR A 84 -0.83 9.14 -12.08
N ALA A 85 -2.13 9.35 -11.81
CA ALA A 85 -3.23 8.49 -12.22
C ALA A 85 -3.05 7.08 -11.67
N ARG A 86 -3.54 6.88 -10.44
CA ARG A 86 -3.45 5.57 -9.81
C ARG A 86 -4.40 4.62 -10.53
N VAL A 87 -4.44 3.38 -10.10
CA VAL A 87 -5.27 2.32 -10.65
C VAL A 87 -5.90 1.57 -9.47
N ASP A 88 -7.02 0.91 -9.71
CA ASP A 88 -7.79 0.13 -8.75
C ASP A 88 -7.44 -1.37 -8.86
N ILE A 89 -8.13 -2.21 -8.09
CA ILE A 89 -7.90 -3.65 -8.10
C ILE A 89 -8.32 -4.29 -9.42
N TYR A 90 -9.30 -3.73 -10.14
CA TYR A 90 -9.77 -4.24 -11.41
C TYR A 90 -8.83 -3.78 -12.54
N GLY A 91 -7.93 -2.82 -12.24
CA GLY A 91 -6.97 -2.26 -13.18
C GLY A 91 -7.48 -0.98 -13.85
N ASN A 92 -8.65 -0.46 -13.46
CA ASN A 92 -9.20 0.76 -14.03
C ASN A 92 -8.37 1.94 -13.60
N GLU A 93 -8.31 2.94 -14.46
CA GLU A 93 -7.60 4.15 -14.19
C GLU A 93 -8.46 4.95 -13.23
N VAL A 94 -7.80 5.65 -12.32
CA VAL A 94 -8.40 6.48 -11.28
C VAL A 94 -7.83 7.89 -11.38
N ASP A 95 -8.28 8.77 -10.49
CA ASP A 95 -7.88 10.17 -10.49
C ASP A 95 -6.47 10.23 -9.88
N VAL A 96 -5.90 11.42 -9.68
CA VAL A 96 -4.53 11.52 -9.19
C VAL A 96 -4.38 12.08 -7.78
N VAL A 97 -3.19 11.89 -7.23
CA VAL A 97 -2.87 12.42 -5.90
C VAL A 97 -2.57 13.90 -6.18
N THR A 98 -3.23 14.81 -5.49
CA THR A 98 -3.03 16.24 -5.65
C THR A 98 -1.64 16.65 -5.12
N PRO A 99 -1.07 17.79 -5.56
CA PRO A 99 0.25 18.24 -5.12
C PRO A 99 0.40 18.44 -3.62
N GLU A 100 -0.63 18.93 -2.92
CA GLU A 100 -0.55 19.15 -1.49
C GLU A 100 -0.59 17.82 -0.75
N GLN A 101 -1.55 16.96 -1.10
CA GLN A 101 -1.65 15.69 -0.40
C GLN A 101 -0.45 14.77 -0.68
N ALA A 102 0.14 14.85 -1.87
CA ALA A 102 1.29 14.01 -2.20
C ALA A 102 2.51 14.43 -1.37
N LYS A 103 2.85 15.73 -1.35
CA LYS A 103 4.01 16.23 -0.62
C LYS A 103 3.91 15.98 0.86
N TYR A 104 2.70 15.94 1.41
CA TYR A 104 2.43 15.71 2.82
C TYR A 104 3.10 14.42 3.31
N ALA A 105 3.31 13.45 2.40
CA ALA A 105 3.96 12.19 2.72
C ALA A 105 5.33 12.41 3.37
N TYR A 106 6.02 13.52 3.07
CA TYR A 106 7.31 13.83 3.63
C TYR A 106 7.28 13.86 5.16
N GLN A 107 6.18 14.33 5.76
CA GLN A 107 6.04 14.39 7.19
C GLN A 107 6.13 12.97 7.73
N ARG A 108 5.33 12.06 7.19
CA ARG A 108 5.31 10.66 7.58
C ARG A 108 6.71 10.05 7.45
N TYR A 109 7.49 10.45 6.45
CA TYR A 109 8.84 9.93 6.28
C TYR A 109 9.73 10.42 7.43
N GLN A 110 9.79 11.74 7.66
CA GLN A 110 10.62 12.34 8.70
C GLN A 110 10.14 11.94 10.09
N GLU A 111 8.86 11.67 10.28
CA GLU A 111 8.30 11.29 11.57
C GLU A 111 9.06 10.11 12.17
N ARG A 112 9.32 9.08 11.36
CA ARG A 112 10.02 7.89 11.81
C ARG A 112 11.46 7.74 11.34
N TYR A 113 11.76 8.16 10.11
CA TYR A 113 13.09 8.06 9.52
C TYR A 113 13.87 9.39 9.62
N GLY A 114 13.38 10.36 10.39
CA GLY A 114 14.01 11.66 10.60
C GLY A 114 13.76 12.18 12.02
N ASN A 115 14.28 13.37 12.31
CA ASN A 115 14.14 14.07 13.58
C ASN A 115 14.15 15.57 13.29
N LYS A 116 12.96 16.10 13.02
CA LYS A 116 12.64 17.49 12.70
C LYS A 116 11.41 17.81 13.56
N LYS A 117 11.13 19.09 13.85
CA LYS A 117 10.00 19.52 14.66
C LYS A 117 9.32 20.73 14.01
N SER A 118 8.08 20.99 14.39
CA SER A 118 7.33 22.14 13.92
C SER A 118 7.75 23.33 14.80
N GLN A 119 7.22 24.51 14.50
CA GLN A 119 7.45 25.75 15.21
C GLN A 119 6.08 26.22 15.75
N ASP A 120 6.03 27.41 16.30
CA ASP A 120 4.84 28.06 16.84
C ASP A 120 4.88 29.50 16.34
N LEU A 121 3.73 30.17 16.41
CA LEU A 121 3.58 31.55 15.98
C LEU A 121 4.26 32.52 16.95
N LYS A 122 4.50 33.74 16.48
CA LYS A 122 5.12 34.81 17.24
C LYS A 122 4.05 35.40 18.13
N GLY A 1 4.01 -31.64 -6.85
CA GLY A 1 2.62 -31.32 -7.24
C GLY A 1 2.62 -29.92 -7.82
N SER A 2 1.53 -29.17 -7.65
CA SER A 2 1.41 -27.80 -8.13
C SER A 2 1.44 -26.83 -6.94
N ASN A 3 1.79 -25.57 -7.20
CA ASN A 3 1.87 -24.52 -6.18
C ASN A 3 0.44 -24.23 -5.73
N GLN A 4 0.14 -24.59 -4.48
CA GLN A 4 -1.15 -24.46 -3.81
C GLN A 4 -1.00 -24.05 -2.33
N GLN A 5 0.22 -23.78 -1.87
CA GLN A 5 0.53 -23.39 -0.50
C GLN A 5 -0.06 -21.99 -0.21
N LEU A 6 -0.36 -21.68 1.05
CA LEU A 6 -0.91 -20.37 1.42
C LEU A 6 0.20 -19.35 1.72
N ASN A 7 1.47 -19.74 1.67
CA ASN A 7 2.60 -18.84 1.94
C ASN A 7 2.89 -17.89 0.78
N ALA A 8 3.94 -17.07 0.92
CA ALA A 8 4.42 -16.13 -0.09
C ALA A 8 5.94 -16.06 0.16
N THR A 9 6.52 -14.88 0.36
CA THR A 9 7.95 -14.74 0.62
C THR A 9 8.22 -15.07 2.10
N LYS A 10 8.24 -14.09 3.01
CA LYS A 10 8.49 -14.26 4.45
C LYS A 10 8.01 -12.98 5.14
N LYS A 11 7.63 -13.06 6.42
CA LYS A 11 7.09 -12.06 7.34
C LYS A 11 5.57 -12.09 7.13
N ASP A 12 4.79 -12.05 8.21
CA ASP A 12 3.34 -12.10 8.12
C ASP A 12 2.80 -10.88 7.40
N LYS A 13 3.41 -9.72 7.67
CA LYS A 13 2.98 -8.47 7.06
C LYS A 13 3.30 -8.50 5.58
N LEU A 14 4.52 -8.87 5.20
CA LEU A 14 4.87 -8.90 3.78
C LEU A 14 4.05 -9.96 3.05
N GLN A 15 3.65 -11.04 3.73
CA GLN A 15 2.85 -12.10 3.11
C GLN A 15 1.44 -11.61 2.80
N VAL A 16 0.74 -10.92 3.72
CA VAL A 16 -0.62 -10.46 3.41
C VAL A 16 -0.60 -9.43 2.26
N ILE A 17 0.46 -8.61 2.16
CA ILE A 17 0.55 -7.64 1.08
C ILE A 17 0.84 -8.41 -0.22
N ASP A 18 1.63 -9.49 -0.16
CA ASP A 18 1.92 -10.29 -1.35
C ASP A 18 0.64 -10.95 -1.84
N TRP A 19 -0.22 -11.39 -0.90
CA TRP A 19 -1.48 -12.02 -1.20
C TRP A 19 -2.35 -11.07 -2.01
N LEU A 20 -2.59 -9.84 -1.52
CA LEU A 20 -3.42 -8.88 -2.24
C LEU A 20 -2.76 -8.47 -3.57
N ILE A 21 -1.43 -8.41 -3.64
CA ILE A 21 -0.70 -8.06 -4.86
C ILE A 21 -0.97 -9.14 -5.91
N GLU A 22 -0.81 -10.41 -5.55
CA GLU A 22 -1.00 -11.57 -6.42
C GLU A 22 -2.47 -11.78 -6.80
N ASN A 23 -3.38 -11.47 -5.89
CA ASN A 23 -4.83 -11.62 -6.09
C ASN A 23 -5.34 -10.72 -7.20
N PHE A 24 -4.95 -9.44 -7.20
CA PHE A 24 -5.38 -8.48 -8.22
C PHE A 24 -4.15 -7.97 -8.98
N PRO A 25 -3.71 -8.65 -10.05
CA PRO A 25 -2.55 -8.25 -10.84
C PRO A 25 -2.84 -7.09 -11.82
N ASN A 26 -3.86 -6.23 -11.62
CA ASN A 26 -4.06 -5.17 -12.61
C ASN A 26 -3.09 -4.02 -12.41
N ALA A 27 -2.53 -3.86 -11.20
CA ALA A 27 -1.58 -2.84 -10.82
C ALA A 27 -1.16 -3.08 -9.37
N PHE A 28 0.13 -3.30 -9.12
CA PHE A 28 0.71 -3.52 -7.79
C PHE A 28 2.23 -3.68 -7.91
N PHE A 29 2.97 -3.57 -6.80
CA PHE A 29 4.44 -3.71 -6.78
C PHE A 29 4.87 -4.28 -5.42
N LYS A 30 6.00 -5.00 -5.38
CA LYS A 30 6.54 -5.62 -4.17
C LYS A 30 7.65 -4.83 -3.51
N LYS A 31 8.40 -4.02 -4.28
CA LYS A 31 9.49 -3.22 -3.72
C LYS A 31 9.14 -1.75 -3.83
N GLY A 32 9.45 -1.02 -2.76
CA GLY A 32 9.20 0.41 -2.65
C GLY A 32 9.84 1.18 -3.80
N ASN A 33 10.99 0.74 -4.30
CA ASN A 33 11.71 1.40 -5.38
C ASN A 33 10.89 1.61 -6.67
N GLN A 34 9.95 0.73 -6.97
CA GLN A 34 9.09 0.78 -8.16
C GLN A 34 7.61 0.98 -7.82
N VAL A 35 7.30 1.21 -6.55
CA VAL A 35 5.95 1.37 -6.05
C VAL A 35 5.19 2.54 -6.72
N LYS A 36 3.86 2.43 -6.76
CA LYS A 36 2.92 3.38 -7.36
C LYS A 36 1.82 3.73 -6.36
N PRO A 37 1.27 4.95 -6.33
CA PRO A 37 0.19 5.29 -5.42
C PRO A 37 -1.11 4.65 -5.96
N LEU A 38 -1.83 3.90 -5.12
CA LEU A 38 -3.08 3.23 -5.50
C LEU A 38 -4.29 4.11 -5.12
N LYS A 39 -5.48 3.76 -5.65
CA LYS A 39 -6.77 4.45 -5.40
C LYS A 39 -6.94 4.65 -3.89
N ILE A 40 -7.53 5.76 -3.47
CA ILE A 40 -7.73 6.03 -2.06
C ILE A 40 -8.52 4.90 -1.42
N GLY A 41 -8.03 4.45 -0.26
CA GLY A 41 -8.68 3.39 0.49
C GLY A 41 -8.96 2.11 -0.32
N ILE A 42 -8.11 1.78 -1.30
CA ILE A 42 -8.18 0.60 -2.19
C ILE A 42 -8.38 -0.71 -1.37
N PHE A 43 -7.95 -0.73 -0.11
CA PHE A 43 -8.10 -1.91 0.75
C PHE A 43 -9.59 -2.21 0.94
N ASP A 44 -10.45 -1.19 0.99
CA ASP A 44 -11.89 -1.32 1.19
C ASP A 44 -12.53 -2.06 0.02
N ASP A 45 -11.98 -1.88 -1.17
CA ASP A 45 -12.42 -2.52 -2.41
C ASP A 45 -11.93 -3.97 -2.50
N LEU A 46 -10.68 -4.17 -2.06
CA LEU A 46 -9.93 -5.42 -2.05
C LEU A 46 -10.32 -6.38 -0.92
N ILE A 47 -10.74 -5.86 0.22
CA ILE A 47 -11.13 -6.66 1.38
C ILE A 47 -12.27 -7.61 0.96
N ASP A 48 -13.09 -7.20 -0.03
CA ASP A 48 -14.21 -7.95 -0.56
C ASP A 48 -13.73 -9.31 -1.04
N PHE A 49 -12.54 -9.37 -1.63
CA PHE A 49 -11.96 -10.59 -2.14
C PHE A 49 -11.57 -11.52 -0.98
N TYR A 50 -11.20 -10.98 0.17
CA TYR A 50 -10.83 -11.77 1.35
C TYR A 50 -12.08 -12.51 1.87
N GLU A 51 -13.28 -11.94 1.71
CA GLU A 51 -14.53 -12.55 2.14
C GLU A 51 -14.99 -13.69 1.22
N ARG A 52 -14.33 -13.86 0.07
CA ARG A 52 -14.65 -14.92 -0.89
C ARG A 52 -13.81 -16.16 -0.60
N LEU A 53 -12.76 -16.00 0.20
CA LEU A 53 -11.85 -17.06 0.59
C LEU A 53 -12.55 -18.06 1.49
N ASP A 54 -12.32 -19.33 1.19
CA ASP A 54 -12.88 -20.47 1.92
C ASP A 54 -12.24 -20.57 3.31
N THR A 55 -11.01 -20.08 3.46
CA THR A 55 -10.28 -20.12 4.72
C THR A 55 -9.20 -19.03 4.76
N PRO A 56 -9.57 -17.75 4.93
CA PRO A 56 -8.61 -16.66 5.00
C PRO A 56 -7.73 -16.86 6.24
N PRO A 57 -6.42 -17.08 6.13
CA PRO A 57 -5.57 -17.32 7.29
C PRO A 57 -5.22 -16.06 8.10
N PHE A 58 -5.30 -14.87 7.52
CA PHE A 58 -5.00 -13.60 8.18
C PHE A 58 -6.25 -12.83 8.62
N SER A 59 -6.07 -11.86 9.53
CA SER A 59 -7.14 -11.00 10.03
C SER A 59 -7.29 -9.74 9.17
N LYS A 60 -8.41 -9.01 9.32
CA LYS A 60 -8.64 -7.78 8.58
C LYS A 60 -7.58 -6.74 8.94
N LYS A 61 -7.41 -6.48 10.25
CA LYS A 61 -6.42 -5.50 10.69
C LYS A 61 -5.03 -5.91 10.21
N SER A 62 -4.70 -7.20 10.16
CA SER A 62 -3.39 -7.65 9.70
C SER A 62 -3.20 -7.21 8.24
N LEU A 63 -4.15 -7.51 7.35
CA LEU A 63 -4.08 -7.14 5.93
C LEU A 63 -3.88 -5.63 5.80
N ARG A 64 -4.75 -4.82 6.42
CA ARG A 64 -4.63 -3.37 6.32
C ARG A 64 -3.39 -2.79 7.00
N GLU A 65 -3.01 -3.27 8.18
CA GLU A 65 -1.86 -2.77 8.91
C GLU A 65 -0.62 -2.92 8.06
N ALA A 66 -0.47 -4.08 7.44
CA ALA A 66 0.65 -4.37 6.60
C ALA A 66 0.65 -3.43 5.39
N LEU A 67 -0.48 -3.34 4.67
CA LEU A 67 -0.63 -2.50 3.47
C LEU A 67 -0.29 -1.03 3.78
N SER A 68 -0.72 -0.52 4.95
CA SER A 68 -0.46 0.85 5.39
C SER A 68 1.04 1.18 5.36
N TYR A 69 1.90 0.19 5.60
CA TYR A 69 3.34 0.33 5.61
C TYR A 69 3.90 0.51 4.20
N TYR A 70 3.41 -0.24 3.19
CA TYR A 70 3.91 -0.10 1.82
C TYR A 70 3.71 1.34 1.36
N SER A 71 2.53 1.88 1.61
CA SER A 71 2.23 3.26 1.23
C SER A 71 2.88 4.32 2.14
N ALA A 72 3.61 3.89 3.16
CA ALA A 72 4.35 4.71 4.11
C ALA A 72 5.84 4.34 4.00
N SER A 73 6.23 3.58 2.96
CA SER A 73 7.62 3.17 2.78
C SER A 73 8.49 4.38 2.42
N PRO A 74 9.82 4.35 2.63
CA PRO A 74 10.66 5.50 2.31
C PRO A 74 10.62 5.78 0.81
N ALA A 75 10.78 4.75 -0.02
CA ALA A 75 10.79 4.89 -1.45
C ALA A 75 9.44 5.38 -1.99
N TYR A 76 8.30 4.98 -1.41
CA TYR A 76 6.98 5.43 -1.86
C TYR A 76 6.88 6.93 -1.68
N LEU A 77 7.18 7.40 -0.46
CA LEU A 77 7.11 8.81 -0.13
C LEU A 77 8.10 9.58 -0.97
N SER A 78 9.33 9.06 -1.08
CA SER A 78 10.38 9.66 -1.87
C SER A 78 10.01 9.69 -3.37
N CYS A 79 9.02 8.92 -3.81
CA CYS A 79 8.54 8.84 -5.19
C CYS A 79 7.46 9.91 -5.47
N GLN A 80 7.17 10.79 -4.51
CA GLN A 80 6.20 11.90 -4.55
C GLN A 80 6.14 12.59 -5.93
N LYS A 81 5.24 12.15 -6.80
CA LYS A 81 5.05 12.68 -8.14
C LYS A 81 3.56 12.91 -8.42
N PRO A 82 3.08 14.16 -8.51
CA PRO A 82 1.68 14.43 -8.80
C PRO A 82 1.40 14.12 -10.28
N ASP A 83 0.13 14.23 -10.68
CA ASP A 83 -0.34 14.01 -12.07
C ASP A 83 -0.11 12.58 -12.61
N THR A 84 0.31 11.66 -11.75
CA THR A 84 0.64 10.27 -12.05
C THR A 84 -0.53 9.33 -12.38
N ALA A 85 -1.79 9.71 -12.06
CA ALA A 85 -3.01 8.93 -12.32
C ALA A 85 -2.99 7.57 -11.63
N ARG A 86 -3.56 7.50 -10.42
CA ARG A 86 -3.62 6.26 -9.67
C ARG A 86 -4.60 5.30 -10.37
N VAL A 87 -4.66 4.06 -9.92
CA VAL A 87 -5.52 3.00 -10.42
C VAL A 87 -6.01 2.18 -9.23
N ASP A 88 -7.15 1.52 -9.41
CA ASP A 88 -7.79 0.65 -8.40
C ASP A 88 -7.40 -0.81 -8.69
N ILE A 89 -7.83 -1.78 -7.88
CA ILE A 89 -7.50 -3.20 -8.06
C ILE A 89 -8.01 -3.76 -9.40
N TYR A 90 -9.07 -3.17 -9.95
CA TYR A 90 -9.68 -3.56 -11.21
C TYR A 90 -8.95 -2.90 -12.39
N GLY A 91 -7.89 -2.13 -12.14
CA GLY A 91 -7.12 -1.44 -13.15
C GLY A 91 -7.82 -0.17 -13.64
N ASN A 92 -9.03 0.12 -13.15
CA ASN A 92 -9.80 1.29 -13.51
C ASN A 92 -8.99 2.50 -13.05
N GLU A 93 -8.70 3.40 -13.98
CA GLU A 93 -7.96 4.62 -13.76
C GLU A 93 -8.79 5.56 -12.92
N VAL A 94 -8.10 6.33 -12.11
CA VAL A 94 -8.63 7.33 -11.21
C VAL A 94 -7.90 8.63 -11.49
N ASP A 95 -8.27 9.66 -10.75
CA ASP A 95 -7.73 10.98 -10.90
C ASP A 95 -6.34 11.00 -10.23
N VAL A 96 -5.71 12.17 -10.15
CA VAL A 96 -4.35 12.27 -9.65
C VAL A 96 -4.19 12.97 -8.32
N VAL A 97 -2.98 12.82 -7.78
CA VAL A 97 -2.58 13.45 -6.54
C VAL A 97 -2.21 14.88 -6.94
N THR A 98 -2.78 15.87 -6.24
CA THR A 98 -2.50 17.28 -6.48
C THR A 98 -1.05 17.58 -6.09
N PRO A 99 -0.40 18.62 -6.65
CA PRO A 99 0.98 18.93 -6.31
C PRO A 99 1.19 19.18 -4.81
N GLU A 100 0.22 19.77 -4.10
CA GLU A 100 0.33 20.03 -2.67
C GLU A 100 0.33 18.72 -1.88
N GLN A 101 -0.57 17.80 -2.25
CA GLN A 101 -0.70 16.50 -1.58
C GLN A 101 0.43 15.54 -1.95
N ALA A 102 1.01 15.65 -3.15
CA ALA A 102 2.09 14.76 -3.55
C ALA A 102 3.35 15.06 -2.72
N LYS A 103 3.76 16.33 -2.65
CA LYS A 103 4.93 16.78 -1.90
C LYS A 103 4.77 16.50 -0.42
N TYR A 104 3.53 16.49 0.09
CA TYR A 104 3.18 16.27 1.49
C TYR A 104 3.78 14.97 2.01
N ALA A 105 4.00 14.00 1.12
CA ALA A 105 4.58 12.71 1.47
C ALA A 105 5.93 12.86 2.19
N TYR A 106 6.68 13.94 1.91
CA TYR A 106 7.97 14.20 2.53
C TYR A 106 7.87 14.30 4.05
N GLN A 107 6.72 14.76 4.58
CA GLN A 107 6.50 14.90 6.02
C GLN A 107 6.53 13.51 6.66
N ARG A 108 5.90 12.54 6.00
CA ARG A 108 5.83 11.15 6.47
C ARG A 108 7.20 10.49 6.30
N TYR A 109 8.01 10.91 5.31
CA TYR A 109 9.33 10.34 5.12
C TYR A 109 10.21 10.78 6.28
N GLN A 110 10.28 12.09 6.54
CA GLN A 110 11.08 12.66 7.61
C GLN A 110 10.65 12.16 8.99
N GLU A 111 9.38 11.82 9.15
CA GLU A 111 8.84 11.32 10.41
C GLU A 111 9.67 10.14 10.92
N ARG A 112 10.02 9.20 10.03
CA ARG A 112 10.81 8.02 10.37
C ARG A 112 12.26 8.09 9.89
N TYR A 113 12.44 8.45 8.64
CA TYR A 113 13.70 8.57 7.90
C TYR A 113 14.28 9.99 7.98
N GLY A 114 13.95 10.73 9.03
CA GLY A 114 14.38 12.09 9.29
C GLY A 114 14.31 12.36 10.78
N ASN A 115 14.29 13.64 11.18
CA ASN A 115 14.21 14.03 12.58
C ASN A 115 13.42 15.34 12.72
N LYS A 116 12.75 15.52 13.85
CA LYS A 116 11.92 16.69 14.18
C LYS A 116 12.43 17.41 15.44
N LYS A 117 11.78 18.52 15.77
CA LYS A 117 12.05 19.37 16.92
C LYS A 117 10.79 19.39 17.79
N SER A 118 10.62 20.41 18.62
CA SER A 118 9.47 20.63 19.47
C SER A 118 8.42 21.47 18.73
N GLN A 119 7.16 21.40 19.16
CA GLN A 119 6.05 22.15 18.60
C GLN A 119 5.19 22.60 19.77
N ASP A 120 4.57 23.75 19.65
CA ASP A 120 3.72 24.39 20.64
C ASP A 120 2.65 25.23 19.96
N LEU A 121 1.66 25.64 20.74
CA LEU A 121 0.53 26.46 20.37
C LEU A 121 -0.01 27.12 21.64
N LYS A 122 -0.91 28.11 21.45
CA LYS A 122 -1.57 28.82 22.53
C LYS A 122 -2.51 27.86 23.22
N GLY A 1 12.53 -21.48 -10.15
CA GLY A 1 12.15 -20.71 -8.96
C GLY A 1 11.11 -21.48 -8.18
N SER A 2 10.95 -21.14 -6.90
CA SER A 2 10.00 -21.77 -6.00
C SER A 2 9.59 -20.78 -4.93
N ASN A 3 8.48 -21.06 -4.24
CA ASN A 3 7.98 -20.21 -3.17
C ASN A 3 8.70 -20.64 -1.90
N GLN A 4 8.42 -21.86 -1.42
CA GLN A 4 8.99 -22.47 -0.21
C GLN A 4 8.65 -21.69 1.08
N GLN A 5 7.86 -20.62 0.95
CA GLN A 5 7.38 -19.73 1.97
C GLN A 5 5.85 -19.85 1.95
N LEU A 6 5.18 -19.16 2.88
CA LEU A 6 3.74 -19.23 3.00
C LEU A 6 3.02 -18.11 2.25
N ASN A 7 3.68 -17.01 1.92
CA ASN A 7 3.19 -15.84 1.19
C ASN A 7 4.39 -14.91 1.11
N ALA A 8 4.48 -13.96 2.07
CA ALA A 8 5.53 -12.96 2.13
C ALA A 8 6.94 -13.51 2.37
N THR A 9 7.39 -13.55 3.62
CA THR A 9 8.72 -14.02 3.99
C THR A 9 8.75 -14.42 5.46
N LYS A 10 8.69 -13.42 6.36
CA LYS A 10 8.71 -13.63 7.82
C LYS A 10 7.78 -12.72 8.61
N LYS A 11 7.39 -11.57 8.04
CA LYS A 11 6.56 -10.61 8.76
C LYS A 11 5.09 -10.81 8.44
N ASP A 12 4.29 -10.81 9.50
CA ASP A 12 2.85 -10.96 9.50
C ASP A 12 2.24 -9.74 8.80
N LYS A 13 2.86 -8.58 8.95
CA LYS A 13 2.45 -7.33 8.33
C LYS A 13 2.66 -7.44 6.82
N LEU A 14 3.76 -8.02 6.35
CA LEU A 14 4.00 -8.15 4.92
C LEU A 14 3.12 -9.24 4.33
N GLN A 15 2.70 -10.23 5.12
CA GLN A 15 1.87 -11.35 4.67
C GLN A 15 0.57 -10.88 4.02
N VAL A 16 -0.16 -9.98 4.68
CA VAL A 16 -1.41 -9.48 4.14
C VAL A 16 -1.20 -8.66 2.85
N ILE A 17 -0.12 -7.88 2.75
CA ILE A 17 0.17 -7.08 1.57
C ILE A 17 0.59 -7.99 0.41
N ASP A 18 1.36 -9.03 0.70
CA ASP A 18 1.84 -9.98 -0.29
C ASP A 18 0.66 -10.77 -0.88
N TRP A 19 -0.32 -11.10 -0.04
CA TRP A 19 -1.52 -11.83 -0.40
C TRP A 19 -2.38 -11.01 -1.37
N LEU A 20 -2.74 -9.77 -0.99
CA LEU A 20 -3.55 -8.92 -1.86
C LEU A 20 -2.86 -8.65 -3.21
N ILE A 21 -1.53 -8.54 -3.25
CA ILE A 21 -0.80 -8.31 -4.49
C ILE A 21 -0.93 -9.54 -5.40
N GLU A 22 -0.84 -10.75 -4.84
CA GLU A 22 -0.93 -11.99 -5.59
C GLU A 22 -2.38 -12.32 -6.01
N ASN A 23 -3.36 -11.79 -5.27
CA ASN A 23 -4.78 -11.98 -5.52
C ASN A 23 -5.23 -11.17 -6.74
N PHE A 24 -4.75 -9.93 -6.90
CA PHE A 24 -5.10 -9.06 -8.01
C PHE A 24 -3.87 -8.65 -8.83
N PRO A 25 -3.37 -9.52 -9.71
CA PRO A 25 -2.21 -9.23 -10.55
C PRO A 25 -2.60 -8.29 -11.73
N ASN A 26 -3.67 -7.49 -11.62
CA ASN A 26 -4.10 -6.56 -12.68
C ASN A 26 -3.39 -5.22 -12.52
N ALA A 27 -2.87 -4.93 -11.32
CA ALA A 27 -2.10 -3.74 -10.96
C ALA A 27 -1.73 -3.86 -9.49
N PHE A 28 -0.44 -3.90 -9.18
CA PHE A 28 0.14 -3.95 -7.85
C PHE A 28 1.67 -3.98 -7.94
N PHE A 29 2.40 -3.70 -6.86
CA PHE A 29 3.87 -3.74 -6.85
C PHE A 29 4.33 -4.21 -5.48
N LYS A 30 5.53 -4.79 -5.44
CA LYS A 30 6.13 -5.35 -4.24
C LYS A 30 7.41 -4.66 -3.80
N LYS A 31 8.33 -4.45 -4.73
CA LYS A 31 9.65 -3.87 -4.49
C LYS A 31 9.72 -2.48 -3.85
N GLY A 32 8.62 -1.72 -3.69
CA GLY A 32 8.64 -0.40 -3.07
C GLY A 32 9.15 0.69 -4.03
N ASN A 33 10.34 0.51 -4.58
CA ASN A 33 11.03 1.42 -5.49
C ASN A 33 10.25 1.74 -6.76
N GLN A 34 9.31 0.87 -7.14
CA GLN A 34 8.47 1.00 -8.33
C GLN A 34 6.98 1.17 -8.00
N VAL A 35 6.59 1.23 -6.72
CA VAL A 35 5.15 1.38 -6.39
C VAL A 35 4.48 2.59 -7.07
N LYS A 36 3.18 2.46 -7.39
CA LYS A 36 2.36 3.49 -8.05
C LYS A 36 1.18 3.85 -7.15
N PRO A 37 0.55 5.02 -7.31
CA PRO A 37 -0.60 5.42 -6.49
C PRO A 37 -1.85 4.64 -6.93
N LEU A 38 -2.37 3.75 -6.06
CA LEU A 38 -3.58 2.98 -6.35
C LEU A 38 -4.80 3.89 -6.07
N LYS A 39 -5.99 3.49 -6.53
CA LYS A 39 -7.27 4.20 -6.39
C LYS A 39 -7.52 4.63 -4.94
N ILE A 40 -8.26 5.74 -4.80
CA ILE A 40 -8.61 6.30 -3.51
C ILE A 40 -9.47 5.25 -2.80
N GLY A 41 -9.05 4.87 -1.60
CA GLY A 41 -9.77 3.90 -0.79
C GLY A 41 -9.87 2.50 -1.43
N ILE A 42 -8.92 2.11 -2.29
CA ILE A 42 -8.88 0.81 -2.99
C ILE A 42 -9.05 -0.37 -2.02
N PHE A 43 -8.56 -0.25 -0.78
CA PHE A 43 -8.69 -1.32 0.21
C PHE A 43 -10.15 -1.72 0.38
N ASP A 44 -11.05 -0.75 0.35
CA ASP A 44 -12.48 -0.99 0.54
C ASP A 44 -13.08 -1.86 -0.56
N ASP A 45 -12.53 -1.80 -1.77
CA ASP A 45 -12.93 -2.60 -2.93
C ASP A 45 -12.30 -4.00 -2.83
N LEU A 46 -11.01 -4.02 -2.51
CA LEU A 46 -10.08 -5.13 -2.36
C LEU A 46 -10.52 -6.10 -1.28
N ILE A 47 -10.87 -5.58 -0.11
CA ILE A 47 -11.26 -6.36 1.04
C ILE A 47 -12.43 -7.30 0.74
N ASP A 48 -13.29 -6.95 -0.22
CA ASP A 48 -14.45 -7.77 -0.55
C ASP A 48 -14.02 -9.20 -0.92
N PHE A 49 -12.94 -9.28 -1.69
CA PHE A 49 -12.34 -10.52 -2.16
C PHE A 49 -11.84 -11.37 -0.97
N TYR A 50 -11.39 -10.73 0.12
CA TYR A 50 -10.93 -11.38 1.34
C TYR A 50 -12.12 -11.97 2.10
N GLU A 51 -13.30 -11.33 2.03
CA GLU A 51 -14.48 -11.84 2.75
C GLU A 51 -15.05 -13.06 2.02
N ARG A 52 -14.58 -13.30 0.79
CA ARG A 52 -14.95 -14.44 -0.04
C ARG A 52 -14.21 -15.69 0.47
N LEU A 53 -13.14 -15.53 1.26
CA LEU A 53 -12.40 -16.65 1.80
C LEU A 53 -13.26 -17.28 2.88
N ASP A 54 -13.43 -18.59 2.81
CA ASP A 54 -14.21 -19.32 3.80
C ASP A 54 -13.34 -19.54 5.05
N THR A 55 -12.03 -19.44 4.87
CA THR A 55 -11.01 -19.60 5.89
C THR A 55 -10.05 -18.42 5.82
N PRO A 56 -10.50 -17.21 6.22
CA PRO A 56 -9.67 -16.02 6.19
C PRO A 56 -8.50 -16.17 7.19
N PRO A 57 -7.24 -15.99 6.74
CA PRO A 57 -6.08 -16.12 7.62
C PRO A 57 -5.97 -14.95 8.60
N PHE A 58 -5.91 -13.71 8.11
CA PHE A 58 -5.80 -12.49 8.89
C PHE A 58 -7.14 -11.75 9.04
N SER A 59 -7.16 -10.69 9.84
CA SER A 59 -8.28 -9.81 10.08
C SER A 59 -8.22 -8.63 9.10
N LYS A 60 -9.34 -8.24 8.47
CA LYS A 60 -9.39 -7.12 7.52
C LYS A 60 -8.85 -5.82 8.13
N LYS A 61 -9.11 -5.59 9.41
CA LYS A 61 -8.62 -4.40 10.10
C LYS A 61 -7.09 -4.35 9.99
N SER A 62 -6.41 -5.48 10.18
CA SER A 62 -4.96 -5.61 10.09
C SER A 62 -4.49 -5.42 8.65
N LEU A 63 -5.18 -6.00 7.66
CA LEU A 63 -4.86 -5.88 6.23
C LEU A 63 -4.77 -4.40 5.86
N ARG A 64 -5.78 -3.61 6.25
CA ARG A 64 -5.84 -2.17 6.00
C ARG A 64 -4.66 -1.42 6.65
N GLU A 65 -4.27 -1.80 7.86
CA GLU A 65 -3.19 -1.15 8.56
C GLU A 65 -1.83 -1.43 7.92
N ALA A 66 -1.53 -2.69 7.60
CA ALA A 66 -0.25 -3.04 7.01
C ALA A 66 -0.06 -2.34 5.65
N LEU A 67 -1.12 -2.25 4.83
CA LEU A 67 -1.11 -1.58 3.53
C LEU A 67 -0.70 -0.12 3.68
N SER A 68 -0.96 0.48 4.86
CA SER A 68 -0.60 1.87 5.12
C SER A 68 0.92 2.03 5.21
N TYR A 69 1.66 1.02 5.69
CA TYR A 69 3.11 1.11 5.79
C TYR A 69 3.70 1.22 4.39
N TYR A 70 3.25 0.38 3.45
CA TYR A 70 3.72 0.41 2.06
C TYR A 70 3.37 1.76 1.45
N SER A 71 2.15 2.25 1.72
CA SER A 71 1.68 3.54 1.22
C SER A 71 2.40 4.72 1.90
N ALA A 72 3.29 4.46 2.87
CA ALA A 72 4.10 5.39 3.62
C ALA A 72 5.58 5.05 3.37
N SER A 73 5.88 4.20 2.37
CA SER A 73 7.25 3.82 2.06
C SER A 73 8.00 5.07 1.57
N PRO A 74 9.34 5.11 1.68
CA PRO A 74 10.08 6.28 1.25
C PRO A 74 9.90 6.48 -0.24
N ALA A 75 10.09 5.43 -1.03
CA ALA A 75 9.98 5.49 -2.47
C ALA A 75 8.60 5.95 -2.96
N TYR A 76 7.50 5.52 -2.30
CA TYR A 76 6.16 5.93 -2.72
C TYR A 76 6.06 7.45 -2.68
N LEU A 77 6.40 8.03 -1.53
CA LEU A 77 6.31 9.45 -1.30
C LEU A 77 7.34 10.22 -2.11
N SER A 78 8.60 9.79 -2.11
CA SER A 78 9.68 10.45 -2.84
C SER A 78 9.44 10.51 -4.36
N CYS A 79 8.65 9.60 -4.94
CA CYS A 79 8.40 9.63 -6.37
C CYS A 79 7.24 10.57 -6.73
N GLN A 80 6.57 11.18 -5.75
CA GLN A 80 5.45 12.13 -5.82
C GLN A 80 5.30 12.83 -7.17
N LYS A 81 4.45 12.28 -8.04
CA LYS A 81 4.19 12.82 -9.37
C LYS A 81 2.68 12.87 -9.65
N PRO A 82 2.10 14.07 -9.81
CA PRO A 82 0.68 14.28 -10.11
C PRO A 82 0.38 13.85 -11.56
N ASP A 83 -0.88 13.99 -12.02
CA ASP A 83 -1.38 13.61 -13.35
C ASP A 83 -0.67 12.33 -13.82
N THR A 84 -1.00 11.23 -13.15
CA THR A 84 -0.40 9.93 -13.42
C THR A 84 -1.42 8.78 -13.56
N ALA A 85 -2.70 9.03 -13.30
CA ALA A 85 -3.83 8.08 -13.39
C ALA A 85 -3.69 6.89 -12.45
N ARG A 86 -4.45 6.93 -11.35
CA ARG A 86 -4.45 5.84 -10.39
C ARG A 86 -5.27 4.69 -11.02
N VAL A 87 -5.16 3.48 -10.47
CA VAL A 87 -5.90 2.30 -10.95
C VAL A 87 -6.41 1.52 -9.75
N ASP A 88 -7.46 0.72 -9.94
CA ASP A 88 -8.12 -0.10 -8.95
C ASP A 88 -7.63 -1.55 -8.99
N ILE A 89 -8.17 -2.44 -8.16
CA ILE A 89 -7.83 -3.86 -8.10
C ILE A 89 -8.05 -4.48 -9.47
N TYR A 90 -9.08 -4.06 -10.20
CA TYR A 90 -9.41 -4.59 -11.52
C TYR A 90 -8.60 -3.86 -12.61
N GLY A 91 -7.73 -2.93 -12.23
CA GLY A 91 -6.94 -2.16 -13.16
C GLY A 91 -7.77 -1.03 -13.80
N ASN A 92 -8.98 -0.76 -13.29
CA ASN A 92 -9.88 0.29 -13.81
C ASN A 92 -9.15 1.61 -13.79
N GLU A 93 -9.21 2.35 -14.90
CA GLU A 93 -8.58 3.65 -15.00
C GLU A 93 -9.40 4.63 -14.18
N VAL A 94 -8.81 5.21 -13.15
CA VAL A 94 -9.45 6.17 -12.26
C VAL A 94 -8.76 7.54 -12.51
N ASP A 95 -9.19 8.59 -11.80
CA ASP A 95 -8.65 9.93 -12.06
C ASP A 95 -7.25 10.05 -11.44
N VAL A 96 -6.65 11.23 -11.47
CA VAL A 96 -5.29 11.44 -11.02
C VAL A 96 -5.13 12.24 -9.74
N VAL A 97 -3.91 12.19 -9.21
CA VAL A 97 -3.55 12.91 -7.99
C VAL A 97 -3.26 14.36 -8.41
N THR A 98 -3.86 15.33 -7.74
CA THR A 98 -3.64 16.74 -8.05
C THR A 98 -2.19 17.14 -7.69
N PRO A 99 -1.65 18.25 -8.23
CA PRO A 99 -0.29 18.69 -7.96
C PRO A 99 0.02 18.94 -6.48
N GLU A 100 -0.89 19.54 -5.72
CA GLU A 100 -0.65 19.80 -4.32
C GLU A 100 -0.72 18.49 -3.52
N GLN A 101 -1.73 17.66 -3.76
CA GLN A 101 -1.86 16.41 -3.03
C GLN A 101 -0.67 15.48 -3.35
N ALA A 102 -0.12 15.56 -4.58
CA ALA A 102 1.02 14.73 -4.94
C ALA A 102 2.25 15.15 -4.14
N LYS A 103 2.59 16.45 -4.10
CA LYS A 103 3.77 16.95 -3.37
C LYS A 103 3.59 16.81 -1.86
N TYR A 104 2.36 16.88 -1.37
CA TYR A 104 2.00 16.77 0.04
C TYR A 104 2.56 15.47 0.63
N ALA A 105 2.78 14.43 -0.17
CA ALA A 105 3.34 13.16 0.28
C ALA A 105 4.67 13.39 1.01
N TYR A 106 5.42 14.43 0.64
CA TYR A 106 6.70 14.77 1.26
C TYR A 106 6.62 14.97 2.77
N GLN A 107 5.44 15.39 3.29
CA GLN A 107 5.20 15.62 4.71
C GLN A 107 5.41 14.31 5.45
N ARG A 108 4.78 13.25 4.94
CA ARG A 108 4.84 11.90 5.48
C ARG A 108 6.26 11.35 5.42
N TYR A 109 7.04 11.73 4.39
CA TYR A 109 8.40 11.28 4.23
C TYR A 109 9.29 11.97 5.26
N GLN A 110 9.24 13.29 5.35
CA GLN A 110 10.07 14.05 6.30
C GLN A 110 9.73 13.69 7.75
N GLU A 111 8.47 13.29 8.02
CA GLU A 111 8.01 12.93 9.36
C GLU A 111 8.93 11.87 9.96
N ARG A 112 9.29 10.83 9.20
CA ARG A 112 10.17 9.76 9.66
C ARG A 112 11.58 9.81 9.10
N TYR A 113 11.68 10.01 7.78
CA TYR A 113 12.89 10.07 7.00
C TYR A 113 13.44 11.51 6.87
N GLY A 114 13.13 12.40 7.80
CA GLY A 114 13.56 13.79 7.87
C GLY A 114 13.61 14.22 9.33
N ASN A 115 13.76 15.53 9.57
CA ASN A 115 13.82 16.07 10.93
C ASN A 115 12.46 15.89 11.59
N LYS A 116 12.44 15.38 12.82
CA LYS A 116 11.21 15.16 13.59
C LYS A 116 10.67 16.49 14.16
N LYS A 117 9.81 16.43 15.18
CA LYS A 117 9.22 17.59 15.84
C LYS A 117 9.86 17.74 17.22
N SER A 118 9.92 18.95 17.77
CA SER A 118 10.50 19.23 19.09
C SER A 118 9.48 18.84 20.18
N GLN A 119 9.02 17.59 20.20
CA GLN A 119 8.04 17.12 21.17
C GLN A 119 8.29 15.67 21.58
N ASP A 120 8.84 15.48 22.77
CA ASP A 120 9.12 14.18 23.38
C ASP A 120 9.30 14.43 24.87
N LEU A 121 8.78 13.49 25.65
CA LEU A 121 8.82 13.43 27.09
C LEU A 121 8.42 12.00 27.40
N LYS A 122 9.16 11.32 28.28
CA LYS A 122 8.86 9.95 28.65
C LYS A 122 7.59 9.98 29.47
N GLY A 1 12.02 -24.85 -7.91
CA GLY A 1 11.38 -24.50 -9.17
C GLY A 1 10.12 -25.31 -9.34
N SER A 2 8.97 -24.64 -9.33
CA SER A 2 7.63 -25.18 -9.48
C SER A 2 6.73 -23.94 -9.56
N ASN A 3 6.03 -23.78 -10.68
CA ASN A 3 5.15 -22.62 -10.85
C ASN A 3 3.82 -22.94 -10.19
N GLN A 4 3.72 -22.58 -8.91
CA GLN A 4 2.58 -22.75 -8.04
C GLN A 4 2.54 -21.57 -7.06
N GLN A 5 1.43 -21.49 -6.34
CA GLN A 5 1.17 -20.51 -5.30
C GLN A 5 2.28 -20.65 -4.26
N LEU A 6 2.59 -19.59 -3.50
CA LEU A 6 3.65 -19.65 -2.49
C LEU A 6 3.42 -18.57 -1.44
N ASN A 7 2.47 -18.80 -0.52
CA ASN A 7 2.18 -17.83 0.53
C ASN A 7 3.37 -17.73 1.49
N ALA A 8 3.48 -16.61 2.19
CA ALA A 8 4.55 -16.36 3.13
C ALA A 8 4.43 -17.29 4.33
N THR A 9 5.55 -17.78 4.85
CA THR A 9 5.59 -18.67 6.02
C THR A 9 5.81 -17.86 7.30
N LYS A 10 6.43 -16.69 7.20
CA LYS A 10 6.73 -15.75 8.28
C LYS A 10 6.28 -14.36 7.83
N LYS A 11 6.60 -13.32 8.62
CA LYS A 11 6.26 -11.92 8.35
C LYS A 11 4.77 -11.78 8.09
N ASP A 12 3.97 -11.75 9.15
CA ASP A 12 2.51 -11.62 9.08
C ASP A 12 2.11 -10.34 8.35
N LYS A 13 2.96 -9.33 8.42
CA LYS A 13 2.78 -8.03 7.79
C LYS A 13 2.98 -8.18 6.30
N LEU A 14 4.09 -8.78 5.88
CA LEU A 14 4.35 -8.94 4.45
C LEU A 14 3.43 -9.99 3.85
N GLN A 15 2.98 -10.98 4.63
CA GLN A 15 2.10 -12.05 4.18
C GLN A 15 0.80 -11.50 3.63
N VAL A 16 0.14 -10.59 4.34
CA VAL A 16 -1.11 -10.03 3.86
C VAL A 16 -0.88 -9.15 2.62
N ILE A 17 0.24 -8.42 2.56
CA ILE A 17 0.55 -7.54 1.42
C ILE A 17 0.87 -8.40 0.19
N ASP A 18 1.64 -9.47 0.34
CA ASP A 18 2.01 -10.37 -0.77
C ASP A 18 0.76 -11.09 -1.28
N TRP A 19 -0.17 -11.41 -0.37
CA TRP A 19 -1.39 -12.11 -0.75
C TRP A 19 -2.26 -11.24 -1.63
N LEU A 20 -2.61 -10.03 -1.17
CA LEU A 20 -3.45 -9.10 -1.95
C LEU A 20 -2.77 -8.76 -3.28
N ILE A 21 -1.43 -8.69 -3.32
CA ILE A 21 -0.69 -8.39 -4.53
C ILE A 21 -0.93 -9.49 -5.57
N GLU A 22 -0.76 -10.76 -5.21
CA GLU A 22 -0.95 -11.84 -6.17
C GLU A 22 -2.42 -12.10 -6.51
N ASN A 23 -3.35 -11.80 -5.59
CA ASN A 23 -4.79 -12.01 -5.82
C ASN A 23 -5.32 -11.14 -6.95
N PHE A 24 -4.77 -9.95 -7.16
CA PHE A 24 -5.21 -9.03 -8.20
C PHE A 24 -4.03 -8.76 -9.14
N PRO A 25 -3.73 -9.66 -10.09
CA PRO A 25 -2.63 -9.52 -11.04
C PRO A 25 -2.97 -8.53 -12.18
N ASN A 26 -3.50 -7.36 -11.85
CA ASN A 26 -3.85 -6.32 -12.83
C ASN A 26 -3.06 -5.04 -12.58
N ALA A 27 -2.53 -4.86 -11.37
CA ALA A 27 -1.72 -3.73 -10.93
C ALA A 27 -1.27 -3.94 -9.49
N PHE A 28 0.04 -4.02 -9.24
CA PHE A 28 0.64 -4.15 -7.91
C PHE A 28 2.17 -4.19 -8.02
N PHE A 29 2.86 -4.06 -6.88
CA PHE A 29 4.31 -4.07 -6.78
C PHE A 29 4.69 -4.54 -5.37
N LYS A 30 5.86 -5.17 -5.24
CA LYS A 30 6.38 -5.73 -3.98
C LYS A 30 7.66 -5.01 -3.56
N LYS A 31 8.58 -4.80 -4.51
CA LYS A 31 9.89 -4.18 -4.36
C LYS A 31 9.99 -2.78 -3.75
N GLY A 32 8.93 -2.14 -3.24
CA GLY A 32 8.99 -0.82 -2.62
C GLY A 32 9.27 0.32 -3.61
N ASN A 33 10.48 0.42 -4.14
CA ASN A 33 10.96 1.44 -5.07
C ASN A 33 10.30 1.47 -6.44
N GLN A 34 9.42 0.51 -6.73
CA GLN A 34 8.68 0.45 -7.98
C GLN A 34 7.20 0.63 -7.69
N VAL A 35 6.80 0.77 -6.41
CA VAL A 35 5.38 0.97 -6.10
C VAL A 35 4.81 2.22 -6.79
N LYS A 36 3.50 2.24 -7.05
CA LYS A 36 2.74 3.33 -7.68
C LYS A 36 1.49 3.55 -6.82
N PRO A 37 0.82 4.72 -6.87
CA PRO A 37 -0.37 4.93 -6.08
C PRO A 37 -1.54 4.10 -6.61
N LEU A 38 -2.27 3.46 -5.69
CA LEU A 38 -3.43 2.60 -5.96
C LEU A 38 -4.72 3.41 -5.81
N LYS A 39 -5.84 2.86 -6.26
CA LYS A 39 -7.17 3.47 -6.17
C LYS A 39 -7.48 3.89 -4.74
N ILE A 40 -8.35 4.89 -4.61
CA ILE A 40 -8.81 5.42 -3.34
C ILE A 40 -9.36 4.27 -2.49
N GLY A 41 -8.86 4.14 -1.27
CA GLY A 41 -9.31 3.12 -0.33
C GLY A 41 -9.28 1.69 -0.89
N ILE A 42 -8.31 1.31 -1.74
CA ILE A 42 -8.21 -0.01 -2.38
C ILE A 42 -8.35 -1.20 -1.43
N PHE A 43 -7.96 -1.07 -0.16
CA PHE A 43 -8.10 -2.15 0.80
C PHE A 43 -9.57 -2.55 0.93
N ASP A 44 -10.49 -1.58 0.84
CA ASP A 44 -11.93 -1.75 0.96
C ASP A 44 -12.48 -2.60 -0.18
N ASP A 45 -11.85 -2.53 -1.35
CA ASP A 45 -12.23 -3.31 -2.52
C ASP A 45 -11.71 -4.74 -2.38
N LEU A 46 -10.46 -4.87 -1.93
CA LEU A 46 -9.73 -6.10 -1.69
C LEU A 46 -10.44 -6.92 -0.62
N ILE A 47 -10.96 -6.26 0.42
CA ILE A 47 -11.63 -6.92 1.53
C ILE A 47 -12.78 -7.78 0.98
N ASP A 48 -13.44 -7.34 -0.10
CA ASP A 48 -14.56 -8.11 -0.67
C ASP A 48 -14.08 -9.47 -1.15
N PHE A 49 -12.88 -9.53 -1.74
CA PHE A 49 -12.27 -10.76 -2.24
C PHE A 49 -11.73 -11.56 -1.05
N TYR A 50 -11.11 -10.90 -0.07
CA TYR A 50 -10.54 -11.52 1.11
C TYR A 50 -11.61 -12.31 1.87
N GLU A 51 -12.86 -11.83 1.89
CA GLU A 51 -13.95 -12.51 2.58
C GLU A 51 -14.44 -13.75 1.79
N ARG A 52 -14.02 -13.96 0.53
CA ARG A 52 -14.42 -15.12 -0.26
C ARG A 52 -13.43 -16.27 -0.05
N LEU A 53 -12.19 -16.01 0.36
CA LEU A 53 -11.16 -17.02 0.60
C LEU A 53 -11.68 -18.05 1.61
N ASP A 54 -11.41 -19.32 1.36
CA ASP A 54 -11.81 -20.46 2.20
C ASP A 54 -11.23 -20.37 3.62
N THR A 55 -10.11 -19.66 3.77
CA THR A 55 -9.44 -19.44 5.05
C THR A 55 -8.63 -18.16 4.94
N PRO A 56 -9.18 -17.01 5.37
CA PRO A 56 -8.45 -15.76 5.33
C PRO A 56 -7.45 -15.74 6.50
N PRO A 57 -6.48 -14.81 6.50
CA PRO A 57 -5.52 -14.63 7.58
C PRO A 57 -6.27 -13.88 8.70
N PHE A 58 -5.55 -13.12 9.54
CA PHE A 58 -6.17 -12.34 10.61
C PHE A 58 -7.25 -11.39 10.04
N SER A 59 -8.01 -10.76 10.93
CA SER A 59 -9.09 -9.84 10.62
C SER A 59 -8.59 -8.69 9.75
N LYS A 60 -9.55 -8.08 9.06
CA LYS A 60 -9.40 -6.95 8.14
C LYS A 60 -8.52 -5.84 8.72
N LYS A 61 -8.48 -5.67 10.04
CA LYS A 61 -7.65 -4.69 10.72
C LYS A 61 -6.18 -4.98 10.39
N SER A 62 -5.68 -6.21 10.59
CA SER A 62 -4.30 -6.58 10.27
C SER A 62 -4.06 -6.32 8.77
N LEU A 63 -5.05 -6.70 7.93
CA LEU A 63 -4.97 -6.53 6.49
C LEU A 63 -4.68 -5.06 6.16
N ARG A 64 -5.46 -4.11 6.67
CA ARG A 64 -5.25 -2.69 6.41
C ARG A 64 -4.02 -2.12 7.10
N GLU A 65 -3.73 -2.51 8.34
CA GLU A 65 -2.60 -2.04 9.12
C GLU A 65 -1.29 -2.32 8.39
N ALA A 66 -1.16 -3.52 7.82
CA ALA A 66 0.02 -3.91 7.08
C ALA A 66 0.17 -3.11 5.80
N LEU A 67 -0.90 -2.97 4.99
CA LEU A 67 -0.84 -2.20 3.73
C LEU A 67 -0.45 -0.75 4.03
N SER A 68 -0.79 -0.26 5.23
CA SER A 68 -0.50 1.07 5.71
C SER A 68 1.02 1.30 5.71
N TYR A 69 1.84 0.26 5.94
CA TYR A 69 3.29 0.41 5.92
C TYR A 69 3.75 0.59 4.47
N TYR A 70 3.21 -0.18 3.52
CA TYR A 70 3.63 -0.05 2.13
C TYR A 70 3.26 1.33 1.59
N SER A 71 2.07 1.84 1.90
CA SER A 71 1.67 3.18 1.47
C SER A 71 2.41 4.29 2.25
N ALA A 72 3.28 3.91 3.19
CA ALA A 72 4.12 4.77 4.00
C ALA A 72 5.58 4.44 3.69
N SER A 73 5.84 3.69 2.60
CA SER A 73 7.22 3.35 2.23
C SER A 73 7.97 4.65 1.94
N PRO A 74 9.28 4.73 2.16
CA PRO A 74 10.03 5.94 1.89
C PRO A 74 9.99 6.22 0.38
N ALA A 75 10.18 5.19 -0.43
CA ALA A 75 10.19 5.32 -1.87
C ALA A 75 8.83 5.74 -2.42
N TYR A 76 7.71 5.34 -1.81
CA TYR A 76 6.38 5.72 -2.29
C TYR A 76 6.19 7.22 -2.15
N LEU A 77 6.47 7.73 -0.94
CA LEU A 77 6.32 9.14 -0.63
C LEU A 77 7.31 9.95 -1.44
N SER A 78 8.57 9.52 -1.48
CA SER A 78 9.64 10.18 -2.24
C SER A 78 9.25 10.24 -3.74
N CYS A 79 8.50 9.25 -4.24
CA CYS A 79 8.04 9.16 -5.62
C CYS A 79 6.84 10.08 -5.90
N GLN A 80 6.41 10.93 -4.96
CA GLN A 80 5.31 11.89 -5.11
C GLN A 80 5.22 12.51 -6.51
N LYS A 81 4.35 11.97 -7.38
CA LYS A 81 4.18 12.45 -8.74
C LYS A 81 2.70 12.64 -9.07
N PRO A 82 2.20 13.89 -9.04
CA PRO A 82 0.82 14.16 -9.39
C PRO A 82 0.68 13.85 -10.89
N ASP A 83 -0.56 13.67 -11.35
CA ASP A 83 -0.87 13.32 -12.74
C ASP A 83 -0.12 12.04 -13.12
N THR A 84 -0.64 10.92 -12.60
CA THR A 84 -0.08 9.59 -12.80
C THR A 84 -1.16 8.54 -13.11
N ALA A 85 -2.44 8.79 -12.78
CA ALA A 85 -3.58 7.89 -13.00
C ALA A 85 -3.44 6.60 -12.21
N ARG A 86 -4.07 6.55 -11.03
CA ARG A 86 -4.01 5.34 -10.22
C ARG A 86 -4.84 4.25 -10.92
N VAL A 87 -4.80 3.04 -10.39
CA VAL A 87 -5.52 1.88 -10.89
C VAL A 87 -6.03 1.06 -9.70
N ASP A 88 -7.14 0.36 -9.91
CA ASP A 88 -7.81 -0.50 -8.94
C ASP A 88 -7.44 -1.97 -9.10
N ILE A 89 -8.02 -2.84 -8.25
CA ILE A 89 -7.76 -4.27 -8.28
C ILE A 89 -8.24 -4.93 -9.58
N TYR A 90 -9.22 -4.35 -10.26
CA TYR A 90 -9.72 -4.88 -11.52
C TYR A 90 -8.86 -4.37 -12.69
N GLY A 91 -7.94 -3.43 -12.43
CA GLY A 91 -7.05 -2.84 -13.40
C GLY A 91 -7.62 -1.61 -14.09
N ASN A 92 -8.79 -1.10 -13.66
CA ASN A 92 -9.38 0.07 -14.28
C ASN A 92 -8.60 1.30 -13.90
N GLU A 93 -8.56 2.25 -14.82
CA GLU A 93 -7.90 3.52 -14.65
C GLU A 93 -8.86 4.39 -13.86
N VAL A 94 -8.32 5.07 -12.87
CA VAL A 94 -9.00 5.98 -11.96
C VAL A 94 -8.40 7.38 -12.13
N ASP A 95 -8.87 8.36 -11.35
CA ASP A 95 -8.44 9.74 -11.51
C ASP A 95 -7.03 9.89 -10.93
N VAL A 96 -6.47 11.10 -10.94
CA VAL A 96 -5.09 11.29 -10.48
C VAL A 96 -4.98 12.07 -9.18
N VAL A 97 -3.79 11.93 -8.59
CA VAL A 97 -3.46 12.60 -7.34
C VAL A 97 -3.26 14.08 -7.65
N THR A 98 -3.84 14.97 -6.85
CA THR A 98 -3.71 16.42 -7.03
C THR A 98 -2.25 16.82 -6.76
N PRO A 99 -1.81 18.01 -7.21
CA PRO A 99 -0.44 18.45 -6.99
C PRO A 99 -0.16 18.63 -5.51
N GLU A 100 -1.14 19.11 -4.75
CA GLU A 100 -1.01 19.36 -3.33
C GLU A 100 -1.00 18.04 -2.56
N GLN A 101 -1.92 17.12 -2.82
CA GLN A 101 -1.91 15.86 -2.09
C GLN A 101 -0.67 15.05 -2.42
N ALA A 102 -0.13 15.17 -3.65
CA ALA A 102 1.07 14.45 -4.02
C ALA A 102 2.27 15.02 -3.25
N LYS A 103 2.48 16.34 -3.24
CA LYS A 103 3.62 16.93 -2.54
C LYS A 103 3.54 16.71 -1.03
N TYR A 104 2.33 16.68 -0.45
CA TYR A 104 2.06 16.45 0.96
C TYR A 104 2.72 15.13 1.38
N ALA A 105 2.91 14.15 0.49
CA ALA A 105 3.55 12.89 0.86
C ALA A 105 4.92 13.13 1.53
N TYR A 106 5.63 14.22 1.19
CA TYR A 106 6.93 14.55 1.76
C TYR A 106 6.87 14.71 3.28
N GLN A 107 5.75 15.25 3.77
CA GLN A 107 5.50 15.52 5.17
C GLN A 107 5.56 14.21 5.93
N ARG A 108 4.93 13.21 5.36
CA ARG A 108 4.85 11.85 5.89
C ARG A 108 6.22 11.16 5.85
N TYR A 109 7.07 11.48 4.86
CA TYR A 109 8.39 10.88 4.79
C TYR A 109 9.22 11.39 5.95
N GLN A 110 9.32 12.71 6.09
CA GLN A 110 10.10 13.33 7.15
C GLN A 110 9.58 13.01 8.54
N GLU A 111 8.28 12.77 8.67
CA GLU A 111 7.69 12.46 9.96
C GLU A 111 8.43 11.29 10.62
N ARG A 112 8.73 10.25 9.84
CA ARG A 112 9.38 9.04 10.32
C ARG A 112 10.85 8.89 9.95
N TYR A 113 11.21 9.21 8.71
CA TYR A 113 12.57 9.10 8.19
C TYR A 113 13.36 10.39 8.38
N GLY A 114 12.78 11.41 9.00
CA GLY A 114 13.37 12.72 9.29
C GLY A 114 13.28 12.97 10.80
N ASN A 115 13.23 14.24 11.21
CA ASN A 115 13.14 14.68 12.59
C ASN A 115 11.90 15.56 12.72
N LYS A 116 11.42 15.82 13.94
CA LYS A 116 10.25 16.65 14.21
C LYS A 116 10.58 18.12 14.00
N LYS A 117 10.78 18.89 15.07
CA LYS A 117 11.08 20.32 15.03
C LYS A 117 11.80 20.66 16.35
N SER A 118 11.91 21.95 16.66
CA SER A 118 12.54 22.48 17.86
C SER A 118 11.76 22.10 19.13
N GLN A 119 12.29 22.51 20.27
CA GLN A 119 11.78 22.35 21.61
C GLN A 119 11.79 23.80 22.06
N ASP A 120 10.61 24.39 22.12
CA ASP A 120 10.40 25.78 22.46
C ASP A 120 9.10 25.95 23.27
N LEU A 121 8.76 27.22 23.51
CA LEU A 121 7.60 27.70 24.28
C LEU A 121 7.76 27.33 25.74
N LYS A 122 6.84 26.55 26.29
CA LYS A 122 6.78 26.04 27.65
C LYS A 122 6.07 24.70 27.59
N GLY A 1 -0.49 -26.90 -13.63
CA GLY A 1 -0.14 -26.20 -12.39
C GLY A 1 -0.46 -27.10 -11.22
N SER A 2 -0.17 -26.65 -10.01
CA SER A 2 -0.43 -27.41 -8.79
C SER A 2 -0.59 -26.43 -7.63
N ASN A 3 -0.85 -26.96 -6.42
CA ASN A 3 -0.99 -26.20 -5.19
C ASN A 3 -2.11 -25.16 -5.23
N GLN A 4 -2.22 -24.38 -4.15
CA GLN A 4 -3.18 -23.31 -3.95
C GLN A 4 -2.39 -22.13 -3.41
N GLN A 5 -2.19 -22.03 -2.08
CA GLN A 5 -1.42 -20.93 -1.50
C GLN A 5 0.08 -21.30 -1.50
N LEU A 6 0.93 -20.31 -1.27
CA LEU A 6 2.39 -20.44 -1.22
C LEU A 6 3.00 -19.71 -0.02
N ASN A 7 2.33 -18.68 0.52
CA ASN A 7 2.68 -17.84 1.67
C ASN A 7 4.08 -17.18 1.61
N ALA A 8 4.30 -16.17 2.46
CA ALA A 8 5.55 -15.42 2.57
C ALA A 8 5.98 -15.46 4.04
N THR A 9 6.72 -16.50 4.38
CA THR A 9 7.25 -16.84 5.69
C THR A 9 8.44 -15.96 6.07
N LYS A 10 8.18 -14.75 6.57
CA LYS A 10 9.24 -13.83 6.98
C LYS A 10 8.79 -12.79 8.00
N LYS A 11 7.92 -11.86 7.59
CA LYS A 11 7.35 -10.75 8.37
C LYS A 11 5.84 -10.89 8.31
N ASP A 12 5.13 -10.73 9.43
CA ASP A 12 3.66 -10.89 9.44
C ASP A 12 2.93 -9.79 8.69
N LYS A 13 3.46 -8.56 8.72
CA LYS A 13 2.81 -7.46 8.02
C LYS A 13 3.04 -7.64 6.54
N LEU A 14 4.29 -7.87 6.13
CA LEU A 14 4.59 -8.04 4.73
C LEU A 14 3.84 -9.20 4.12
N GLN A 15 3.55 -10.25 4.89
CA GLN A 15 2.85 -11.43 4.42
C GLN A 15 1.48 -11.08 3.83
N VAL A 16 0.67 -10.25 4.50
CA VAL A 16 -0.65 -9.91 3.97
C VAL A 16 -0.52 -9.02 2.72
N ILE A 17 0.49 -8.14 2.66
CA ILE A 17 0.67 -7.26 1.50
C ILE A 17 1.13 -8.10 0.31
N ASP A 18 2.07 -9.00 0.54
CA ASP A 18 2.60 -9.88 -0.49
C ASP A 18 1.48 -10.77 -1.02
N TRP A 19 0.55 -11.18 -0.15
CA TRP A 19 -0.59 -12.02 -0.50
C TRP A 19 -1.49 -11.21 -1.44
N LEU A 20 -1.93 -10.01 -1.03
CA LEU A 20 -2.79 -9.18 -1.88
C LEU A 20 -2.11 -8.78 -3.20
N ILE A 21 -0.79 -8.59 -3.20
CA ILE A 21 -0.02 -8.24 -4.39
C ILE A 21 -0.04 -9.40 -5.38
N GLU A 22 0.11 -10.63 -4.90
CA GLU A 22 0.11 -11.81 -5.76
C GLU A 22 -1.31 -12.21 -6.17
N ASN A 23 -2.30 -11.89 -5.34
CA ASN A 23 -3.73 -12.17 -5.53
C ASN A 23 -4.25 -11.41 -6.75
N PHE A 24 -3.93 -10.12 -6.87
CA PHE A 24 -4.38 -9.29 -7.99
C PHE A 24 -3.19 -8.93 -8.89
N PRO A 25 -2.81 -9.81 -9.84
CA PRO A 25 -1.71 -9.58 -10.76
C PRO A 25 -2.09 -8.54 -11.85
N ASN A 26 -3.12 -7.68 -11.64
CA ASN A 26 -3.55 -6.69 -12.65
C ASN A 26 -2.80 -5.38 -12.49
N ALA A 27 -2.22 -5.10 -11.31
CA ALA A 27 -1.44 -3.92 -10.97
C ALA A 27 -1.09 -3.99 -9.48
N PHE A 28 0.19 -4.01 -9.14
CA PHE A 28 0.75 -4.01 -7.80
C PHE A 28 2.28 -4.03 -7.89
N PHE A 29 3.01 -3.79 -6.79
CA PHE A 29 4.48 -3.82 -6.81
C PHE A 29 5.00 -4.25 -5.44
N LYS A 30 5.78 -5.33 -5.42
CA LYS A 30 6.36 -5.87 -4.20
C LYS A 30 7.33 -4.90 -3.55
N LYS A 31 8.33 -4.45 -4.30
CA LYS A 31 9.36 -3.54 -3.79
C LYS A 31 9.03 -2.07 -3.95
N GLY A 32 9.48 -1.26 -3.00
CA GLY A 32 9.29 0.18 -2.98
C GLY A 32 10.03 0.84 -4.13
N ASN A 33 11.23 0.38 -4.49
CA ASN A 33 12.01 0.98 -5.59
C ASN A 33 11.25 1.00 -6.93
N GLN A 34 10.25 0.14 -7.11
CA GLN A 34 9.43 0.03 -8.31
C GLN A 34 7.95 0.38 -8.04
N VAL A 35 7.59 0.73 -6.81
CA VAL A 35 6.20 1.05 -6.47
C VAL A 35 5.72 2.36 -7.09
N LYS A 36 4.41 2.38 -7.36
CA LYS A 36 3.62 3.47 -7.90
C LYS A 36 2.35 3.54 -7.05
N PRO A 37 1.62 4.67 -7.05
CA PRO A 37 0.40 4.75 -6.27
C PRO A 37 -0.72 3.97 -6.95
N LEU A 38 -1.71 3.61 -6.13
CA LEU A 38 -2.92 2.88 -6.48
C LEU A 38 -4.09 3.84 -6.26
N LYS A 39 -5.27 3.45 -6.75
CA LYS A 39 -6.52 4.19 -6.64
C LYS A 39 -6.74 4.59 -5.16
N ILE A 40 -7.36 5.73 -4.91
CA ILE A 40 -7.60 6.18 -3.54
C ILE A 40 -8.54 5.20 -2.82
N GLY A 41 -8.12 4.69 -1.68
CA GLY A 41 -8.89 3.75 -0.87
C GLY A 41 -9.01 2.35 -1.46
N ILE A 42 -8.09 1.95 -2.35
CA ILE A 42 -8.05 0.63 -3.02
C ILE A 42 -8.17 -0.56 -2.05
N PHE A 43 -7.80 -0.38 -0.78
CA PHE A 43 -7.92 -1.44 0.21
C PHE A 43 -9.38 -1.91 0.25
N ASP A 44 -10.33 -1.00 0.05
CA ASP A 44 -11.77 -1.30 0.08
C ASP A 44 -12.20 -2.20 -1.07
N ASP A 45 -11.51 -2.13 -2.20
CA ASP A 45 -11.79 -2.94 -3.38
C ASP A 45 -11.25 -4.35 -3.15
N LEU A 46 -10.01 -4.44 -2.64
CA LEU A 46 -9.28 -5.67 -2.37
C LEU A 46 -9.81 -6.45 -1.18
N ILE A 47 -10.27 -5.79 -0.11
CA ILE A 47 -10.79 -6.48 1.07
C ILE A 47 -11.93 -7.41 0.65
N ASP A 48 -12.65 -7.06 -0.41
CA ASP A 48 -13.76 -7.84 -0.93
C ASP A 48 -13.27 -9.25 -1.27
N PHE A 49 -12.08 -9.34 -1.85
CA PHE A 49 -11.45 -10.59 -2.24
C PHE A 49 -10.98 -11.37 -1.01
N TYR A 50 -10.58 -10.71 0.09
CA TYR A 50 -10.14 -11.39 1.32
C TYR A 50 -11.34 -12.15 1.93
N GLU A 51 -12.56 -11.66 1.74
CA GLU A 51 -13.78 -12.28 2.24
C GLU A 51 -14.10 -13.56 1.46
N ARG A 52 -13.39 -13.81 0.36
CA ARG A 52 -13.56 -14.98 -0.51
C ARG A 52 -12.82 -16.21 0.00
N LEU A 53 -11.76 -16.04 0.79
CA LEU A 53 -10.95 -17.08 1.37
C LEU A 53 -11.81 -18.03 2.18
N ASP A 54 -11.42 -19.31 2.11
CA ASP A 54 -12.07 -20.42 2.79
C ASP A 54 -12.21 -20.14 4.28
N THR A 55 -11.12 -19.69 4.91
CA THR A 55 -11.03 -19.34 6.33
C THR A 55 -9.77 -18.47 6.52
N PRO A 56 -9.85 -17.16 6.23
CA PRO A 56 -8.73 -16.26 6.39
C PRO A 56 -8.37 -16.15 7.90
N PRO A 57 -7.10 -16.36 8.30
CA PRO A 57 -6.71 -16.29 9.70
C PRO A 57 -6.51 -14.85 10.22
N PHE A 58 -6.21 -13.90 9.34
CA PHE A 58 -5.99 -12.48 9.66
C PHE A 58 -7.21 -11.65 9.33
N SER A 59 -7.56 -10.67 10.17
CA SER A 59 -8.69 -9.78 9.97
C SER A 59 -8.27 -8.54 9.17
N LYS A 60 -9.26 -7.80 8.64
CA LYS A 60 -9.09 -6.58 7.85
C LYS A 60 -8.14 -5.55 8.46
N LYS A 61 -8.11 -5.46 9.80
CA LYS A 61 -7.23 -4.53 10.51
C LYS A 61 -5.78 -4.72 10.06
N SER A 62 -5.28 -5.95 10.09
CA SER A 62 -3.92 -6.29 9.74
C SER A 62 -3.62 -5.98 8.28
N LEU A 63 -4.50 -6.42 7.37
CA LEU A 63 -4.38 -6.20 5.93
C LEU A 63 -4.23 -4.71 5.65
N ARG A 64 -5.14 -3.90 6.20
CA ARG A 64 -5.11 -2.46 6.00
C ARG A 64 -3.85 -1.81 6.57
N GLU A 65 -3.50 -2.11 7.82
CA GLU A 65 -2.32 -1.55 8.47
C GLU A 65 -1.05 -1.85 7.67
N ALA A 66 -0.88 -3.11 7.27
CA ALA A 66 0.27 -3.54 6.51
C ALA A 66 0.31 -2.78 5.17
N LEU A 67 -0.83 -2.62 4.47
CA LEU A 67 -0.89 -1.90 3.19
C LEU A 67 -0.40 -0.45 3.42
N SER A 68 -0.86 0.17 4.52
CA SER A 68 -0.45 1.52 4.90
C SER A 68 1.04 1.59 5.18
N TYR A 69 1.65 0.51 5.67
CA TYR A 69 3.08 0.46 5.93
C TYR A 69 3.80 0.56 4.59
N TYR A 70 3.38 -0.20 3.56
CA TYR A 70 4.02 -0.10 2.25
C TYR A 70 3.78 1.31 1.69
N SER A 71 2.63 1.94 1.93
CA SER A 71 2.40 3.29 1.43
C SER A 71 3.16 4.36 2.24
N ALA A 72 3.92 3.98 3.27
CA ALA A 72 4.74 4.85 4.09
C ALA A 72 6.22 4.63 3.71
N SER A 73 6.47 3.76 2.73
CA SER A 73 7.78 3.41 2.21
C SER A 73 8.49 4.69 1.72
N PRO A 74 9.82 4.80 1.88
CA PRO A 74 10.57 5.97 1.45
C PRO A 74 10.40 6.19 -0.04
N ALA A 75 10.61 5.16 -0.83
CA ALA A 75 10.49 5.26 -2.27
C ALA A 75 9.11 5.79 -2.67
N TYR A 76 8.03 5.24 -2.10
CA TYR A 76 6.66 5.65 -2.40
C TYR A 76 6.39 7.12 -2.08
N LEU A 77 6.80 7.60 -0.92
CA LEU A 77 6.54 8.99 -0.54
C LEU A 77 7.47 9.92 -1.31
N SER A 78 8.75 9.59 -1.32
CA SER A 78 9.77 10.36 -2.02
C SER A 78 9.47 10.48 -3.52
N CYS A 79 8.88 9.46 -4.14
CA CYS A 79 8.54 9.45 -5.57
C CYS A 79 7.30 10.28 -5.90
N GLN A 80 6.72 11.00 -4.94
CA GLN A 80 5.54 11.88 -5.06
C GLN A 80 5.46 12.57 -6.44
N LYS A 81 4.70 11.99 -7.38
CA LYS A 81 4.51 12.53 -8.71
C LYS A 81 3.03 12.69 -9.00
N PRO A 82 2.52 13.93 -9.05
CA PRO A 82 1.13 14.18 -9.38
C PRO A 82 0.97 13.89 -10.88
N ASP A 83 -0.27 13.80 -11.37
CA ASP A 83 -0.57 13.56 -12.79
C ASP A 83 -0.01 12.22 -13.30
N THR A 84 0.06 11.21 -12.43
CA THR A 84 0.62 9.90 -12.77
C THR A 84 -0.41 8.88 -13.27
N ALA A 85 -1.71 9.08 -12.99
CA ALA A 85 -2.80 8.19 -13.42
C ALA A 85 -2.64 6.75 -12.93
N ARG A 86 -3.04 6.58 -11.68
CA ARG A 86 -3.04 5.29 -10.98
C ARG A 86 -4.17 4.41 -11.53
N VAL A 87 -4.29 3.19 -11.01
CA VAL A 87 -5.29 2.20 -11.42
C VAL A 87 -5.91 1.54 -10.18
N ASP A 88 -7.03 0.85 -10.40
CA ASP A 88 -7.80 0.10 -9.40
C ASP A 88 -7.39 -1.38 -9.48
N ILE A 89 -7.95 -2.26 -8.63
CA ILE A 89 -7.59 -3.69 -8.63
C ILE A 89 -7.93 -4.38 -9.95
N TYR A 90 -8.92 -3.86 -10.69
CA TYR A 90 -9.34 -4.38 -11.97
C TYR A 90 -8.38 -3.86 -13.06
N GLY A 91 -7.42 -3.00 -12.72
CA GLY A 91 -6.44 -2.44 -13.63
C GLY A 91 -7.01 -1.31 -14.48
N ASN A 92 -8.23 -0.83 -14.21
CA ASN A 92 -8.82 0.27 -14.98
C ASN A 92 -8.08 1.54 -14.62
N GLU A 93 -8.07 2.48 -15.55
CA GLU A 93 -7.43 3.76 -15.38
C GLU A 93 -8.32 4.57 -14.44
N VAL A 94 -7.70 5.21 -13.47
CA VAL A 94 -8.36 6.04 -12.47
C VAL A 94 -7.80 7.46 -12.57
N ASP A 95 -8.27 8.37 -11.72
CA ASP A 95 -7.84 9.77 -11.76
C ASP A 95 -6.46 9.88 -11.10
N VAL A 96 -5.90 11.08 -11.03
CA VAL A 96 -4.54 11.26 -10.52
C VAL A 96 -4.47 11.98 -9.18
N VAL A 97 -3.27 11.92 -8.60
CA VAL A 97 -3.00 12.58 -7.33
C VAL A 97 -2.78 14.04 -7.69
N THR A 98 -3.49 14.96 -7.04
CA THR A 98 -3.33 16.38 -7.32
C THR A 98 -1.95 16.84 -6.80
N PRO A 99 -1.39 17.97 -7.24
CA PRO A 99 -0.08 18.43 -6.80
C PRO A 99 0.00 18.69 -5.30
N GLU A 100 -1.09 19.16 -4.70
CA GLU A 100 -1.20 19.46 -3.30
C GLU A 100 -1.13 18.17 -2.48
N GLN A 101 -1.88 17.15 -2.86
CA GLN A 101 -1.85 15.88 -2.13
C GLN A 101 -0.56 15.13 -2.42
N ALA A 102 -0.03 15.25 -3.65
CA ALA A 102 1.20 14.58 -4.04
C ALA A 102 2.37 15.03 -3.20
N LYS A 103 2.58 16.35 -3.06
CA LYS A 103 3.71 16.86 -2.29
C LYS A 103 3.55 16.60 -0.80
N TYR A 104 2.33 16.54 -0.29
CA TYR A 104 2.02 16.30 1.11
C TYR A 104 2.70 15.03 1.62
N ALA A 105 2.96 14.06 0.74
CA ALA A 105 3.63 12.81 1.06
C ALA A 105 4.96 13.08 1.77
N TYR A 106 5.62 14.20 1.48
CA TYR A 106 6.91 14.54 2.09
C TYR A 106 6.84 14.57 3.62
N GLN A 107 5.69 14.92 4.21
CA GLN A 107 5.53 14.97 5.65
C GLN A 107 5.73 13.56 6.22
N ARG A 108 5.12 12.57 5.57
CA ARG A 108 5.19 11.17 5.96
C ARG A 108 6.63 10.66 5.82
N TYR A 109 7.41 11.21 4.89
CA TYR A 109 8.79 10.80 4.74
C TYR A 109 9.57 11.34 5.92
N GLN A 110 9.50 12.65 6.18
CA GLN A 110 10.21 13.28 7.29
C GLN A 110 9.79 12.71 8.65
N GLU A 111 8.55 12.24 8.78
CA GLU A 111 8.04 11.67 10.02
C GLU A 111 8.95 10.56 10.53
N ARG A 112 9.40 9.67 9.64
CA ARG A 112 10.27 8.54 9.98
C ARG A 112 11.72 8.69 9.57
N TYR A 113 11.96 9.20 8.37
CA TYR A 113 13.28 9.36 7.77
C TYR A 113 13.81 10.80 7.81
N GLY A 114 13.21 11.67 8.61
CA GLY A 114 13.57 13.06 8.78
C GLY A 114 13.46 13.48 10.25
N ASN A 115 13.47 14.79 10.50
CA ASN A 115 13.39 15.38 11.83
C ASN A 115 12.96 16.84 11.77
N LYS A 116 11.76 17.16 12.28
CA LYS A 116 11.21 18.50 12.35
C LYS A 116 10.25 18.55 13.53
N LYS A 117 10.28 19.66 14.27
CA LYS A 117 9.51 20.05 15.45
C LYS A 117 10.24 19.57 16.69
N SER A 118 9.99 20.25 17.80
CA SER A 118 10.57 20.00 19.12
C SER A 118 9.66 20.79 20.08
N GLN A 119 8.44 20.30 20.27
CA GLN A 119 7.42 20.91 21.12
C GLN A 119 6.91 19.88 22.12
N ASP A 120 7.64 19.71 23.23
CA ASP A 120 7.20 18.77 24.25
C ASP A 120 6.30 19.44 25.27
N LEU A 121 6.42 20.77 25.41
CA LEU A 121 5.65 21.56 26.35
C LEU A 121 4.16 21.45 26.09
N LYS A 122 3.42 21.11 27.14
CA LYS A 122 1.97 20.93 27.23
C LYS A 122 1.41 20.29 25.97
N GLY A 1 -7.19 -29.04 11.58
CA GLY A 1 -5.73 -29.09 11.65
C GLY A 1 -5.17 -28.56 10.35
N SER A 2 -4.10 -27.76 10.40
CA SER A 2 -3.48 -27.20 9.20
C SER A 2 -3.03 -28.36 8.30
N ASN A 3 -3.52 -28.39 7.07
CA ASN A 3 -3.19 -29.42 6.09
C ASN A 3 -2.61 -28.73 4.87
N GLN A 4 -3.41 -27.94 4.15
CA GLN A 4 -2.98 -27.20 2.97
C GLN A 4 -2.29 -25.91 3.44
N GLN A 5 -1.28 -25.46 2.68
CA GLN A 5 -0.48 -24.25 2.88
C GLN A 5 0.31 -24.25 4.20
N LEU A 6 1.13 -23.22 4.42
CA LEU A 6 1.99 -23.01 5.56
C LEU A 6 2.11 -21.52 5.87
N ASN A 7 2.88 -21.24 6.90
CA ASN A 7 3.21 -19.92 7.46
C ASN A 7 4.36 -19.27 6.68
N ALA A 8 4.41 -17.94 6.63
CA ALA A 8 5.44 -17.19 5.91
C ALA A 8 6.84 -17.42 6.49
N THR A 9 7.82 -17.69 5.64
CA THR A 9 9.20 -17.92 6.04
C THR A 9 9.95 -16.58 6.23
N LYS A 10 9.33 -15.46 5.87
CA LYS A 10 9.87 -14.11 6.00
C LYS A 10 8.80 -13.26 6.68
N LYS A 11 8.87 -11.93 6.59
CA LYS A 11 7.90 -11.03 7.21
C LYS A 11 6.51 -11.37 6.66
N ASP A 12 5.66 -12.02 7.45
CA ASP A 12 4.30 -12.42 7.08
C ASP A 12 3.46 -11.22 6.67
N LYS A 13 3.72 -10.05 7.26
CA LYS A 13 3.04 -8.81 6.96
C LYS A 13 3.42 -8.40 5.54
N LEU A 14 4.66 -8.59 5.08
CA LEU A 14 5.01 -8.24 3.71
C LEU A 14 4.48 -9.32 2.76
N GLN A 15 4.31 -10.55 3.25
CA GLN A 15 3.84 -11.71 2.50
C GLN A 15 2.44 -11.50 1.92
N VAL A 16 1.48 -11.03 2.72
CA VAL A 16 0.12 -10.80 2.23
C VAL A 16 0.11 -9.76 1.10
N ILE A 17 1.02 -8.77 1.16
CA ILE A 17 1.09 -7.74 0.13
C ILE A 17 1.59 -8.37 -1.17
N ASP A 18 2.58 -9.25 -1.07
CA ASP A 18 3.16 -9.94 -2.22
C ASP A 18 2.07 -10.73 -2.96
N TRP A 19 1.15 -11.36 -2.19
CA TRP A 19 0.02 -12.13 -2.73
C TRP A 19 -0.96 -11.20 -3.44
N LEU A 20 -1.46 -10.15 -2.78
CA LEU A 20 -2.41 -9.23 -3.41
C LEU A 20 -1.82 -8.55 -4.64
N ILE A 21 -0.51 -8.27 -4.66
CA ILE A 21 0.15 -7.65 -5.80
C ILE A 21 0.04 -8.63 -6.97
N GLU A 22 0.41 -9.90 -6.75
CA GLU A 22 0.36 -10.91 -7.79
C GLU A 22 -1.09 -11.21 -8.21
N ASN A 23 -2.08 -11.03 -7.32
CA ASN A 23 -3.48 -11.30 -7.62
C ASN A 23 -4.00 -10.35 -8.69
N PHE A 24 -3.74 -9.05 -8.59
CA PHE A 24 -4.21 -8.07 -9.57
C PHE A 24 -3.05 -7.42 -10.32
N PRO A 25 -2.55 -8.05 -11.39
CA PRO A 25 -1.45 -7.53 -12.21
C PRO A 25 -1.87 -6.32 -13.06
N ASN A 26 -3.02 -5.68 -12.84
CA ASN A 26 -3.41 -4.55 -13.67
C ASN A 26 -2.70 -3.28 -13.29
N ALA A 27 -2.19 -3.20 -12.05
CA ALA A 27 -1.45 -2.09 -11.49
C ALA A 27 -1.08 -2.46 -10.06
N PHE A 28 0.22 -2.54 -9.77
CA PHE A 28 0.82 -2.83 -8.47
C PHE A 28 2.35 -2.79 -8.59
N PHE A 29 3.07 -2.79 -7.45
CA PHE A 29 4.53 -2.80 -7.36
C PHE A 29 4.94 -3.38 -6.00
N LYS A 30 6.03 -4.16 -5.92
CA LYS A 30 6.53 -4.76 -4.66
C LYS A 30 7.50 -3.80 -3.96
N LYS A 31 8.51 -3.32 -4.68
CA LYS A 31 9.51 -2.39 -4.18
C LYS A 31 8.84 -1.08 -3.70
N GLY A 32 9.65 -0.13 -3.24
CA GLY A 32 9.15 1.18 -2.83
C GLY A 32 9.57 2.22 -3.87
N ASN A 33 10.70 2.03 -4.56
CA ASN A 33 11.23 2.98 -5.54
C ASN A 33 10.41 3.19 -6.82
N GLN A 34 9.57 2.24 -7.23
CA GLN A 34 8.72 2.33 -8.42
C GLN A 34 7.24 2.34 -8.03
N VAL A 35 6.93 2.41 -6.73
CA VAL A 35 5.56 2.40 -6.24
C VAL A 35 4.85 3.70 -6.67
N LYS A 36 3.52 3.66 -6.81
CA LYS A 36 2.71 4.82 -7.20
C LYS A 36 1.39 4.83 -6.42
N PRO A 37 0.71 5.97 -6.26
CA PRO A 37 -0.55 6.02 -5.54
C PRO A 37 -1.62 5.23 -6.29
N LEU A 38 -2.48 4.55 -5.54
CA LEU A 38 -3.59 3.73 -6.01
C LEU A 38 -4.92 4.43 -5.70
N LYS A 39 -6.03 3.96 -6.29
CA LYS A 39 -7.37 4.51 -6.04
C LYS A 39 -7.62 4.53 -4.53
N ILE A 40 -8.35 5.53 -4.04
CA ILE A 40 -8.65 5.59 -2.61
C ILE A 40 -9.57 4.40 -2.30
N GLY A 41 -9.39 3.79 -1.13
CA GLY A 41 -10.20 2.66 -0.70
C GLY A 41 -10.04 1.39 -1.53
N ILE A 42 -9.06 1.30 -2.43
CA ILE A 42 -8.77 0.17 -3.30
C ILE A 42 -8.70 -1.18 -2.55
N PHE A 43 -8.32 -1.21 -1.26
CA PHE A 43 -8.29 -2.46 -0.51
C PHE A 43 -9.70 -3.07 -0.50
N ASP A 44 -10.74 -2.24 -0.40
CA ASP A 44 -12.13 -2.64 -0.36
C ASP A 44 -12.57 -3.32 -1.65
N ASP A 45 -11.94 -2.97 -2.77
CA ASP A 45 -12.21 -3.55 -4.08
C ASP A 45 -11.55 -4.93 -4.17
N LEU A 46 -10.30 -4.97 -3.71
CA LEU A 46 -9.38 -6.09 -3.69
C LEU A 46 -9.75 -7.20 -2.72
N ILE A 47 -10.25 -6.83 -1.54
CA ILE A 47 -10.61 -7.79 -0.50
C ILE A 47 -11.62 -8.80 -1.06
N ASP A 48 -12.44 -8.38 -2.02
CA ASP A 48 -13.46 -9.24 -2.62
C ASP A 48 -12.81 -10.47 -3.26
N PHE A 49 -11.62 -10.32 -3.82
CA PHE A 49 -10.90 -11.43 -4.45
C PHE A 49 -10.44 -12.45 -3.40
N TYR A 50 -10.12 -12.00 -2.17
CA TYR A 50 -9.68 -12.89 -1.10
C TYR A 50 -10.85 -13.83 -0.73
N GLU A 51 -12.08 -13.35 -0.88
CA GLU A 51 -13.29 -14.13 -0.59
C GLU A 51 -13.49 -15.25 -1.63
N ARG A 52 -12.76 -15.19 -2.75
CA ARG A 52 -12.78 -16.17 -3.84
C ARG A 52 -11.77 -17.28 -3.62
N LEU A 53 -10.75 -17.10 -2.78
CA LEU A 53 -9.76 -18.11 -2.50
C LEU A 53 -10.48 -19.30 -1.88
N ASP A 54 -10.26 -20.50 -2.41
CA ASP A 54 -10.89 -21.73 -1.93
C ASP A 54 -10.50 -22.02 -0.48
N THR A 55 -9.27 -21.68 -0.12
CA THR A 55 -8.71 -21.86 1.21
C THR A 55 -7.85 -20.62 1.52
N PRO A 56 -8.47 -19.50 1.94
CA PRO A 56 -7.75 -18.27 2.27
C PRO A 56 -6.93 -18.47 3.57
N PRO A 57 -5.58 -18.48 3.55
CA PRO A 57 -4.79 -18.69 4.76
C PRO A 57 -4.63 -17.45 5.67
N PHE A 58 -4.63 -16.23 5.13
CA PHE A 58 -4.49 -14.98 5.88
C PHE A 58 -5.84 -14.28 6.09
N SER A 59 -5.93 -13.42 7.10
CA SER A 59 -7.13 -12.66 7.42
C SER A 59 -7.13 -11.31 6.68
N LYS A 60 -8.33 -10.81 6.38
CA LYS A 60 -8.54 -9.52 5.71
C LYS A 60 -7.98 -8.37 6.53
N LYS A 61 -8.06 -8.46 7.87
CA LYS A 61 -7.54 -7.42 8.78
C LYS A 61 -6.05 -7.27 8.52
N SER A 62 -5.33 -8.39 8.54
CA SER A 62 -3.91 -8.48 8.32
C SER A 62 -3.55 -7.92 6.94
N LEU A 63 -4.28 -8.34 5.90
CA LEU A 63 -4.07 -7.92 4.52
C LEU A 63 -4.09 -6.39 4.45
N ARG A 64 -5.13 -5.74 4.96
CA ARG A 64 -5.22 -4.28 4.95
C ARG A 64 -4.14 -3.62 5.80
N GLU A 65 -3.87 -4.08 7.03
CA GLU A 65 -2.84 -3.45 7.86
C GLU A 65 -1.48 -3.52 7.16
N ALA A 66 -1.19 -4.65 6.55
CA ALA A 66 0.05 -4.85 5.83
C ALA A 66 0.12 -3.91 4.63
N LEU A 67 -1.01 -3.72 3.93
CA LEU A 67 -1.10 -2.82 2.78
C LEU A 67 -0.75 -1.41 3.24
N SER A 68 -1.26 -1.00 4.41
CA SER A 68 -1.00 0.31 4.98
C SER A 68 0.51 0.50 5.18
N TYR A 69 1.27 -0.57 5.45
CA TYR A 69 2.72 -0.50 5.63
C TYR A 69 3.35 -0.03 4.31
N TYR A 70 2.96 -0.64 3.18
CA TYR A 70 3.49 -0.26 1.87
C TYR A 70 3.05 1.15 1.48
N SER A 71 1.87 1.59 1.94
CA SER A 71 1.38 2.94 1.67
C SER A 71 2.15 3.96 2.53
N ALA A 72 2.86 3.51 3.57
CA ALA A 72 3.64 4.31 4.50
C ALA A 72 5.13 4.05 4.31
N SER A 73 5.54 3.40 3.22
CA SER A 73 6.95 3.18 2.99
C SER A 73 7.58 4.57 2.81
N PRO A 74 8.86 4.74 3.14
CA PRO A 74 9.50 6.04 2.99
C PRO A 74 9.45 6.47 1.53
N ALA A 75 9.64 5.52 0.62
CA ALA A 75 9.64 5.79 -0.81
C ALA A 75 8.26 6.27 -1.29
N TYR A 76 7.16 5.67 -0.84
CA TYR A 76 5.82 6.10 -1.26
C TYR A 76 5.58 7.55 -0.83
N LEU A 77 5.93 7.90 0.41
CA LEU A 77 5.70 9.26 0.87
C LEU A 77 6.64 10.24 0.18
N SER A 78 7.92 9.86 0.06
CA SER A 78 8.96 10.66 -0.58
C SER A 78 8.56 10.97 -2.04
N CYS A 79 7.90 10.02 -2.72
CA CYS A 79 7.47 10.16 -4.11
C CYS A 79 6.25 11.07 -4.31
N GLN A 80 5.76 11.76 -3.27
CA GLN A 80 4.64 12.72 -3.29
C GLN A 80 4.49 13.54 -4.60
N LYS A 81 3.68 13.05 -5.54
CA LYS A 81 3.44 13.69 -6.84
C LYS A 81 1.94 13.82 -7.08
N PRO A 82 1.39 15.04 -6.97
CA PRO A 82 -0.03 15.27 -7.23
C PRO A 82 -0.24 15.18 -8.75
N ASP A 83 -1.51 15.26 -9.18
CA ASP A 83 -1.91 15.21 -10.59
C ASP A 83 -1.14 14.15 -11.38
N THR A 84 -1.33 12.88 -11.00
CA THR A 84 -0.68 11.73 -11.61
C THR A 84 -1.67 10.67 -12.11
N ALA A 85 -2.95 10.75 -11.74
CA ALA A 85 -4.04 9.84 -12.11
C ALA A 85 -3.83 8.42 -11.64
N ARG A 86 -4.48 8.06 -10.54
CA ARG A 86 -4.39 6.70 -10.00
C ARG A 86 -5.29 5.78 -10.83
N VAL A 87 -5.29 4.48 -10.50
CA VAL A 87 -6.07 3.46 -11.17
C VAL A 87 -6.67 2.49 -10.15
N ASP A 88 -7.74 1.80 -10.53
CA ASP A 88 -8.42 0.80 -9.70
C ASP A 88 -7.70 -0.55 -9.94
N ILE A 89 -8.15 -1.62 -9.28
CA ILE A 89 -7.62 -2.99 -9.39
C ILE A 89 -7.75 -3.55 -10.81
N TYR A 90 -8.65 -3.00 -11.63
CA TYR A 90 -8.86 -3.44 -13.02
C TYR A 90 -7.97 -2.62 -13.98
N GLY A 91 -7.21 -1.64 -13.47
CA GLY A 91 -6.32 -0.77 -14.24
C GLY A 91 -7.00 0.45 -14.85
N ASN A 92 -8.33 0.58 -14.68
CA ASN A 92 -9.09 1.72 -15.19
C ASN A 92 -8.63 2.97 -14.46
N GLU A 93 -8.61 4.08 -15.18
CA GLU A 93 -8.20 5.35 -14.63
C GLU A 93 -9.23 5.89 -13.64
N VAL A 94 -8.72 6.61 -12.66
CA VAL A 94 -9.39 7.27 -11.56
C VAL A 94 -8.91 8.73 -11.51
N ASP A 95 -9.38 9.51 -10.54
CA ASP A 95 -9.02 10.93 -10.43
C ASP A 95 -7.62 11.07 -9.83
N VAL A 96 -7.14 12.28 -9.56
CA VAL A 96 -5.78 12.50 -9.06
C VAL A 96 -5.66 13.04 -7.64
N VAL A 97 -4.48 12.85 -7.07
CA VAL A 97 -4.18 13.35 -5.72
C VAL A 97 -3.96 14.84 -5.90
N THR A 98 -4.64 15.66 -5.11
CA THR A 98 -4.52 17.11 -5.14
C THR A 98 -3.15 17.54 -4.59
N PRO A 99 -2.69 18.77 -4.87
CA PRO A 99 -1.39 19.24 -4.40
C PRO A 99 -1.22 19.20 -2.89
N GLU A 100 -2.22 19.63 -2.12
CA GLU A 100 -2.12 19.65 -0.67
C GLU A 100 -2.11 18.23 -0.11
N GLN A 101 -2.95 17.33 -0.64
CA GLN A 101 -2.97 15.98 -0.13
C GLN A 101 -1.72 15.20 -0.51
N ALA A 102 -1.10 15.48 -1.66
CA ALA A 102 0.11 14.80 -2.08
C ALA A 102 1.29 15.31 -1.25
N LYS A 103 1.45 16.63 -1.16
CA LYS A 103 2.56 17.23 -0.41
C LYS A 103 2.50 16.84 1.07
N TYR A 104 1.30 16.63 1.64
CA TYR A 104 1.07 16.23 3.03
C TYR A 104 1.88 14.99 3.37
N ALA A 105 2.15 14.11 2.39
CA ALA A 105 2.92 12.90 2.62
C ALA A 105 4.28 13.20 3.24
N TYR A 106 4.87 14.38 2.97
CA TYR A 106 6.17 14.78 3.53
C TYR A 106 6.12 14.78 5.05
N GLN A 107 5.00 15.22 5.62
CA GLN A 107 4.78 15.32 7.05
C GLN A 107 4.80 13.91 7.62
N ARG A 108 4.06 13.02 6.96
CA ARG A 108 4.00 11.60 7.37
C ARG A 108 5.38 10.95 7.28
N TYR A 109 6.24 11.37 6.35
CA TYR A 109 7.59 10.82 6.21
C TYR A 109 8.43 11.26 7.40
N GLN A 110 8.51 12.58 7.67
CA GLN A 110 9.31 13.09 8.78
C GLN A 110 8.80 12.58 10.13
N GLU A 111 7.51 12.29 10.24
CA GLU A 111 6.93 11.78 11.48
C GLU A 111 7.62 10.50 11.94
N ARG A 112 8.05 9.66 10.98
CA ARG A 112 8.75 8.41 11.26
C ARG A 112 10.24 8.43 10.95
N TYR A 113 10.59 8.90 9.75
CA TYR A 113 11.93 8.98 9.20
C TYR A 113 12.55 10.39 9.29
N GLY A 114 12.09 11.19 10.24
CA GLY A 114 12.54 12.55 10.50
C GLY A 114 12.49 12.79 12.00
N ASN A 115 11.98 13.95 12.42
CA ASN A 115 11.85 14.41 13.80
C ASN A 115 13.24 14.76 14.30
N LYS A 116 13.64 16.02 14.09
CA LYS A 116 14.93 16.58 14.49
C LYS A 116 14.64 17.72 15.46
N LYS A 117 15.51 17.92 16.46
CA LYS A 117 15.42 18.96 17.47
C LYS A 117 14.16 18.79 18.33
N SER A 118 14.11 19.46 19.47
CA SER A 118 12.98 19.41 20.38
C SER A 118 11.84 20.20 19.74
N GLN A 119 11.98 21.53 19.66
CA GLN A 119 11.00 22.43 19.08
C GLN A 119 11.60 23.83 18.93
N ASP A 120 10.83 24.76 18.37
CA ASP A 120 11.17 26.16 18.13
C ASP A 120 9.92 26.98 18.38
N LEU A 121 10.05 28.01 19.22
CA LEU A 121 9.02 28.97 19.63
C LEU A 121 9.70 30.34 19.77
N LYS A 122 8.96 31.37 20.17
CA LYS A 122 9.43 32.73 20.39
C LYS A 122 8.83 33.17 21.70
N GLY A 1 13.74 -25.14 -10.52
CA GLY A 1 13.40 -23.87 -9.87
C GLY A 1 12.50 -24.15 -8.68
N SER A 2 12.21 -23.12 -7.89
CA SER A 2 11.34 -23.21 -6.73
C SER A 2 10.49 -21.95 -6.68
N ASN A 3 9.21 -22.09 -6.33
CA ASN A 3 8.22 -21.03 -6.20
C ASN A 3 7.35 -21.38 -4.99
N GLN A 4 6.74 -20.38 -4.36
CA GLN A 4 5.89 -20.55 -3.19
C GLN A 4 4.42 -20.32 -3.53
N GLN A 5 3.54 -20.80 -2.64
CA GLN A 5 2.08 -20.71 -2.72
C GLN A 5 1.47 -20.66 -1.31
N LEU A 6 2.17 -21.20 -0.29
CA LEU A 6 1.70 -21.20 1.09
C LEU A 6 1.86 -19.77 1.62
N ASN A 7 3.09 -19.37 1.91
CA ASN A 7 3.46 -18.05 2.42
C ASN A 7 4.34 -17.31 1.42
N ALA A 8 4.50 -16.01 1.63
CA ALA A 8 5.32 -15.15 0.78
C ALA A 8 6.80 -15.39 1.12
N THR A 9 7.21 -14.92 2.30
CA THR A 9 8.58 -15.05 2.79
C THR A 9 8.54 -15.56 4.23
N LYS A 10 8.46 -14.64 5.21
CA LYS A 10 8.40 -14.95 6.64
C LYS A 10 7.72 -13.85 7.46
N LYS A 11 7.84 -12.58 7.08
CA LYS A 11 7.19 -11.48 7.80
C LYS A 11 5.69 -11.61 7.56
N ASP A 12 4.91 -11.74 8.63
CA ASP A 12 3.46 -11.90 8.57
C ASP A 12 2.80 -10.71 7.91
N LYS A 13 3.32 -9.51 8.20
CA LYS A 13 2.83 -8.26 7.66
C LYS A 13 3.01 -8.27 6.14
N LEU A 14 4.21 -8.58 5.67
CA LEU A 14 4.52 -8.60 4.24
C LEU A 14 3.71 -9.68 3.51
N GLN A 15 3.36 -10.78 4.19
CA GLN A 15 2.60 -11.89 3.63
C GLN A 15 1.18 -11.48 3.24
N VAL A 16 0.42 -10.80 4.11
CA VAL A 16 -0.95 -10.40 3.74
C VAL A 16 -0.93 -9.44 2.54
N ILE A 17 0.10 -8.60 2.42
CA ILE A 17 0.19 -7.65 1.32
C ILE A 17 0.54 -8.41 0.03
N ASP A 18 1.44 -9.40 0.09
CA ASP A 18 1.79 -10.18 -1.10
C ASP A 18 0.54 -10.90 -1.61
N TRP A 19 -0.32 -11.37 -0.69
CA TRP A 19 -1.57 -12.07 -1.02
C TRP A 19 -2.52 -11.14 -1.78
N LEU A 20 -2.84 -9.96 -1.22
CA LEU A 20 -3.76 -9.03 -1.88
C LEU A 20 -3.21 -8.58 -3.24
N ILE A 21 -1.89 -8.40 -3.35
CA ILE A 21 -1.24 -7.99 -4.58
C ILE A 21 -1.45 -9.09 -5.63
N GLU A 22 -1.22 -10.34 -5.23
CA GLU A 22 -1.35 -11.52 -6.07
C GLU A 22 -2.78 -11.76 -6.56
N ASN A 23 -3.77 -11.49 -5.70
CA ASN A 23 -5.19 -11.66 -5.98
C ASN A 23 -5.70 -10.70 -7.05
N PHE A 24 -5.22 -9.45 -7.06
CA PHE A 24 -5.62 -8.44 -8.04
C PHE A 24 -4.39 -8.02 -8.85
N PRO A 25 -3.97 -8.84 -9.82
CA PRO A 25 -2.82 -8.56 -10.67
C PRO A 25 -3.10 -7.48 -11.71
N ASN A 26 -4.22 -6.77 -11.68
CA ASN A 26 -4.50 -5.76 -12.71
C ASN A 26 -3.70 -4.50 -12.42
N ALA A 27 -3.26 -4.31 -11.18
CA ALA A 27 -2.44 -3.19 -10.75
C ALA A 27 -2.05 -3.37 -9.30
N PHE A 28 -0.75 -3.49 -9.03
CA PHE A 28 -0.14 -3.60 -7.71
C PHE A 28 1.37 -3.73 -7.91
N PHE A 29 2.17 -3.71 -6.84
CA PHE A 29 3.63 -3.86 -6.90
C PHE A 29 4.14 -4.38 -5.54
N LYS A 30 5.04 -5.36 -5.51
CA LYS A 30 5.57 -5.91 -4.25
C LYS A 30 6.75 -5.10 -3.69
N LYS A 31 7.68 -4.67 -4.54
CA LYS A 31 8.85 -3.90 -4.13
C LYS A 31 8.46 -2.47 -3.75
N GLY A 32 9.42 -1.54 -3.65
CA GLY A 32 9.18 -0.14 -3.35
C GLY A 32 9.50 0.75 -4.55
N ASN A 33 10.63 0.56 -5.23
CA ASN A 33 11.04 1.37 -6.39
C ASN A 33 10.03 1.43 -7.54
N GLN A 34 9.29 0.36 -7.81
CA GLN A 34 8.33 0.33 -8.91
C GLN A 34 6.92 0.66 -8.42
N VAL A 35 6.74 0.93 -7.12
CA VAL A 35 5.43 1.24 -6.55
C VAL A 35 4.91 2.62 -7.00
N LYS A 36 3.59 2.81 -7.08
CA LYS A 36 2.90 4.06 -7.44
C LYS A 36 1.59 4.08 -6.65
N PRO A 37 0.92 5.23 -6.46
CA PRO A 37 -0.31 5.27 -5.69
C PRO A 37 -1.49 4.57 -6.37
N LEU A 38 -2.33 3.96 -5.54
CA LEU A 38 -3.56 3.23 -5.88
C LEU A 38 -4.76 4.15 -5.63
N LYS A 39 -5.95 3.75 -6.10
CA LYS A 39 -7.17 4.53 -5.89
C LYS A 39 -7.43 4.76 -4.39
N ILE A 40 -8.25 5.77 -4.09
CA ILE A 40 -8.64 6.15 -2.74
C ILE A 40 -9.51 5.02 -2.17
N GLY A 41 -9.33 4.68 -0.88
CA GLY A 41 -10.12 3.63 -0.25
C GLY A 41 -10.03 2.26 -0.91
N ILE A 42 -9.01 1.99 -1.73
CA ILE A 42 -8.85 0.72 -2.42
C ILE A 42 -8.94 -0.48 -1.47
N PHE A 43 -8.53 -0.35 -0.21
CA PHE A 43 -8.62 -1.47 0.72
C PHE A 43 -10.09 -1.86 0.89
N ASP A 44 -10.99 -0.88 0.98
CA ASP A 44 -12.41 -1.11 1.18
C ASP A 44 -13.04 -1.90 0.04
N ASP A 45 -12.49 -1.78 -1.16
CA ASP A 45 -12.92 -2.48 -2.36
C ASP A 45 -12.36 -3.92 -2.34
N LEU A 46 -11.06 -3.99 -2.08
CA LEU A 46 -10.19 -5.15 -2.02
C LEU A 46 -10.56 -6.14 -0.92
N ILE A 47 -10.99 -5.62 0.22
CA ILE A 47 -11.39 -6.40 1.40
C ILE A 47 -12.50 -7.37 0.99
N ASP A 48 -13.31 -7.03 -0.01
CA ASP A 48 -14.39 -7.92 -0.40
C ASP A 48 -13.86 -9.25 -0.96
N PHE A 49 -12.67 -9.24 -1.58
CA PHE A 49 -12.11 -10.48 -2.10
C PHE A 49 -11.64 -11.34 -0.91
N TYR A 50 -11.22 -10.72 0.19
CA TYR A 50 -10.80 -11.42 1.39
C TYR A 50 -12.06 -12.01 2.05
N GLU A 51 -13.22 -11.36 1.92
CA GLU A 51 -14.48 -11.85 2.48
C GLU A 51 -14.87 -13.16 1.76
N ARG A 52 -14.33 -13.39 0.56
CA ARG A 52 -14.58 -14.58 -0.24
C ARG A 52 -13.85 -15.79 0.33
N LEU A 53 -12.77 -15.63 1.10
CA LEU A 53 -12.02 -16.72 1.68
C LEU A 53 -12.88 -17.43 2.72
N ASP A 54 -13.16 -18.70 2.46
CA ASP A 54 -13.95 -19.58 3.31
C ASP A 54 -13.17 -19.86 4.59
N THR A 55 -11.84 -19.73 4.54
CA THR A 55 -10.87 -19.95 5.60
C THR A 55 -9.85 -18.80 5.57
N PRO A 56 -10.21 -17.62 6.10
CA PRO A 56 -9.32 -16.47 6.12
C PRO A 56 -8.26 -16.68 7.22
N PRO A 57 -6.95 -16.76 6.91
CA PRO A 57 -5.92 -16.95 7.93
C PRO A 57 -5.75 -15.74 8.85
N PHE A 58 -5.68 -14.54 8.28
CA PHE A 58 -5.54 -13.26 8.97
C PHE A 58 -6.88 -12.53 9.04
N SER A 59 -6.94 -11.44 9.81
CA SER A 59 -8.12 -10.58 9.96
C SER A 59 -8.10 -9.46 8.92
N LYS A 60 -9.28 -8.98 8.51
CA LYS A 60 -9.47 -7.85 7.58
C LYS A 60 -8.74 -6.63 8.17
N LYS A 61 -8.67 -6.55 9.51
CA LYS A 61 -8.00 -5.48 10.23
C LYS A 61 -6.49 -5.54 9.96
N SER A 62 -5.86 -6.70 10.14
CA SER A 62 -4.42 -6.87 9.90
C SER A 62 -4.10 -6.58 8.43
N LEU A 63 -4.96 -7.01 7.51
CA LEU A 63 -4.80 -6.79 6.08
C LEU A 63 -4.60 -5.29 5.80
N ARG A 64 -5.52 -4.45 6.28
CA ARG A 64 -5.44 -3.00 6.09
C ARG A 64 -4.20 -2.42 6.73
N GLU A 65 -3.95 -2.77 8.00
CA GLU A 65 -2.80 -2.26 8.73
C GLU A 65 -1.48 -2.56 8.01
N ALA A 66 -1.29 -3.77 7.50
CA ALA A 66 -0.06 -4.12 6.80
C ALA A 66 0.05 -3.35 5.49
N LEU A 67 -1.04 -3.21 4.72
CA LEU A 67 -1.07 -2.49 3.44
C LEU A 67 -0.58 -1.05 3.66
N SER A 68 -0.92 -0.46 4.82
CA SER A 68 -0.51 0.89 5.19
C SER A 68 1.02 1.02 5.13
N TYR A 69 1.76 0.03 5.65
CA TYR A 69 3.23 0.00 5.68
C TYR A 69 3.84 0.14 4.28
N TYR A 70 3.20 -0.42 3.25
CA TYR A 70 3.69 -0.33 1.88
C TYR A 70 3.44 1.10 1.38
N SER A 71 2.28 1.67 1.67
CA SER A 71 1.97 3.04 1.26
C SER A 71 2.73 4.08 2.11
N ALA A 72 3.45 3.63 3.14
CA ALA A 72 4.24 4.44 4.04
C ALA A 72 5.71 4.04 3.87
N SER A 73 6.03 3.29 2.80
CA SER A 73 7.41 2.88 2.54
C SER A 73 8.23 4.12 2.15
N PRO A 74 9.56 4.10 2.30
CA PRO A 74 10.36 5.24 1.93
C PRO A 74 10.22 5.48 0.43
N ALA A 75 10.30 4.41 -0.36
CA ALA A 75 10.19 4.49 -1.80
C ALA A 75 8.86 5.04 -2.29
N TYR A 76 7.73 4.63 -1.70
CA TYR A 76 6.41 5.14 -2.11
C TYR A 76 6.33 6.65 -1.94
N LEU A 77 6.71 7.14 -0.76
CA LEU A 77 6.65 8.57 -0.44
C LEU A 77 7.68 9.35 -1.27
N SER A 78 8.92 8.87 -1.32
CA SER A 78 10.00 9.50 -2.09
C SER A 78 9.58 9.58 -3.57
N CYS A 79 8.89 8.56 -4.08
CA CYS A 79 8.39 8.47 -5.45
C CYS A 79 7.17 9.35 -5.71
N GLN A 80 6.74 10.21 -4.77
CA GLN A 80 5.61 11.12 -4.94
C GLN A 80 5.57 11.70 -6.36
N LYS A 81 4.64 11.22 -7.18
CA LYS A 81 4.46 11.64 -8.55
C LYS A 81 2.99 11.97 -8.78
N PRO A 82 2.61 13.25 -8.77
CA PRO A 82 1.23 13.62 -9.04
C PRO A 82 0.99 13.41 -10.54
N ASP A 83 -0.24 13.65 -11.00
CA ASP A 83 -0.61 13.53 -12.43
C ASP A 83 -0.16 12.19 -13.03
N THR A 84 -0.22 11.11 -12.24
CA THR A 84 0.21 9.78 -12.65
C THR A 84 -0.94 8.83 -13.01
N ALA A 85 -2.21 9.21 -12.79
CA ALA A 85 -3.41 8.43 -13.11
C ALA A 85 -3.37 7.03 -12.49
N ARG A 86 -3.98 6.93 -11.31
CA ARG A 86 -4.05 5.68 -10.56
C ARG A 86 -5.15 4.81 -11.17
N VAL A 87 -5.33 3.61 -10.61
CA VAL A 87 -6.28 2.60 -11.05
C VAL A 87 -6.87 1.92 -9.81
N ASP A 88 -8.03 1.30 -10.00
CA ASP A 88 -8.77 0.56 -8.99
C ASP A 88 -8.45 -0.94 -9.13
N ILE A 89 -8.97 -1.78 -8.23
CA ILE A 89 -8.75 -3.24 -8.25
C ILE A 89 -9.39 -3.95 -9.46
N TYR A 90 -10.20 -3.24 -10.24
CA TYR A 90 -10.86 -3.72 -11.46
C TYR A 90 -10.01 -3.27 -12.68
N GLY A 91 -8.89 -2.56 -12.47
CA GLY A 91 -8.00 -2.07 -13.52
C GLY A 91 -8.54 -0.82 -14.22
N ASN A 92 -9.67 -0.27 -13.77
CA ASN A 92 -10.26 0.92 -14.37
C ASN A 92 -9.38 2.12 -14.07
N GLU A 93 -9.31 3.06 -15.01
CA GLU A 93 -8.53 4.26 -14.85
C GLU A 93 -9.36 5.20 -13.98
N VAL A 94 -8.67 5.85 -13.05
CA VAL A 94 -9.19 6.80 -12.08
C VAL A 94 -8.40 8.09 -12.24
N ASP A 95 -8.70 9.11 -11.44
CA ASP A 95 -8.10 10.43 -11.55
C ASP A 95 -6.68 10.42 -10.96
N VAL A 96 -6.05 11.59 -10.88
CA VAL A 96 -4.67 11.68 -10.43
C VAL A 96 -4.51 12.36 -9.08
N VAL A 97 -3.38 12.01 -8.46
CA VAL A 97 -3.04 12.59 -7.17
C VAL A 97 -2.66 14.04 -7.48
N THR A 98 -3.21 14.99 -6.74
CA THR A 98 -2.94 16.40 -6.94
C THR A 98 -1.47 16.70 -6.59
N PRO A 99 -0.90 17.78 -7.16
CA PRO A 99 0.48 18.15 -6.90
C PRO A 99 0.77 18.36 -5.42
N GLU A 100 -0.16 18.96 -4.67
CA GLU A 100 0.03 19.20 -3.25
C GLU A 100 -0.03 17.90 -2.45
N GLN A 101 -1.07 17.09 -2.67
CA GLN A 101 -1.20 15.85 -1.93
C GLN A 101 -0.03 14.92 -2.19
N ALA A 102 0.51 14.90 -3.40
CA ALA A 102 1.65 14.07 -3.71
C ALA A 102 2.88 14.59 -3.00
N LYS A 103 3.19 15.89 -3.10
CA LYS A 103 4.41 16.42 -2.46
C LYS A 103 4.37 16.28 -0.95
N TYR A 104 3.18 16.36 -0.33
CA TYR A 104 2.93 16.25 1.09
C TYR A 104 3.51 14.94 1.65
N ALA A 105 3.61 13.90 0.81
CA ALA A 105 4.15 12.60 1.18
C ALA A 105 5.54 12.74 1.79
N TYR A 106 6.33 13.74 1.38
CA TYR A 106 7.66 13.97 1.90
C TYR A 106 7.65 14.16 3.42
N GLN A 107 6.61 14.82 3.98
CA GLN A 107 6.53 15.04 5.41
C GLN A 107 6.45 13.71 6.15
N ARG A 108 5.79 12.73 5.54
CA ARG A 108 5.62 11.39 6.07
C ARG A 108 6.93 10.62 5.92
N TYR A 109 7.76 10.92 4.92
CA TYR A 109 9.04 10.26 4.74
C TYR A 109 9.96 10.72 5.86
N GLN A 110 10.10 12.04 6.06
CA GLN A 110 10.97 12.61 7.08
C GLN A 110 10.50 12.24 8.49
N GLU A 111 9.21 12.03 8.69
CA GLU A 111 8.70 11.71 10.00
C GLU A 111 9.34 10.47 10.63
N ARG A 112 9.45 9.44 9.80
CA ARG A 112 10.01 8.12 10.11
C ARG A 112 11.44 7.91 9.66
N TYR A 113 11.85 8.48 8.54
CA TYR A 113 13.18 8.30 7.96
C TYR A 113 14.07 9.54 8.05
N GLY A 114 13.59 10.62 8.66
CA GLY A 114 14.30 11.88 8.85
C GLY A 114 14.30 12.21 10.33
N ASN A 115 13.77 13.39 10.69
CA ASN A 115 13.66 13.87 12.07
C ASN A 115 12.69 15.04 12.10
N LYS A 116 12.38 15.55 13.29
CA LYS A 116 11.53 16.70 13.56
C LYS A 116 12.34 17.60 14.49
N LYS A 117 11.95 18.86 14.60
CA LYS A 117 12.59 19.87 15.44
C LYS A 117 11.49 20.52 16.25
N SER A 118 11.69 20.54 17.56
CA SER A 118 10.81 21.09 18.59
C SER A 118 9.41 20.45 18.54
N GLN A 119 8.59 20.83 19.52
CA GLN A 119 7.23 20.36 19.63
C GLN A 119 6.36 21.44 19.00
N ASP A 120 5.93 22.40 19.81
CA ASP A 120 5.10 23.56 19.48
C ASP A 120 5.12 24.40 20.74
N LEU A 121 4.55 23.83 21.79
CA LEU A 121 4.50 24.47 23.08
C LEU A 121 5.85 24.29 23.77
N LYS A 122 6.08 25.07 24.83
CA LYS A 122 7.29 25.05 25.64
C LYS A 122 7.06 23.96 26.69
N GLY A 1 -1.59 -17.94 14.73
CA GLY A 1 -0.31 -17.33 14.34
C GLY A 1 0.31 -18.11 13.21
N SER A 2 1.04 -17.43 12.32
CA SER A 2 1.68 -18.04 11.15
C SER A 2 3.13 -17.60 10.92
N ASN A 3 3.71 -16.88 11.89
CA ASN A 3 5.08 -16.39 11.78
C ASN A 3 6.12 -17.40 12.25
N GLN A 4 6.12 -18.60 11.68
CA GLN A 4 7.13 -19.60 12.02
C GLN A 4 8.35 -19.19 11.21
N GLN A 5 8.31 -19.36 9.89
CA GLN A 5 9.41 -19.01 8.99
C GLN A 5 9.05 -19.00 7.50
N LEU A 6 7.98 -19.69 7.09
CA LEU A 6 7.54 -19.77 5.72
C LEU A 6 6.88 -18.43 5.42
N ASN A 7 7.65 -17.55 4.82
CA ASN A 7 7.29 -16.19 4.44
C ASN A 7 7.54 -15.98 2.95
N ALA A 8 6.65 -15.24 2.30
CA ALA A 8 6.73 -14.96 0.88
C ALA A 8 7.79 -13.92 0.54
N THR A 9 8.06 -12.97 1.44
CA THR A 9 9.04 -11.90 1.23
C THR A 9 9.84 -11.66 2.51
N LYS A 10 9.20 -11.07 3.53
CA LYS A 10 9.73 -10.76 4.85
C LYS A 10 8.57 -10.28 5.71
N LYS A 11 8.44 -10.72 6.97
CA LYS A 11 7.37 -10.33 7.90
C LYS A 11 5.97 -10.69 7.40
N ASP A 12 4.99 -10.62 8.30
CA ASP A 12 3.59 -10.88 7.95
C ASP A 12 2.98 -9.68 7.26
N LYS A 13 3.36 -8.47 7.74
CA LYS A 13 2.88 -7.21 7.19
C LYS A 13 3.17 -7.14 5.70
N LEU A 14 4.41 -7.39 5.27
CA LEU A 14 4.70 -7.31 3.84
C LEU A 14 4.05 -8.46 3.08
N GLN A 15 3.79 -9.59 3.74
CA GLN A 15 3.19 -10.79 3.16
C GLN A 15 1.76 -10.52 2.64
N VAL A 16 0.90 -9.85 3.42
CA VAL A 16 -0.46 -9.60 2.94
C VAL A 16 -0.44 -8.63 1.74
N ILE A 17 0.43 -7.61 1.76
CA ILE A 17 0.54 -6.63 0.68
C ILE A 17 1.12 -7.33 -0.55
N ASP A 18 2.11 -8.21 -0.37
CA ASP A 18 2.72 -8.92 -1.48
C ASP A 18 1.74 -9.88 -2.12
N TRP A 19 0.85 -10.50 -1.32
CA TRP A 19 -0.14 -11.43 -1.83
C TRP A 19 -1.10 -10.67 -2.72
N LEU A 20 -1.72 -9.59 -2.22
CA LEU A 20 -2.67 -8.83 -3.03
C LEU A 20 -2.02 -8.29 -4.31
N ILE A 21 -0.73 -7.94 -4.26
CA ILE A 21 0.00 -7.43 -5.42
C ILE A 21 0.07 -8.53 -6.48
N GLU A 22 0.40 -9.77 -6.12
CA GLU A 22 0.48 -10.86 -7.08
C GLU A 22 -0.91 -11.40 -7.46
N ASN A 23 -1.90 -11.25 -6.58
CA ASN A 23 -3.27 -11.73 -6.80
C ASN A 23 -3.92 -10.96 -7.93
N PHE A 24 -3.74 -9.65 -7.88
CA PHE A 24 -4.23 -8.66 -8.84
C PHE A 24 -3.02 -7.94 -9.46
N PRO A 25 -2.35 -8.54 -10.46
CA PRO A 25 -1.19 -7.96 -11.12
C PRO A 25 -1.57 -7.00 -12.26
N ASN A 26 -2.75 -6.39 -12.27
CA ASN A 26 -3.13 -5.49 -13.37
C ASN A 26 -2.50 -4.12 -13.19
N ALA A 27 -2.14 -3.80 -11.96
CA ALA A 27 -1.47 -2.60 -11.55
C ALA A 27 -1.10 -2.76 -10.09
N PHE A 28 0.19 -2.75 -9.78
CA PHE A 28 0.75 -2.85 -8.44
C PHE A 28 2.28 -2.78 -8.48
N PHE A 29 2.94 -2.58 -7.33
CA PHE A 29 4.41 -2.51 -7.20
C PHE A 29 4.83 -2.89 -5.79
N LYS A 30 6.05 -3.43 -5.62
CA LYS A 30 6.61 -3.86 -4.34
C LYS A 30 7.66 -2.88 -3.82
N LYS A 31 8.69 -2.56 -4.60
CA LYS A 31 9.73 -1.64 -4.13
C LYS A 31 9.12 -0.26 -4.04
N GLY A 32 9.15 0.36 -2.86
CA GLY A 32 8.62 1.70 -2.61
C GLY A 32 9.14 2.72 -3.62
N ASN A 33 10.38 2.56 -4.10
CA ASN A 33 10.97 3.47 -5.08
C ASN A 33 10.22 3.53 -6.40
N GLN A 34 9.44 2.50 -6.75
CA GLN A 34 8.65 2.42 -7.98
C GLN A 34 7.14 2.38 -7.69
N VAL A 35 6.72 2.59 -6.45
CA VAL A 35 5.30 2.55 -6.10
C VAL A 35 4.49 3.62 -6.84
N LYS A 36 3.45 3.21 -7.56
CA LYS A 36 2.58 4.14 -8.31
C LYS A 36 1.35 4.49 -7.47
N PRO A 37 0.70 5.64 -7.71
CA PRO A 37 -0.48 6.04 -6.98
C PRO A 37 -1.68 5.17 -7.38
N LEU A 38 -2.39 4.58 -6.42
CA LEU A 38 -3.56 3.72 -6.66
C LEU A 38 -4.87 4.49 -6.42
N LYS A 39 -5.99 3.92 -6.87
CA LYS A 39 -7.35 4.46 -6.73
C LYS A 39 -7.69 4.75 -5.27
N ILE A 40 -8.49 5.78 -5.02
CA ILE A 40 -8.94 6.12 -3.67
C ILE A 40 -9.91 5.00 -3.26
N GLY A 41 -9.71 4.41 -2.08
CA GLY A 41 -10.57 3.35 -1.56
C GLY A 41 -10.26 1.97 -2.12
N ILE A 42 -9.16 1.78 -2.84
CA ILE A 42 -8.73 0.52 -3.45
C ILE A 42 -8.69 -0.67 -2.48
N PHE A 43 -8.52 -0.42 -1.18
CA PHE A 43 -8.52 -1.49 -0.20
C PHE A 43 -9.90 -2.14 -0.17
N ASP A 44 -10.97 -1.35 -0.27
CA ASP A 44 -12.35 -1.83 -0.21
C ASP A 44 -12.72 -2.69 -1.41
N ASP A 45 -12.08 -2.42 -2.55
CA ASP A 45 -12.30 -3.17 -3.77
C ASP A 45 -11.55 -4.50 -3.68
N LEU A 46 -10.27 -4.42 -3.29
CA LEU A 46 -9.37 -5.55 -3.16
C LEU A 46 -9.82 -6.52 -2.08
N ILE A 47 -10.25 -6.02 -0.93
CA ILE A 47 -10.67 -6.89 0.17
C ILE A 47 -11.79 -7.81 -0.31
N ASP A 48 -12.63 -7.31 -1.21
CA ASP A 48 -13.74 -8.08 -1.76
C ASP A 48 -13.20 -9.34 -2.45
N PHE A 49 -12.03 -9.24 -3.08
CA PHE A 49 -11.39 -10.36 -3.75
C PHE A 49 -10.74 -11.28 -2.71
N TYR A 50 -10.28 -10.77 -1.56
CA TYR A 50 -9.70 -11.57 -0.46
C TYR A 50 -10.84 -12.40 0.16
N GLU A 51 -12.06 -11.87 0.19
CA GLU A 51 -13.25 -12.53 0.71
C GLU A 51 -13.64 -13.69 -0.21
N ARG A 52 -13.08 -13.73 -1.41
CA ARG A 52 -13.35 -14.76 -2.40
C ARG A 52 -12.61 -16.07 -2.13
N LEU A 53 -11.47 -16.04 -1.42
CA LEU A 53 -10.66 -17.20 -1.06
C LEU A 53 -11.48 -18.20 -0.27
N ASP A 54 -11.13 -19.46 -0.43
CA ASP A 54 -11.77 -20.60 0.24
C ASP A 54 -11.23 -20.76 1.67
N THR A 55 -9.96 -20.42 1.88
CA THR A 55 -9.28 -20.52 3.17
C THR A 55 -8.54 -19.21 3.48
N PRO A 56 -9.27 -18.14 3.83
CA PRO A 56 -8.69 -16.84 4.14
C PRO A 56 -7.76 -16.91 5.36
N PRO A 57 -6.48 -16.51 5.27
CA PRO A 57 -5.56 -16.54 6.39
C PRO A 57 -5.85 -15.38 7.37
N PHE A 58 -5.08 -14.29 7.35
CA PHE A 58 -5.30 -13.14 8.22
C PHE A 58 -6.58 -12.42 7.77
N SER A 59 -7.17 -11.61 8.65
CA SER A 59 -8.40 -10.87 8.40
C SER A 59 -8.13 -9.50 7.76
N LYS A 60 -9.20 -8.90 7.23
CA LYS A 60 -9.20 -7.59 6.57
C LYS A 60 -8.53 -6.49 7.37
N LYS A 61 -8.58 -6.54 8.69
CA LYS A 61 -7.96 -5.51 9.52
C LYS A 61 -6.46 -5.53 9.28
N SER A 62 -5.83 -6.72 9.35
CA SER A 62 -4.41 -6.89 9.13
C SER A 62 -4.05 -6.43 7.73
N LEU A 63 -4.87 -6.78 6.73
CA LEU A 63 -4.64 -6.39 5.34
C LEU A 63 -4.58 -4.87 5.25
N ARG A 64 -5.59 -4.15 5.77
CA ARG A 64 -5.62 -2.69 5.75
C ARG A 64 -4.46 -2.10 6.54
N GLU A 65 -4.15 -2.64 7.73
CA GLU A 65 -3.06 -2.16 8.58
C GLU A 65 -1.74 -2.25 7.83
N ALA A 66 -1.52 -3.33 7.09
CA ALA A 66 -0.31 -3.52 6.33
C ALA A 66 -0.29 -2.56 5.16
N LEU A 67 -1.36 -2.54 4.34
CA LEU A 67 -1.46 -1.68 3.17
C LEU A 67 -1.26 -0.20 3.54
N SER A 68 -1.72 0.22 4.72
CA SER A 68 -1.57 1.60 5.13
C SER A 68 -0.10 2.00 5.27
N TYR A 69 0.79 1.07 5.66
CA TYR A 69 2.23 1.35 5.79
C TYR A 69 2.79 1.75 4.43
N TYR A 70 2.41 1.03 3.36
CA TYR A 70 2.87 1.34 2.01
C TYR A 70 2.36 2.70 1.59
N SER A 71 1.08 3.00 1.83
CA SER A 71 0.56 4.33 1.47
C SER A 71 1.16 5.46 2.34
N ALA A 72 1.84 5.09 3.42
CA ALA A 72 2.50 5.97 4.37
C ALA A 72 4.03 5.86 4.19
N SER A 73 4.49 5.20 3.12
CA SER A 73 5.93 5.04 2.88
C SER A 73 6.55 6.39 2.53
N PRO A 74 7.87 6.57 2.73
CA PRO A 74 8.52 7.84 2.43
C PRO A 74 8.45 8.12 0.94
N ALA A 75 8.84 7.13 0.12
CA ALA A 75 8.84 7.25 -1.32
C ALA A 75 7.49 7.65 -1.87
N TYR A 76 6.40 7.00 -1.45
CA TYR A 76 5.07 7.34 -1.95
C TYR A 76 4.72 8.80 -1.65
N LEU A 77 4.88 9.22 -0.40
CA LEU A 77 4.53 10.59 -0.01
C LEU A 77 5.43 11.60 -0.71
N SER A 78 6.74 11.37 -0.72
CA SER A 78 7.71 12.25 -1.37
C SER A 78 7.40 12.35 -2.89
N CYS A 79 6.89 11.28 -3.50
CA CYS A 79 6.49 11.18 -4.90
C CYS A 79 5.18 11.95 -5.16
N GLN A 80 4.62 12.67 -4.19
CA GLN A 80 3.40 13.48 -4.28
C GLN A 80 3.25 14.17 -5.64
N LYS A 81 2.49 13.57 -6.57
CA LYS A 81 2.28 14.07 -7.91
C LYS A 81 0.78 14.04 -8.25
N PRO A 82 0.14 15.21 -8.40
CA PRO A 82 -1.27 15.32 -8.77
C PRO A 82 -1.42 15.11 -10.27
N ASP A 83 -2.67 15.16 -10.76
CA ASP A 83 -3.01 15.02 -12.20
C ASP A 83 -2.39 13.78 -12.83
N THR A 84 -2.27 12.71 -12.04
CA THR A 84 -1.65 11.44 -12.40
C THR A 84 -2.54 10.31 -12.95
N ALA A 85 -3.87 10.37 -12.85
CA ALA A 85 -4.78 9.31 -13.36
C ALA A 85 -4.42 7.91 -12.87
N ARG A 86 -4.86 7.62 -11.66
CA ARG A 86 -4.59 6.30 -11.06
C ARG A 86 -5.42 5.24 -11.77
N VAL A 87 -5.23 4.00 -11.33
CA VAL A 87 -5.91 2.84 -11.85
C VAL A 87 -6.44 2.02 -10.66
N ASP A 88 -7.45 1.18 -10.95
CA ASP A 88 -8.15 0.30 -10.04
C ASP A 88 -7.51 -1.09 -10.04
N ILE A 89 -8.02 -2.03 -9.21
CA ILE A 89 -7.49 -3.40 -9.15
C ILE A 89 -7.55 -4.13 -10.50
N TYR A 90 -8.50 -3.78 -11.37
CA TYR A 90 -8.64 -4.37 -12.70
C TYR A 90 -7.66 -3.72 -13.69
N GLY A 91 -7.01 -2.62 -13.29
CA GLY A 91 -6.07 -1.86 -14.07
C GLY A 91 -6.74 -0.78 -14.92
N ASN A 92 -8.05 -0.58 -14.76
CA ASN A 92 -8.83 0.43 -15.48
C ASN A 92 -8.57 1.77 -14.85
N GLU A 93 -8.76 2.82 -15.63
CA GLU A 93 -8.55 4.17 -15.20
C GLU A 93 -9.60 4.65 -14.20
N VAL A 94 -9.12 5.50 -13.30
CA VAL A 94 -9.81 6.19 -12.23
C VAL A 94 -9.39 7.66 -12.26
N ASP A 95 -9.89 8.50 -11.37
CA ASP A 95 -9.60 9.93 -11.41
C ASP A 95 -8.21 10.26 -10.86
N VAL A 96 -7.88 11.55 -10.83
CA VAL A 96 -6.57 12.04 -10.42
C VAL A 96 -6.61 12.76 -9.09
N VAL A 97 -5.44 12.82 -8.45
CA VAL A 97 -5.33 13.52 -7.17
C VAL A 97 -5.19 15.01 -7.50
N THR A 98 -5.91 15.88 -6.79
CA THR A 98 -5.81 17.32 -7.03
C THR A 98 -4.47 17.81 -6.46
N PRO A 99 -3.94 18.97 -6.89
CA PRO A 99 -2.65 19.48 -6.39
C PRO A 99 -2.59 19.65 -4.87
N GLU A 100 -3.64 20.23 -4.28
CA GLU A 100 -3.73 20.48 -2.84
C GLU A 100 -3.65 19.16 -2.07
N GLN A 101 -4.40 18.14 -2.50
CA GLN A 101 -4.41 16.84 -1.84
C GLN A 101 -3.08 16.10 -2.07
N ALA A 102 -2.49 16.21 -3.26
CA ALA A 102 -1.24 15.54 -3.55
C ALA A 102 -0.16 16.09 -2.62
N LYS A 103 -0.04 17.42 -2.54
CA LYS A 103 0.97 18.04 -1.69
C LYS A 103 0.75 17.75 -0.22
N TYR A 104 -0.50 17.52 0.20
CA TYR A 104 -0.89 17.24 1.58
C TYR A 104 -0.08 16.09 2.14
N ALA A 105 0.39 15.18 1.28
CA ALA A 105 1.21 14.03 1.64
C ALA A 105 2.47 14.45 2.41
N TYR A 106 2.99 15.67 2.19
CA TYR A 106 4.19 16.18 2.85
C TYR A 106 4.07 16.16 4.37
N GLN A 107 2.90 16.50 4.92
CA GLN A 107 2.67 16.52 6.36
C GLN A 107 2.99 15.13 6.91
N ARG A 108 2.44 14.11 6.27
CA ARG A 108 2.61 12.72 6.64
C ARG A 108 4.08 12.32 6.56
N TYR A 109 4.83 12.82 5.57
CA TYR A 109 6.24 12.50 5.45
C TYR A 109 7.00 13.12 6.62
N GLN A 110 6.87 14.42 6.88
CA GLN A 110 7.59 15.06 7.97
C GLN A 110 7.20 14.46 9.33
N GLU A 111 5.97 13.98 9.48
CA GLU A 111 5.49 13.41 10.73
C GLU A 111 6.32 12.21 11.17
N ARG A 112 6.63 11.31 10.23
CA ARG A 112 7.38 10.08 10.47
C ARG A 112 8.83 10.07 10.01
N TYR A 113 9.21 10.93 9.09
CA TYR A 113 10.55 11.00 8.54
C TYR A 113 11.21 12.37 8.74
N GLY A 114 10.51 13.29 9.40
CA GLY A 114 10.98 14.66 9.68
C GLY A 114 10.92 15.06 11.16
N ASN A 115 11.06 14.11 12.09
CA ASN A 115 11.03 14.37 13.55
C ASN A 115 12.23 13.73 14.26
N LYS A 116 12.54 14.09 15.50
CA LYS A 116 13.65 13.53 16.28
C LYS A 116 13.13 12.99 17.60
N LYS A 117 12.88 11.69 17.63
CA LYS A 117 12.39 11.03 18.83
C LYS A 117 13.59 10.73 19.73
N SER A 118 13.31 10.34 20.97
CA SER A 118 14.30 10.02 21.98
C SER A 118 15.11 8.79 21.56
N GLN A 119 14.43 7.66 21.36
CA GLN A 119 15.06 6.40 20.97
C GLN A 119 15.64 6.51 19.55
N ASP A 120 16.50 5.55 19.19
CA ASP A 120 17.17 5.48 17.90
C ASP A 120 16.23 5.25 16.72
N LEU A 121 16.75 5.53 15.55
CA LEU A 121 16.04 5.38 14.28
C LEU A 121 17.00 5.32 13.10
N LYS A 122 16.53 4.70 12.02
CA LYS A 122 17.27 4.53 10.78
C LYS A 122 17.04 5.81 10.00
N GLY A 1 -6.08 -3.47 16.27
CA GLY A 1 -6.82 -4.70 16.51
C GLY A 1 -6.31 -5.78 15.58
N SER A 2 -5.96 -6.95 16.13
CA SER A 2 -5.45 -8.09 15.40
C SER A 2 -5.79 -9.35 16.23
N ASN A 3 -5.55 -10.53 15.68
CA ASN A 3 -5.81 -11.81 16.35
C ASN A 3 -4.44 -12.42 16.66
N GLN A 4 -3.85 -13.17 15.73
CA GLN A 4 -2.55 -13.82 15.84
C GLN A 4 -1.69 -13.53 14.61
N GLN A 5 -0.45 -14.05 14.58
CA GLN A 5 0.49 -13.88 13.47
C GLN A 5 0.80 -15.28 12.92
N LEU A 6 0.71 -15.43 11.61
CA LEU A 6 0.95 -16.70 10.93
C LEU A 6 2.42 -16.86 10.54
N ASN A 7 2.95 -15.92 9.76
CA ASN A 7 4.32 -15.85 9.25
C ASN A 7 4.84 -17.15 8.62
N ALA A 8 4.23 -17.52 7.50
CA ALA A 8 4.49 -18.69 6.67
C ALA A 8 5.95 -18.84 6.27
N THR A 9 6.50 -17.83 5.60
CA THR A 9 7.87 -17.86 5.11
C THR A 9 8.59 -16.56 5.43
N LYS A 10 9.10 -16.45 6.66
CA LYS A 10 9.87 -15.34 7.26
C LYS A 10 9.27 -13.92 7.23
N LYS A 11 8.79 -13.41 6.08
CA LYS A 11 8.20 -12.08 5.90
C LYS A 11 6.68 -12.20 5.77
N ASP A 12 5.95 -12.13 6.89
CA ASP A 12 4.50 -12.25 6.92
C ASP A 12 3.75 -11.07 6.29
N LYS A 13 4.34 -9.87 6.26
CA LYS A 13 3.67 -8.71 5.67
C LYS A 13 3.75 -8.86 4.15
N LEU A 14 4.95 -9.15 3.63
CA LEU A 14 5.17 -9.30 2.20
C LEU A 14 4.34 -10.42 1.59
N GLN A 15 4.04 -11.46 2.37
CA GLN A 15 3.28 -12.62 1.92
C GLN A 15 1.88 -12.23 1.41
N VAL A 16 1.15 -11.41 2.17
CA VAL A 16 -0.19 -11.00 1.74
C VAL A 16 -0.12 -9.98 0.61
N ILE A 17 0.86 -9.07 0.63
CA ILE A 17 1.01 -8.04 -0.38
C ILE A 17 1.36 -8.69 -1.73
N ASP A 18 2.20 -9.72 -1.75
CA ASP A 18 2.55 -10.38 -3.01
C ASP A 18 1.34 -11.10 -3.60
N TRP A 19 0.53 -11.71 -2.73
CA TRP A 19 -0.66 -12.44 -3.19
C TRP A 19 -1.61 -11.46 -3.89
N LEU A 20 -1.97 -10.37 -3.22
CA LEU A 20 -2.87 -9.39 -3.81
C LEU A 20 -2.27 -8.75 -5.07
N ILE A 21 -0.95 -8.54 -5.13
CA ILE A 21 -0.26 -7.98 -6.29
C ILE A 21 -0.41 -8.94 -7.48
N GLU A 22 -0.11 -10.21 -7.25
CA GLU A 22 -0.16 -11.28 -8.22
C GLU A 22 -1.57 -11.54 -8.74
N ASN A 23 -2.55 -11.50 -7.84
CA ASN A 23 -3.95 -11.76 -8.20
C ASN A 23 -4.51 -10.74 -9.17
N PHE A 24 -4.25 -9.47 -8.92
CA PHE A 24 -4.72 -8.34 -9.74
C PHE A 24 -3.59 -7.77 -10.60
N PRO A 25 -3.25 -8.40 -11.75
CA PRO A 25 -2.20 -7.92 -12.63
C PRO A 25 -2.65 -6.70 -13.45
N ASN A 26 -3.78 -6.05 -13.15
CA ASN A 26 -4.23 -4.91 -13.93
C ASN A 26 -3.46 -3.66 -13.52
N ALA A 27 -2.87 -3.64 -12.32
CA ALA A 27 -2.09 -2.53 -11.78
C ALA A 27 -1.58 -2.89 -10.39
N PHE A 28 -0.27 -2.94 -10.18
CA PHE A 28 0.45 -3.20 -8.95
C PHE A 28 1.95 -3.10 -9.23
N PHE A 29 2.79 -3.08 -8.18
CA PHE A 29 4.25 -3.01 -8.28
C PHE A 29 4.84 -3.59 -7.01
N LYS A 30 5.97 -4.30 -7.11
CA LYS A 30 6.62 -4.92 -5.95
C LYS A 30 7.80 -4.08 -5.48
N LYS A 31 8.73 -3.70 -6.36
CA LYS A 31 9.89 -2.91 -5.94
C LYS A 31 9.49 -1.46 -5.72
N GLY A 32 10.01 -0.88 -4.64
CA GLY A 32 9.76 0.52 -4.30
C GLY A 32 10.27 1.43 -5.42
N ASN A 33 11.34 1.02 -6.13
CA ASN A 33 11.90 1.79 -7.23
C ASN A 33 10.94 1.97 -8.41
N GLN A 34 9.92 1.11 -8.57
CA GLN A 34 8.92 1.18 -9.63
C GLN A 34 7.50 1.42 -9.08
N VAL A 35 7.34 1.54 -7.76
CA VAL A 35 6.03 1.75 -7.14
C VAL A 35 5.40 3.08 -7.55
N LYS A 36 4.07 3.11 -7.56
CA LYS A 36 3.21 4.24 -7.89
C LYS A 36 2.01 4.20 -6.94
N PRO A 37 1.31 5.32 -6.71
CA PRO A 37 0.14 5.33 -5.85
C PRO A 37 -1.02 4.63 -6.57
N LEU A 38 -1.95 4.09 -5.79
CA LEU A 38 -3.15 3.37 -6.24
C LEU A 38 -4.38 4.13 -5.77
N LYS A 39 -5.56 3.77 -6.30
CA LYS A 39 -6.82 4.41 -5.92
C LYS A 39 -7.02 4.35 -4.39
N ILE A 40 -7.67 5.36 -3.85
CA ILE A 40 -7.96 5.45 -2.43
C ILE A 40 -8.98 4.35 -2.08
N GLY A 41 -8.75 3.62 -0.99
CA GLY A 41 -9.65 2.56 -0.57
C GLY A 41 -9.58 1.30 -1.45
N ILE A 42 -8.54 1.15 -2.29
CA ILE A 42 -8.35 0.01 -3.19
C ILE A 42 -8.43 -1.35 -2.44
N PHE A 43 -8.13 -1.42 -1.13
CA PHE A 43 -8.23 -2.68 -0.38
C PHE A 43 -9.70 -3.05 -0.20
N ASP A 44 -10.58 -2.07 0.04
CA ASP A 44 -11.99 -2.35 0.27
C ASP A 44 -12.61 -2.96 -0.97
N ASP A 45 -12.11 -2.61 -2.16
CA ASP A 45 -12.59 -3.18 -3.41
C ASP A 45 -12.00 -4.57 -3.60
N LEU A 46 -10.69 -4.71 -3.35
CA LEU A 46 -9.87 -5.92 -3.49
C LEU A 46 -10.26 -7.04 -2.53
N ILE A 47 -10.67 -6.73 -1.32
CA ILE A 47 -11.06 -7.74 -0.33
C ILE A 47 -12.23 -8.57 -0.87
N ASP A 48 -13.00 -8.03 -1.82
CA ASP A 48 -14.12 -8.79 -2.39
C ASP A 48 -13.59 -10.10 -2.99
N PHE A 49 -12.43 -9.95 -3.64
CA PHE A 49 -11.67 -11.01 -4.29
C PHE A 49 -11.12 -12.01 -3.26
N TYR A 50 -10.84 -11.56 -2.04
CA TYR A 50 -10.33 -12.38 -0.94
C TYR A 50 -11.49 -13.26 -0.46
N GLU A 51 -12.72 -12.74 -0.48
CA GLU A 51 -13.89 -13.50 -0.04
C GLU A 51 -14.18 -14.63 -1.03
N ARG A 52 -13.64 -14.55 -2.25
CA ARG A 52 -13.81 -15.56 -3.29
C ARG A 52 -12.95 -16.79 -3.00
N LEU A 53 -11.86 -16.65 -2.26
CA LEU A 53 -10.94 -17.72 -1.93
C LEU A 53 -11.60 -18.80 -1.11
N ASP A 54 -11.43 -20.04 -1.57
CA ASP A 54 -11.96 -21.24 -0.91
C ASP A 54 -11.16 -21.55 0.36
N THR A 55 -9.90 -21.11 0.42
CA THR A 55 -8.97 -21.32 1.54
C THR A 55 -8.06 -20.10 1.72
N PRO A 56 -8.54 -19.04 2.39
CA PRO A 56 -7.75 -17.85 2.64
C PRO A 56 -6.67 -18.19 3.69
N PRO A 57 -5.37 -17.98 3.43
CA PRO A 57 -4.32 -18.28 4.40
C PRO A 57 -4.40 -17.36 5.61
N PHE A 58 -4.32 -16.03 5.42
CA PHE A 58 -4.39 -15.00 6.45
C PHE A 58 -5.81 -14.43 6.47
N SER A 59 -6.18 -13.70 7.52
CA SER A 59 -7.48 -13.06 7.65
C SER A 59 -7.43 -11.65 7.02
N LYS A 60 -8.59 -11.18 6.54
CA LYS A 60 -8.82 -9.88 5.90
C LYS A 60 -8.21 -8.67 6.62
N LYS A 61 -8.22 -8.59 7.96
CA LYS A 61 -7.62 -7.42 8.64
C LYS A 61 -6.12 -7.38 8.37
N SER A 62 -5.42 -8.52 8.47
CA SER A 62 -3.98 -8.58 8.24
C SER A 62 -3.66 -8.12 6.81
N LEU A 63 -4.53 -8.43 5.85
CA LEU A 63 -4.38 -8.06 4.44
C LEU A 63 -4.20 -6.53 4.35
N ARG A 64 -5.11 -5.77 4.95
CA ARG A 64 -5.06 -4.30 4.93
C ARG A 64 -3.90 -3.75 5.75
N GLU A 65 -3.64 -4.30 6.93
CA GLU A 65 -2.56 -3.83 7.79
C GLU A 65 -1.24 -3.88 7.01
N ALA A 66 -0.94 -5.02 6.37
CA ALA A 66 0.27 -5.16 5.59
C ALA A 66 0.27 -4.22 4.38
N LEU A 67 -0.87 -4.02 3.72
CA LEU A 67 -0.99 -3.13 2.57
C LEU A 67 -0.63 -1.69 2.94
N SER A 68 -0.84 -1.30 4.20
CA SER A 68 -0.52 0.02 4.72
C SER A 68 0.99 0.15 4.84
N TYR A 69 1.67 -0.95 5.16
CA TYR A 69 3.12 -1.06 5.30
C TYR A 69 3.82 -0.72 4.00
N TYR A 70 3.25 -1.17 2.87
CA TYR A 70 3.82 -0.91 1.55
C TYR A 70 3.77 0.57 1.24
N SER A 71 2.62 1.22 1.43
CA SER A 71 2.48 2.65 1.20
C SER A 71 3.32 3.48 2.18
N ALA A 72 3.92 2.87 3.21
CA ALA A 72 4.77 3.56 4.17
C ALA A 72 6.24 3.38 3.74
N SER A 73 6.52 2.67 2.64
CA SER A 73 7.89 2.44 2.14
C SER A 73 8.56 3.79 1.83
N PRO A 74 9.90 3.89 1.89
CA PRO A 74 10.60 5.14 1.62
C PRO A 74 10.40 5.55 0.17
N ALA A 75 10.68 4.65 -0.76
CA ALA A 75 10.56 4.90 -2.19
C ALA A 75 9.14 5.32 -2.58
N TYR A 76 8.10 4.73 -1.98
CA TYR A 76 6.71 5.10 -2.31
C TYR A 76 6.47 6.56 -1.94
N LEU A 77 6.91 6.98 -0.75
CA LEU A 77 6.72 8.36 -0.30
C LEU A 77 7.54 9.28 -1.18
N SER A 78 8.80 8.91 -1.40
CA SER A 78 9.74 9.63 -2.23
C SER A 78 9.20 9.73 -3.68
N CYS A 79 8.34 8.82 -4.13
CA CYS A 79 7.76 8.80 -5.47
C CYS A 79 6.66 9.87 -5.63
N GLN A 80 6.39 10.69 -4.60
CA GLN A 80 5.41 11.77 -4.57
C GLN A 80 5.37 12.57 -5.89
N LYS A 81 4.42 12.25 -6.77
CA LYS A 81 4.26 12.92 -8.03
C LYS A 81 2.79 13.23 -8.22
N PRO A 82 2.34 14.47 -7.95
CA PRO A 82 0.94 14.82 -8.15
C PRO A 82 0.68 14.71 -9.66
N ASP A 83 -0.59 14.71 -10.06
CA ASP A 83 -1.00 14.58 -11.47
C ASP A 83 -0.43 13.29 -12.08
N THR A 84 -0.94 12.14 -11.64
CA THR A 84 -0.51 10.82 -12.13
C THR A 84 -1.66 9.90 -12.56
N ALA A 85 -2.92 10.20 -12.19
CA ALA A 85 -4.12 9.43 -12.52
C ALA A 85 -3.98 7.97 -12.08
N ARG A 86 -4.35 7.73 -10.83
CA ARG A 86 -4.25 6.38 -10.26
C ARG A 86 -5.29 5.46 -10.92
N VAL A 87 -5.22 4.18 -10.56
CA VAL A 87 -6.10 3.15 -11.05
C VAL A 87 -6.53 2.23 -9.91
N ASP A 88 -7.65 1.55 -10.10
CA ASP A 88 -8.25 0.59 -9.18
C ASP A 88 -7.84 -0.83 -9.55
N ILE A 89 -8.32 -1.86 -8.84
CA ILE A 89 -8.03 -3.27 -9.08
C ILE A 89 -8.37 -3.73 -10.49
N TYR A 90 -9.37 -3.12 -11.12
CA TYR A 90 -9.82 -3.45 -12.46
C TYR A 90 -9.07 -2.64 -13.52
N GLY A 91 -8.07 -1.85 -13.14
CA GLY A 91 -7.30 -1.04 -14.07
C GLY A 91 -8.08 0.23 -14.48
N ASN A 92 -9.27 0.46 -13.95
CA ASN A 92 -10.07 1.64 -14.26
C ASN A 92 -9.36 2.87 -13.73
N GLU A 93 -9.26 3.88 -14.58
CA GLU A 93 -8.60 5.13 -14.24
C GLU A 93 -9.50 5.99 -13.35
N VAL A 94 -8.85 6.61 -12.38
CA VAL A 94 -9.35 7.48 -11.33
C VAL A 94 -8.64 8.82 -11.41
N ASP A 95 -8.97 9.71 -10.47
CA ASP A 95 -8.45 11.07 -10.43
C ASP A 95 -7.01 11.02 -9.92
N VAL A 96 -6.40 12.17 -9.69
CA VAL A 96 -4.99 12.25 -9.32
C VAL A 96 -4.74 12.72 -7.90
N VAL A 97 -3.47 12.57 -7.47
CA VAL A 97 -3.09 13.04 -6.14
C VAL A 97 -2.93 14.56 -6.27
N THR A 98 -3.49 15.32 -5.32
CA THR A 98 -3.40 16.78 -5.31
C THR A 98 -1.96 17.18 -4.94
N PRO A 99 -1.51 18.40 -5.27
CA PRO A 99 -0.15 18.85 -5.01
C PRO A 99 0.28 18.79 -3.54
N GLU A 100 -0.47 19.42 -2.64
CA GLU A 100 -0.13 19.45 -1.23
C GLU A 100 -0.16 18.04 -0.63
N GLN A 101 -1.16 17.23 -0.98
CA GLN A 101 -1.27 15.86 -0.47
C GLN A 101 -0.12 14.99 -1.00
N ALA A 102 0.39 15.24 -2.22
CA ALA A 102 1.48 14.46 -2.77
C ALA A 102 2.79 14.85 -2.05
N LYS A 103 3.12 16.15 -1.96
CA LYS A 103 4.35 16.60 -1.30
C LYS A 103 4.40 16.24 0.16
N TYR A 104 3.26 16.13 0.84
CA TYR A 104 3.14 15.78 2.26
C TYR A 104 3.88 14.47 2.51
N ALA A 105 4.02 13.59 1.51
CA ALA A 105 4.73 12.34 1.65
C ALA A 105 6.16 12.52 2.18
N TYR A 106 6.81 13.66 1.90
CA TYR A 106 8.17 13.93 2.37
C TYR A 106 8.21 13.91 3.90
N GLN A 107 7.18 14.48 4.54
CA GLN A 107 7.07 14.57 5.98
C GLN A 107 7.01 13.15 6.52
N ARG A 108 6.17 12.33 5.89
CA ARG A 108 5.99 10.93 6.25
C ARG A 108 7.30 10.16 6.07
N TYR A 109 8.13 10.50 5.09
CA TYR A 109 9.40 9.82 4.88
C TYR A 109 10.29 10.13 6.09
N GLN A 110 10.49 11.41 6.41
CA GLN A 110 11.35 11.80 7.54
C GLN A 110 10.81 11.27 8.87
N GLU A 111 9.50 11.07 9.00
CA GLU A 111 8.90 10.57 10.25
C GLU A 111 9.59 9.27 10.68
N ARG A 112 9.86 8.36 9.73
CA ARG A 112 10.52 7.07 9.99
C ARG A 112 11.96 6.97 9.51
N TYR A 113 12.23 7.44 8.30
CA TYR A 113 13.53 7.38 7.63
C TYR A 113 14.42 8.61 7.85
N GLY A 114 13.97 9.58 8.66
CA GLY A 114 14.68 10.80 8.96
C GLY A 114 14.53 11.14 10.44
N ASN A 115 14.84 12.39 10.79
CA ASN A 115 14.74 12.90 12.16
C ASN A 115 13.75 14.08 12.20
N LYS A 116 13.31 14.46 13.40
CA LYS A 116 12.38 15.53 13.78
C LYS A 116 11.06 15.52 13.00
N LYS A 117 10.15 16.43 13.36
CA LYS A 117 8.85 16.55 12.71
C LYS A 117 8.26 17.94 12.89
N SER A 118 7.20 18.21 12.15
CA SER A 118 6.45 19.44 12.17
C SER A 118 5.67 19.44 13.49
N GLN A 119 6.17 20.15 14.49
CA GLN A 119 5.52 20.23 15.79
C GLN A 119 5.90 21.57 16.42
N ASP A 120 4.87 22.38 16.68
CA ASP A 120 4.96 23.71 17.28
C ASP A 120 4.61 23.59 18.76
N LEU A 121 4.63 24.69 19.52
CA LEU A 121 4.29 24.66 20.94
C LEU A 121 2.79 24.96 21.05
N LYS A 122 2.16 24.44 22.11
CA LYS A 122 0.74 24.58 22.43
C LYS A 122 -0.17 24.21 21.27
N GLY A 1 6.28 -24.13 -16.74
CA GLY A 1 6.81 -24.03 -15.37
C GLY A 1 7.28 -22.61 -15.09
N SER A 2 6.80 -22.03 -14.01
CA SER A 2 7.11 -20.70 -13.53
C SER A 2 7.28 -20.76 -12.00
N ASN A 3 7.72 -19.67 -11.37
CA ASN A 3 7.91 -19.61 -9.92
C ASN A 3 6.57 -19.86 -9.22
N GLN A 4 6.53 -20.69 -8.18
CA GLN A 4 5.33 -21.03 -7.42
C GLN A 4 5.67 -21.05 -5.94
N GLN A 5 4.84 -20.38 -5.13
CA GLN A 5 4.93 -20.24 -3.69
C GLN A 5 3.56 -19.79 -3.20
N LEU A 6 3.35 -19.79 -1.89
CA LEU A 6 2.12 -19.38 -1.22
C LEU A 6 2.48 -19.18 0.25
N ASN A 7 1.59 -18.53 1.00
CA ASN A 7 1.64 -18.20 2.42
C ASN A 7 3.08 -18.05 2.93
N ALA A 8 3.74 -16.93 2.58
CA ALA A 8 5.12 -16.60 2.97
C ALA A 8 5.32 -16.78 4.47
N THR A 9 5.89 -17.92 4.85
CA THR A 9 6.17 -18.29 6.21
C THR A 9 7.51 -17.68 6.59
N LYS A 10 7.55 -16.34 6.64
CA LYS A 10 8.72 -15.55 6.98
C LYS A 10 8.25 -14.35 7.78
N LYS A 11 7.44 -13.48 7.16
CA LYS A 11 6.88 -12.30 7.78
C LYS A 11 5.42 -12.22 7.41
N ASP A 12 4.54 -12.44 8.37
CA ASP A 12 3.09 -12.39 8.24
C ASP A 12 2.67 -11.03 7.71
N LYS A 13 3.33 -9.98 8.20
CA LYS A 13 3.05 -8.62 7.80
C LYS A 13 3.25 -8.47 6.30
N LEU A 14 4.29 -9.04 5.69
CA LEU A 14 4.46 -8.94 4.25
C LEU A 14 3.53 -9.93 3.53
N GLN A 15 3.28 -11.09 4.15
CA GLN A 15 2.48 -12.18 3.61
C GLN A 15 1.05 -11.78 3.26
N VAL A 16 0.31 -11.10 4.13
CA VAL A 16 -1.06 -10.72 3.79
C VAL A 16 -1.08 -9.81 2.55
N ILE A 17 -0.06 -8.98 2.38
CA ILE A 17 0.08 -8.07 1.24
C ILE A 17 0.44 -8.90 0.01
N ASP A 18 1.34 -9.86 0.18
CA ASP A 18 1.78 -10.75 -0.91
C ASP A 18 0.56 -11.45 -1.50
N TRP A 19 -0.42 -11.79 -0.66
CA TRP A 19 -1.66 -12.44 -1.05
C TRP A 19 -2.53 -11.46 -1.84
N LEU A 20 -2.84 -10.26 -1.30
CA LEU A 20 -3.68 -9.31 -2.03
C LEU A 20 -3.08 -8.88 -3.38
N ILE A 21 -1.75 -8.80 -3.46
CA ILE A 21 -1.02 -8.44 -4.68
C ILE A 21 -1.30 -9.50 -5.77
N GLU A 22 -1.34 -10.78 -5.38
CA GLU A 22 -1.58 -11.89 -6.28
C GLU A 22 -3.08 -12.05 -6.62
N ASN A 23 -3.96 -11.67 -5.68
CA ASN A 23 -5.40 -11.78 -5.84
C ASN A 23 -5.90 -10.82 -6.92
N PHE A 24 -5.40 -9.58 -6.92
CA PHE A 24 -5.77 -8.58 -7.91
C PHE A 24 -4.53 -8.15 -8.67
N PRO A 25 -4.06 -8.95 -9.64
CA PRO A 25 -2.89 -8.64 -10.43
C PRO A 25 -3.15 -7.56 -11.49
N ASN A 26 -4.19 -6.74 -11.37
CA ASN A 26 -4.44 -5.70 -12.38
C ASN A 26 -3.56 -4.48 -12.08
N ALA A 27 -3.10 -4.33 -10.82
CA ALA A 27 -2.22 -3.27 -10.40
C ALA A 27 -1.79 -3.55 -8.96
N PHE A 28 -0.50 -3.72 -8.74
CA PHE A 28 0.14 -3.95 -7.46
C PHE A 28 1.66 -4.09 -7.64
N PHE A 29 2.45 -4.06 -6.57
CA PHE A 29 3.90 -4.19 -6.62
C PHE A 29 4.38 -4.76 -5.28
N LYS A 30 5.34 -5.69 -5.29
CA LYS A 30 5.88 -6.30 -4.07
C LYS A 30 7.03 -5.49 -3.47
N LYS A 31 8.06 -5.19 -4.25
CA LYS A 31 9.21 -4.45 -3.74
C LYS A 31 8.79 -3.03 -3.43
N GLY A 32 9.01 -2.61 -2.19
CA GLY A 32 8.67 -1.29 -1.68
C GLY A 32 9.22 -0.11 -2.48
N ASN A 33 10.26 -0.32 -3.31
CA ASN A 33 10.89 0.72 -4.14
C ASN A 33 10.26 0.93 -5.51
N GLN A 34 9.39 0.03 -5.98
CA GLN A 34 8.73 0.11 -7.30
C GLN A 34 7.22 0.32 -7.16
N VAL A 35 6.77 0.65 -5.96
CA VAL A 35 5.37 0.90 -5.66
C VAL A 35 4.86 2.14 -6.40
N LYS A 36 3.54 2.26 -6.49
CA LYS A 36 2.81 3.36 -7.11
C LYS A 36 1.62 3.68 -6.20
N PRO A 37 1.04 4.89 -6.29
CA PRO A 37 -0.11 5.26 -5.48
C PRO A 37 -1.35 4.53 -6.00
N LEU A 38 -2.06 3.86 -5.10
CA LEU A 38 -3.30 3.11 -5.36
C LEU A 38 -4.51 4.01 -5.10
N LYS A 39 -5.68 3.54 -5.55
CA LYS A 39 -6.98 4.18 -5.40
C LYS A 39 -7.22 4.52 -3.91
N ILE A 40 -8.00 5.58 -3.66
CA ILE A 40 -8.35 6.08 -2.33
C ILE A 40 -9.00 4.97 -1.51
N GLY A 41 -8.45 4.68 -0.33
CA GLY A 41 -8.97 3.65 0.57
C GLY A 41 -9.13 2.29 -0.10
N ILE A 42 -8.24 1.90 -1.02
CA ILE A 42 -8.30 0.63 -1.76
C ILE A 42 -8.46 -0.60 -0.84
N PHE A 43 -8.02 -0.53 0.42
CA PHE A 43 -8.17 -1.65 1.36
C PHE A 43 -9.65 -1.97 1.60
N ASP A 44 -10.54 -0.97 1.54
CA ASP A 44 -11.97 -1.18 1.74
C ASP A 44 -12.58 -1.87 0.52
N ASP A 45 -12.00 -1.63 -0.65
CA ASP A 45 -12.42 -2.19 -1.92
C ASP A 45 -11.93 -3.63 -2.06
N LEU A 46 -10.69 -3.88 -1.62
CA LEU A 46 -9.94 -5.13 -1.66
C LEU A 46 -10.38 -6.16 -0.62
N ILE A 47 -10.72 -5.73 0.60
CA ILE A 47 -11.12 -6.67 1.67
C ILE A 47 -12.31 -7.53 1.22
N ASP A 48 -13.11 -7.05 0.27
CA ASP A 48 -14.26 -7.78 -0.25
C ASP A 48 -13.84 -9.14 -0.80
N PHE A 49 -12.67 -9.21 -1.45
CA PHE A 49 -12.13 -10.44 -2.01
C PHE A 49 -11.67 -11.38 -0.90
N TYR A 50 -11.22 -10.84 0.23
CA TYR A 50 -10.79 -11.64 1.37
C TYR A 50 -12.05 -12.26 2.02
N GLU A 51 -13.15 -11.52 2.04
CA GLU A 51 -14.42 -12.00 2.62
C GLU A 51 -15.08 -13.04 1.74
N ARG A 52 -14.79 -13.04 0.44
CA ARG A 52 -15.37 -13.98 -0.50
C ARG A 52 -14.75 -15.38 -0.37
N LEU A 53 -13.54 -15.47 0.19
CA LEU A 53 -12.84 -16.73 0.38
C LEU A 53 -13.64 -17.71 1.22
N ASP A 54 -13.44 -18.99 0.91
CA ASP A 54 -14.06 -20.14 1.58
C ASP A 54 -13.37 -20.37 2.93
N THR A 55 -12.08 -20.05 2.99
CA THR A 55 -11.25 -20.24 4.16
C THR A 55 -10.35 -19.00 4.31
N PRO A 56 -10.83 -17.94 5.00
CA PRO A 56 -10.09 -16.72 5.21
C PRO A 56 -8.94 -16.97 6.23
N PRO A 57 -7.65 -16.83 5.84
CA PRO A 57 -6.52 -17.09 6.73
C PRO A 57 -6.32 -16.09 7.87
N PHE A 58 -5.91 -14.85 7.59
CA PHE A 58 -5.68 -13.84 8.62
C PHE A 58 -6.83 -12.86 8.72
N SER A 59 -7.08 -12.34 9.93
CA SER A 59 -8.15 -11.39 10.18
C SER A 59 -7.89 -10.08 9.43
N LYS A 60 -8.93 -9.45 8.90
CA LYS A 60 -8.90 -8.17 8.15
C LYS A 60 -8.05 -7.08 8.82
N LYS A 61 -8.00 -7.09 10.15
CA LYS A 61 -7.24 -6.14 10.95
C LYS A 61 -5.75 -6.21 10.63
N SER A 62 -5.18 -7.40 10.43
CA SER A 62 -3.76 -7.51 10.11
C SER A 62 -3.54 -7.05 8.68
N LEU A 63 -4.46 -7.36 7.76
CA LEU A 63 -4.38 -6.97 6.35
C LEU A 63 -4.19 -5.46 6.28
N ARG A 64 -4.99 -4.70 7.04
CA ARG A 64 -4.88 -3.24 7.03
C ARG A 64 -3.56 -2.73 7.60
N GLU A 65 -3.19 -3.19 8.80
CA GLU A 65 -1.95 -2.74 9.45
C GLU A 65 -0.74 -3.07 8.58
N ALA A 66 -0.77 -4.24 7.93
CA ALA A 66 0.29 -4.69 7.05
C ALA A 66 0.35 -3.79 5.82
N LEU A 67 -0.76 -3.56 5.11
CA LEU A 67 -0.79 -2.71 3.91
C LEU A 67 -0.27 -1.32 4.27
N SER A 68 -0.57 -0.86 5.50
CA SER A 68 -0.15 0.44 6.02
C SER A 68 1.37 0.60 5.94
N TYR A 69 2.17 -0.47 6.06
CA TYR A 69 3.62 -0.42 5.96
C TYR A 69 4.04 -0.13 4.52
N TYR A 70 3.40 -0.74 3.53
CA TYR A 70 3.73 -0.50 2.13
C TYR A 70 3.40 0.96 1.83
N SER A 71 2.22 1.43 2.24
CA SER A 71 1.78 2.80 2.03
C SER A 71 2.65 3.82 2.81
N ALA A 72 3.28 3.42 3.91
CA ALA A 72 4.14 4.25 4.76
C ALA A 72 5.63 3.99 4.50
N SER A 73 5.97 3.23 3.46
CA SER A 73 7.35 2.91 3.14
C SER A 73 8.12 4.19 2.76
N PRO A 74 9.45 4.22 2.96
CA PRO A 74 10.24 5.38 2.65
C PRO A 74 10.16 5.69 1.16
N ALA A 75 10.36 4.70 0.28
CA ALA A 75 10.30 4.93 -1.15
C ALA A 75 8.91 5.38 -1.62
N TYR A 76 7.82 5.01 -0.95
CA TYR A 76 6.50 5.46 -1.39
C TYR A 76 6.45 6.97 -1.23
N LEU A 77 6.76 7.44 -0.02
CA LEU A 77 6.74 8.85 0.32
C LEU A 77 7.78 9.61 -0.49
N SER A 78 9.01 9.12 -0.55
CA SER A 78 10.10 9.74 -1.28
C SER A 78 9.85 9.81 -2.80
N CYS A 79 8.89 9.04 -3.34
CA CYS A 79 8.56 9.04 -4.76
C CYS A 79 7.42 10.02 -5.06
N GLN A 80 6.96 10.79 -4.06
CA GLN A 80 5.89 11.81 -4.13
C GLN A 80 5.81 12.56 -5.47
N LYS A 81 4.97 12.05 -6.38
CA LYS A 81 4.75 12.60 -7.70
C LYS A 81 3.25 12.68 -7.98
N PRO A 82 2.68 13.88 -8.09
CA PRO A 82 1.28 14.10 -8.40
C PRO A 82 1.09 13.82 -9.90
N ASP A 83 -0.14 14.02 -10.40
CA ASP A 83 -0.50 13.82 -11.82
C ASP A 83 -0.23 12.40 -12.35
N THR A 84 -0.07 11.46 -11.43
CA THR A 84 0.22 10.05 -11.59
C THR A 84 -0.90 9.17 -12.14
N ALA A 85 -2.18 9.48 -11.90
CA ALA A 85 -3.32 8.69 -12.36
C ALA A 85 -3.27 7.32 -11.68
N ARG A 86 -3.82 7.26 -10.46
CA ARG A 86 -3.82 6.00 -9.69
C ARG A 86 -4.78 5.00 -10.34
N VAL A 87 -4.78 3.78 -9.83
CA VAL A 87 -5.62 2.69 -10.31
C VAL A 87 -6.10 1.90 -9.09
N ASP A 88 -7.24 1.22 -9.24
CA ASP A 88 -7.90 0.39 -8.23
C ASP A 88 -7.57 -1.09 -8.46
N ILE A 89 -8.22 -1.99 -7.70
CA ILE A 89 -8.04 -3.44 -7.77
C ILE A 89 -8.39 -3.98 -9.17
N TYR A 90 -9.32 -3.34 -9.88
CA TYR A 90 -9.74 -3.73 -11.22
C TYR A 90 -8.73 -3.21 -12.26
N GLY A 91 -7.80 -2.34 -11.85
CA GLY A 91 -6.79 -1.74 -12.70
C GLY A 91 -7.33 -0.55 -13.48
N ASN A 92 -8.60 -0.15 -13.26
CA ASN A 92 -9.24 0.97 -13.92
C ASN A 92 -8.54 2.26 -13.58
N GLU A 93 -8.61 3.20 -14.52
CA GLU A 93 -7.98 4.49 -14.35
C GLU A 93 -8.83 5.32 -13.40
N VAL A 94 -8.22 5.81 -12.33
CA VAL A 94 -8.77 6.66 -11.29
C VAL A 94 -8.08 8.04 -11.41
N ASP A 95 -8.40 9.00 -10.54
CA ASP A 95 -7.86 10.35 -10.64
C ASP A 95 -6.42 10.45 -10.11
N VAL A 96 -5.86 11.67 -10.07
CA VAL A 96 -4.47 11.88 -9.65
C VAL A 96 -4.39 12.63 -8.32
N VAL A 97 -3.23 12.49 -7.68
CA VAL A 97 -2.97 13.15 -6.41
C VAL A 97 -2.74 14.63 -6.71
N THR A 98 -3.33 15.52 -5.92
CA THR A 98 -3.15 16.96 -6.10
C THR A 98 -1.68 17.29 -5.81
N PRO A 99 -1.16 18.45 -6.27
CA PRO A 99 0.22 18.83 -6.06
C PRO A 99 0.61 18.81 -4.59
N GLU A 100 -0.22 19.45 -3.76
CA GLU A 100 -0.01 19.56 -2.33
C GLU A 100 -0.16 18.21 -1.63
N GLN A 101 -1.16 17.41 -2.01
CA GLN A 101 -1.36 16.11 -1.39
C GLN A 101 -0.18 15.19 -1.71
N ALA A 102 0.50 15.37 -2.86
CA ALA A 102 1.64 14.54 -3.19
C ALA A 102 2.86 14.94 -2.35
N LYS A 103 3.19 16.24 -2.31
CA LYS A 103 4.34 16.76 -1.56
C LYS A 103 4.20 16.52 -0.06
N TYR A 104 2.97 16.46 0.46
CA TYR A 104 2.67 16.25 1.89
C TYR A 104 3.41 15.01 2.38
N ALA A 105 3.67 14.04 1.51
CA ALA A 105 4.37 12.82 1.85
C ALA A 105 5.74 13.09 2.49
N TYR A 106 6.41 14.20 2.16
CA TYR A 106 7.72 14.58 2.69
C TYR A 106 7.74 14.62 4.22
N GLN A 107 6.68 15.17 4.84
CA GLN A 107 6.57 15.29 6.28
C GLN A 107 6.54 13.90 6.90
N ARG A 108 5.65 13.08 6.36
CA ARG A 108 5.46 11.69 6.78
C ARG A 108 6.78 10.93 6.65
N TYR A 109 7.59 11.21 5.62
CA TYR A 109 8.87 10.55 5.43
C TYR A 109 9.85 10.97 6.52
N GLN A 110 10.06 12.28 6.71
CA GLN A 110 10.99 12.78 7.71
C GLN A 110 10.55 12.38 9.11
N GLU A 111 9.24 12.25 9.36
CA GLU A 111 8.73 11.88 10.68
C GLU A 111 9.37 10.58 11.17
N ARG A 112 9.46 9.55 10.31
CA ARG A 112 10.03 8.24 10.64
C ARG A 112 11.45 7.97 10.13
N TYR A 113 11.86 8.59 9.03
CA TYR A 113 13.17 8.40 8.39
C TYR A 113 14.00 9.67 8.49
N GLY A 114 13.66 10.56 9.41
CA GLY A 114 14.30 11.83 9.70
C GLY A 114 14.13 12.10 11.19
N ASN A 115 14.40 13.35 11.60
CA ASN A 115 14.29 13.78 12.99
C ASN A 115 13.92 15.26 13.02
N LYS A 116 12.77 15.62 13.58
CA LYS A 116 12.30 17.00 13.69
C LYS A 116 11.91 17.34 15.12
N LYS A 117 12.02 18.61 15.48
CA LYS A 117 11.70 19.16 16.78
C LYS A 117 10.22 19.04 17.05
N SER A 118 9.86 18.81 18.32
CA SER A 118 8.48 18.71 18.75
C SER A 118 7.76 20.05 18.60
N GLN A 119 6.43 20.03 18.79
CA GLN A 119 5.55 21.18 18.67
C GLN A 119 5.61 21.72 17.23
N ASP A 120 5.03 22.88 16.99
CA ASP A 120 4.96 23.55 15.70
C ASP A 120 5.11 25.05 15.93
N LEU A 121 5.34 25.81 14.86
CA LEU A 121 5.48 27.26 14.88
C LEU A 121 4.19 27.79 14.27
N LYS A 122 3.50 28.69 14.96
CA LYS A 122 2.24 29.25 14.49
C LYS A 122 2.45 30.08 13.22
N GLY A 1 -2.53 -28.55 -10.14
CA GLY A 1 -1.98 -29.71 -9.42
C GLY A 1 -2.86 -30.08 -8.23
N SER A 2 -2.43 -31.06 -7.45
CA SER A 2 -3.16 -31.53 -6.28
C SER A 2 -3.19 -30.47 -5.17
N ASN A 3 -2.12 -29.68 -5.07
CA ASN A 3 -1.93 -28.60 -4.11
C ASN A 3 -1.03 -27.54 -4.76
N GLN A 4 -0.75 -26.44 -4.06
CA GLN A 4 0.11 -25.36 -4.52
C GLN A 4 1.10 -24.96 -3.41
N GLN A 5 1.98 -23.99 -3.70
CA GLN A 5 3.00 -23.48 -2.81
C GLN A 5 3.33 -22.01 -3.16
N LEU A 6 2.55 -21.09 -2.60
CA LEU A 6 2.71 -19.64 -2.80
C LEU A 6 2.61 -18.96 -1.44
N ASN A 7 3.73 -18.75 -0.75
CA ASN A 7 3.71 -18.07 0.54
C ASN A 7 5.06 -17.44 0.86
N ALA A 8 5.07 -16.27 1.50
CA ALA A 8 6.29 -15.56 1.89
C ALA A 8 7.15 -16.45 2.79
N THR A 9 8.42 -16.08 2.97
CA THR A 9 9.36 -16.87 3.76
C THR A 9 9.34 -16.59 5.28
N LYS A 10 9.24 -15.34 5.75
CA LYS A 10 9.23 -15.05 7.20
C LYS A 10 8.48 -13.80 7.68
N LYS A 11 8.17 -12.88 6.78
CA LYS A 11 7.48 -11.64 7.12
C LYS A 11 5.97 -11.83 7.04
N ASP A 12 5.30 -12.00 8.17
CA ASP A 12 3.85 -12.20 8.25
C ASP A 12 3.11 -10.99 7.70
N LYS A 13 3.64 -9.79 7.92
CA LYS A 13 3.03 -8.56 7.47
C LYS A 13 3.22 -8.45 5.97
N LEU A 14 4.44 -8.61 5.45
CA LEU A 14 4.66 -8.51 4.02
C LEU A 14 3.95 -9.62 3.27
N GLN A 15 3.69 -10.76 3.91
CA GLN A 15 2.99 -11.89 3.33
C GLN A 15 1.56 -11.53 2.92
N VAL A 16 0.84 -10.68 3.69
CA VAL A 16 -0.52 -10.32 3.29
C VAL A 16 -0.44 -9.39 2.08
N ILE A 17 0.60 -8.54 2.00
CA ILE A 17 0.80 -7.64 0.88
C ILE A 17 1.16 -8.52 -0.33
N ASP A 18 2.00 -9.53 -0.15
CA ASP A 18 2.39 -10.46 -1.22
C ASP A 18 1.16 -11.21 -1.70
N TRP A 19 0.25 -11.59 -0.79
CA TRP A 19 -0.97 -12.30 -1.16
C TRP A 19 -1.78 -11.42 -2.09
N LEU A 20 -2.11 -10.20 -1.66
CA LEU A 20 -2.93 -9.31 -2.49
C LEU A 20 -2.25 -8.93 -3.81
N ILE A 21 -0.92 -8.75 -3.82
CA ILE A 21 -0.16 -8.40 -5.02
C ILE A 21 -0.29 -9.52 -6.06
N GLU A 22 -0.21 -10.76 -5.60
CA GLU A 22 -0.29 -11.95 -6.42
C GLU A 22 -1.75 -12.25 -6.82
N ASN A 23 -2.72 -11.88 -5.98
CA ASN A 23 -4.15 -12.10 -6.21
C ASN A 23 -4.72 -11.18 -7.27
N PHE A 24 -4.35 -9.90 -7.20
CA PHE A 24 -4.75 -8.84 -8.10
C PHE A 24 -3.52 -8.25 -8.83
N PRO A 25 -3.11 -8.86 -9.95
CA PRO A 25 -1.98 -8.41 -10.73
C PRO A 25 -2.33 -7.27 -11.72
N ASN A 26 -3.41 -6.47 -11.55
CA ASN A 26 -3.66 -5.45 -12.57
C ASN A 26 -2.77 -4.23 -12.38
N ALA A 27 -2.29 -4.03 -11.16
CA ALA A 27 -1.40 -2.95 -10.76
C ALA A 27 -1.04 -3.21 -9.30
N PHE A 28 0.24 -3.42 -9.01
CA PHE A 28 0.84 -3.64 -7.70
C PHE A 28 2.35 -3.84 -7.90
N PHE A 29 3.14 -3.92 -6.82
CA PHE A 29 4.59 -4.14 -6.87
C PHE A 29 5.04 -4.79 -5.55
N LYS A 30 5.92 -5.80 -5.64
CA LYS A 30 6.48 -6.57 -4.53
C LYS A 30 7.48 -5.79 -3.68
N LYS A 31 8.46 -5.15 -4.32
CA LYS A 31 9.50 -4.37 -3.63
C LYS A 31 8.88 -3.12 -3.01
N GLY A 32 9.70 -2.29 -2.36
CA GLY A 32 9.27 -1.03 -1.76
C GLY A 32 9.79 0.15 -2.58
N ASN A 33 10.77 -0.08 -3.44
CA ASN A 33 11.44 0.89 -4.28
C ASN A 33 10.82 1.20 -5.64
N GLN A 34 9.97 0.33 -6.18
CA GLN A 34 9.33 0.50 -7.48
C GLN A 34 7.81 0.62 -7.38
N VAL A 35 7.28 0.84 -6.18
CA VAL A 35 5.84 0.99 -5.95
C VAL A 35 5.24 2.11 -6.83
N LYS A 36 3.91 2.08 -7.03
CA LYS A 36 3.16 3.06 -7.81
C LYS A 36 2.01 3.56 -6.90
N PRO A 37 1.28 4.62 -7.27
CA PRO A 37 0.21 5.18 -6.47
C PRO A 37 -1.15 4.49 -6.66
N LEU A 38 -1.54 3.64 -5.70
CA LEU A 38 -2.82 2.91 -5.73
C LEU A 38 -3.95 3.84 -5.25
N LYS A 39 -5.21 3.43 -5.48
CA LYS A 39 -6.42 4.17 -5.09
C LYS A 39 -6.43 4.50 -3.60
N ILE A 40 -6.99 5.65 -3.24
CA ILE A 40 -7.10 6.04 -1.83
C ILE A 40 -8.04 5.01 -1.21
N GLY A 41 -7.63 4.38 -0.11
CA GLY A 41 -8.47 3.39 0.56
C GLY A 41 -8.69 2.11 -0.24
N ILE A 42 -7.83 1.78 -1.22
CA ILE A 42 -7.91 0.58 -2.06
C ILE A 42 -8.06 -0.68 -1.23
N PHE A 43 -7.59 -0.65 0.03
CA PHE A 43 -7.71 -1.78 0.92
C PHE A 43 -9.17 -2.18 1.05
N ASP A 44 -10.09 -1.21 1.12
CA ASP A 44 -11.52 -1.49 1.28
C ASP A 44 -12.09 -2.17 0.05
N ASP A 45 -11.53 -1.91 -1.13
CA ASP A 45 -11.95 -2.50 -2.40
C ASP A 45 -11.42 -3.93 -2.50
N LEU A 46 -10.12 -4.07 -2.22
CA LEU A 46 -9.32 -5.28 -2.25
C LEU A 46 -9.76 -6.31 -1.21
N ILE A 47 -10.02 -5.86 0.02
CA ILE A 47 -10.41 -6.77 1.10
C ILE A 47 -11.71 -7.49 0.75
N ASP A 48 -12.58 -6.90 -0.08
CA ASP A 48 -13.85 -7.56 -0.43
C ASP A 48 -13.54 -8.91 -1.09
N PHE A 49 -12.49 -8.93 -1.93
CA PHE A 49 -12.02 -10.12 -2.63
C PHE A 49 -11.49 -11.15 -1.62
N TYR A 50 -10.92 -10.70 -0.48
CA TYR A 50 -10.41 -11.56 0.59
C TYR A 50 -11.62 -12.21 1.30
N GLU A 51 -12.77 -11.53 1.36
CA GLU A 51 -13.98 -12.07 1.98
C GLU A 51 -14.59 -13.13 1.05
N ARG A 52 -14.08 -13.24 -0.19
CA ARG A 52 -14.55 -14.21 -1.16
C ARG A 52 -13.88 -15.57 -0.90
N LEU A 53 -12.69 -15.62 -0.28
CA LEU A 53 -11.97 -16.84 0.02
C LEU A 53 -12.79 -17.66 1.01
N ASP A 54 -12.76 -18.98 0.87
CA ASP A 54 -13.47 -19.89 1.76
C ASP A 54 -12.67 -20.03 3.06
N THR A 55 -11.34 -19.92 2.97
CA THR A 55 -10.40 -20.07 4.08
C THR A 55 -9.46 -18.86 4.21
N PRO A 56 -9.91 -17.74 4.80
CA PRO A 56 -9.11 -16.54 4.99
C PRO A 56 -8.02 -16.84 6.04
N PRO A 57 -6.73 -16.90 5.68
CA PRO A 57 -5.70 -17.20 6.66
C PRO A 57 -5.41 -16.02 7.60
N PHE A 58 -5.06 -14.85 7.05
CA PHE A 58 -4.76 -13.64 7.81
C PHE A 58 -5.96 -12.71 7.81
N SER A 59 -6.35 -12.20 8.98
CA SER A 59 -7.48 -11.30 9.15
C SER A 59 -7.27 -9.98 8.43
N LYS A 60 -8.40 -9.38 8.06
CA LYS A 60 -8.52 -8.10 7.37
C LYS A 60 -7.73 -6.98 8.05
N LYS A 61 -7.69 -6.97 9.39
CA LYS A 61 -6.94 -5.95 10.13
C LYS A 61 -5.46 -6.05 9.79
N SER A 62 -4.91 -7.26 9.82
CA SER A 62 -3.51 -7.52 9.49
C SER A 62 -3.24 -7.03 8.07
N LEU A 63 -4.15 -7.34 7.13
CA LEU A 63 -4.07 -6.94 5.74
C LEU A 63 -3.98 -5.42 5.65
N ARG A 64 -4.89 -4.68 6.30
CA ARG A 64 -4.87 -3.22 6.25
C ARG A 64 -3.61 -2.65 6.88
N GLU A 65 -3.25 -3.11 8.07
CA GLU A 65 -2.08 -2.61 8.77
C GLU A 65 -0.79 -2.85 7.96
N ALA A 66 -0.64 -4.00 7.32
CA ALA A 66 0.53 -4.29 6.51
C ALA A 66 0.54 -3.38 5.28
N LEU A 67 -0.61 -3.18 4.62
CA LEU A 67 -0.66 -2.30 3.45
C LEU A 67 -0.33 -0.85 3.90
N SER A 68 -0.60 -0.52 5.17
CA SER A 68 -0.31 0.77 5.74
C SER A 68 1.21 0.98 5.66
N TYR A 69 2.00 -0.04 5.98
CA TYR A 69 3.46 0.01 5.94
C TYR A 69 3.93 0.35 4.52
N TYR A 70 3.43 -0.35 3.50
CA TYR A 70 3.84 -0.10 2.12
C TYR A 70 3.48 1.32 1.71
N SER A 71 2.25 1.77 1.98
CA SER A 71 1.87 3.14 1.64
C SER A 71 2.56 4.21 2.50
N ALA A 72 3.32 3.81 3.51
CA ALA A 72 4.08 4.68 4.39
C ALA A 72 5.57 4.47 4.11
N SER A 73 5.94 3.70 3.08
CA SER A 73 7.34 3.44 2.75
C SER A 73 8.05 4.75 2.40
N PRO A 74 9.38 4.85 2.64
CA PRO A 74 10.13 6.07 2.35
C PRO A 74 10.08 6.41 0.87
N ALA A 75 10.35 5.43 0.00
CA ALA A 75 10.37 5.61 -1.43
C ALA A 75 9.07 6.19 -2.00
N TYR A 76 7.93 5.74 -1.48
CA TYR A 76 6.60 6.18 -1.91
C TYR A 76 6.36 7.65 -1.58
N LEU A 77 6.71 8.06 -0.37
CA LEU A 77 6.51 9.43 0.08
C LEU A 77 7.52 10.35 -0.59
N SER A 78 8.79 9.94 -0.59
CA SER A 78 9.90 10.69 -1.19
C SER A 78 9.68 10.96 -2.68
N CYS A 79 8.95 10.10 -3.40
CA CYS A 79 8.71 10.28 -4.83
C CYS A 79 7.52 11.20 -5.17
N GLN A 80 6.89 11.80 -4.15
CA GLN A 80 5.76 12.74 -4.21
C GLN A 80 5.61 13.52 -5.53
N LYS A 81 4.74 13.06 -6.44
CA LYS A 81 4.49 13.72 -7.72
C LYS A 81 2.98 13.81 -7.94
N PRO A 82 2.35 14.99 -7.89
CA PRO A 82 0.94 15.14 -8.13
C PRO A 82 0.70 14.99 -9.65
N ASP A 83 -0.55 15.14 -10.08
CA ASP A 83 -0.97 15.07 -11.48
C ASP A 83 -0.36 13.86 -12.22
N THR A 84 -0.40 12.67 -11.60
CA THR A 84 0.16 11.45 -12.18
C THR A 84 -0.85 10.32 -12.35
N ALA A 85 -2.08 10.47 -11.85
CA ALA A 85 -3.22 9.54 -11.89
C ALA A 85 -2.99 8.20 -11.17
N ARG A 86 -3.88 7.90 -10.23
CA ARG A 86 -3.84 6.63 -9.49
C ARG A 86 -4.58 5.56 -10.34
N VAL A 87 -4.62 4.31 -9.86
CA VAL A 87 -5.27 3.13 -10.42
C VAL A 87 -5.82 2.23 -9.30
N ASP A 88 -6.94 1.54 -9.55
CA ASP A 88 -7.66 0.64 -8.64
C ASP A 88 -7.22 -0.83 -8.87
N ILE A 89 -7.79 -1.77 -8.10
CA ILE A 89 -7.48 -3.21 -8.20
C ILE A 89 -7.87 -3.80 -9.55
N TYR A 90 -8.85 -3.21 -10.24
CA TYR A 90 -9.27 -3.68 -11.56
C TYR A 90 -8.37 -3.02 -12.62
N GLY A 91 -7.40 -2.18 -12.23
CA GLY A 91 -6.52 -1.48 -13.15
C GLY A 91 -7.21 -0.25 -13.72
N ASN A 92 -8.42 0.06 -13.25
CA ASN A 92 -9.20 1.20 -13.71
C ASN A 92 -8.42 2.47 -13.43
N GLU A 93 -8.57 3.47 -14.28
CA GLU A 93 -7.90 4.74 -14.08
C GLU A 93 -8.78 5.60 -13.17
N VAL A 94 -8.14 6.38 -12.31
CA VAL A 94 -8.76 7.33 -11.38
C VAL A 94 -8.13 8.70 -11.58
N ASP A 95 -8.55 9.68 -10.78
CA ASP A 95 -8.08 11.05 -10.88
C ASP A 95 -6.67 11.12 -10.25
N VAL A 96 -6.10 12.32 -10.14
CA VAL A 96 -4.73 12.47 -9.65
C VAL A 96 -4.66 13.14 -8.28
N VAL A 97 -3.54 12.96 -7.60
CA VAL A 97 -3.32 13.58 -6.28
C VAL A 97 -3.16 15.08 -6.51
N THR A 98 -3.75 15.91 -5.65
CA THR A 98 -3.62 17.36 -5.77
C THR A 98 -2.16 17.76 -5.47
N PRO A 99 -1.74 18.97 -5.87
CA PRO A 99 -0.37 19.42 -5.64
C PRO A 99 0.01 19.49 -4.17
N GLU A 100 -0.93 19.82 -3.29
CA GLU A 100 -0.70 19.92 -1.86
C GLU A 100 -0.65 18.55 -1.21
N GLN A 101 -1.62 17.67 -1.51
CA GLN A 101 -1.64 16.34 -0.91
C GLN A 101 -0.38 15.56 -1.29
N ALA A 102 0.19 15.80 -2.47
CA ALA A 102 1.40 15.10 -2.88
C ALA A 102 2.58 15.58 -2.02
N LYS A 103 2.80 16.89 -1.87
CA LYS A 103 3.93 17.41 -1.06
C LYS A 103 3.80 17.04 0.42
N TYR A 104 2.57 16.91 0.94
CA TYR A 104 2.25 16.56 2.32
C TYR A 104 2.91 15.26 2.74
N ALA A 105 3.18 14.38 1.78
CA ALA A 105 3.83 13.10 1.99
C ALA A 105 5.15 13.27 2.74
N TYR A 106 5.83 14.41 2.57
CA TYR A 106 7.10 14.68 3.23
C TYR A 106 6.96 14.64 4.76
N GLN A 107 5.83 15.11 5.31
CA GLN A 107 5.63 15.08 6.76
C GLN A 107 5.63 13.62 7.21
N ARG A 108 4.91 12.78 6.47
CA ARG A 108 4.79 11.37 6.77
C ARG A 108 6.16 10.70 6.67
N TYR A 109 7.05 11.17 5.79
CA TYR A 109 8.37 10.59 5.67
C TYR A 109 9.14 10.88 6.95
N GLN A 110 9.20 12.15 7.36
CA GLN A 110 9.93 12.55 8.56
C GLN A 110 9.34 11.95 9.83
N GLU A 111 8.03 11.70 9.85
CA GLU A 111 7.37 11.15 11.04
C GLU A 111 8.00 9.84 11.52
N ARG A 112 8.26 8.98 10.55
CA ARG A 112 8.84 7.64 10.71
C ARG A 112 10.31 7.49 10.36
N TYR A 113 10.85 8.30 9.45
CA TYR A 113 12.24 8.23 8.99
C TYR A 113 13.02 9.51 9.27
N GLY A 114 12.44 10.41 10.07
CA GLY A 114 13.04 11.68 10.44
C GLY A 114 12.94 11.91 11.94
N ASN A 115 13.16 13.16 12.32
CA ASN A 115 13.14 13.66 13.69
C ASN A 115 12.20 14.84 13.72
N LYS A 116 11.01 14.64 14.28
CA LYS A 116 10.00 15.69 14.39
C LYS A 116 10.52 16.77 15.35
N LYS A 117 9.94 17.98 15.31
CA LYS A 117 10.37 19.06 16.19
C LYS A 117 9.17 19.87 16.63
N SER A 118 9.18 20.27 17.91
CA SER A 118 8.17 21.07 18.54
C SER A 118 8.88 21.94 19.58
N GLN A 119 8.57 23.24 19.60
CA GLN A 119 9.15 24.20 20.54
C GLN A 119 8.18 25.38 20.75
N ASP A 120 7.41 25.72 19.74
CA ASP A 120 6.41 26.79 19.70
C ASP A 120 5.03 26.13 19.65
N LEU A 121 3.97 26.91 19.91
CA LEU A 121 2.60 26.45 19.91
C LEU A 121 1.96 26.90 18.60
N LYS A 122 1.37 25.98 17.84
CA LYS A 122 0.72 26.25 16.57
C LYS A 122 -0.49 25.33 16.46
N GLY A 1 17.71 -18.28 -3.20
CA GLY A 1 18.77 -19.09 -2.57
C GLY A 1 18.20 -20.43 -2.16
N SER A 2 18.61 -20.94 -0.99
CA SER A 2 18.20 -22.22 -0.42
C SER A 2 16.68 -22.44 -0.44
N ASN A 3 15.89 -21.39 -0.17
CA ASN A 3 14.43 -21.46 -0.16
C ASN A 3 13.92 -20.28 -0.96
N GLN A 4 12.97 -20.52 -1.86
CA GLN A 4 12.38 -19.49 -2.67
C GLN A 4 10.92 -19.83 -2.88
N GLN A 5 10.09 -18.81 -3.10
CA GLN A 5 8.66 -18.90 -3.34
C GLN A 5 8.18 -17.49 -3.70
N LEU A 6 6.87 -17.33 -3.89
CA LEU A 6 6.22 -16.07 -4.23
C LEU A 6 5.72 -15.36 -2.96
N ASN A 7 5.39 -16.14 -1.93
CA ASN A 7 4.86 -15.67 -0.65
C ASN A 7 5.86 -14.85 0.16
N ALA A 8 5.32 -14.06 1.10
CA ALA A 8 6.12 -13.22 1.98
C ALA A 8 6.93 -14.08 2.95
N THR A 9 6.27 -15.11 3.50
CA THR A 9 6.75 -16.11 4.43
C THR A 9 7.07 -15.50 5.79
N LYS A 10 6.39 -15.97 6.83
CA LYS A 10 6.51 -15.57 8.24
C LYS A 10 6.06 -14.16 8.55
N LYS A 11 6.37 -13.14 7.76
CA LYS A 11 5.93 -11.77 8.01
C LYS A 11 4.42 -11.74 7.78
N ASP A 12 3.61 -11.74 8.84
CA ASP A 12 2.15 -11.74 8.74
C ASP A 12 1.63 -10.52 7.95
N LYS A 13 2.17 -9.33 8.23
CA LYS A 13 1.75 -8.11 7.56
C LYS A 13 1.98 -8.25 6.06
N LEU A 14 3.19 -8.64 5.68
CA LEU A 14 3.55 -8.79 4.29
C LEU A 14 2.78 -9.92 3.60
N GLN A 15 2.47 -10.99 4.32
CA GLN A 15 1.77 -12.15 3.79
C GLN A 15 0.37 -11.79 3.28
N VAL A 16 -0.38 -10.93 3.98
CA VAL A 16 -1.72 -10.56 3.50
C VAL A 16 -1.60 -9.67 2.25
N ILE A 17 -0.56 -8.83 2.17
CA ILE A 17 -0.35 -7.92 1.05
C ILE A 17 0.09 -8.72 -0.18
N ASP A 18 0.99 -9.71 -0.05
CA ASP A 18 1.41 -10.49 -1.21
C ASP A 18 0.22 -11.27 -1.77
N TRP A 19 -0.70 -11.72 -0.91
CA TRP A 19 -1.88 -12.47 -1.34
C TRP A 19 -2.78 -11.61 -2.21
N LEU A 20 -3.21 -10.44 -1.73
CA LEU A 20 -4.11 -9.58 -2.51
C LEU A 20 -3.51 -9.16 -3.86
N ILE A 21 -2.20 -8.92 -3.92
CA ILE A 21 -1.49 -8.51 -5.12
C ILE A 21 -1.60 -9.61 -6.20
N GLU A 22 -1.29 -10.84 -5.83
CA GLU A 22 -1.33 -11.98 -6.74
C GLU A 22 -2.77 -12.35 -7.14
N ASN A 23 -3.74 -12.01 -6.30
CA ASN A 23 -5.15 -12.29 -6.50
C ASN A 23 -5.77 -11.37 -7.55
N PHE A 24 -5.51 -10.07 -7.43
CA PHE A 24 -6.01 -9.02 -8.32
C PHE A 24 -4.88 -8.49 -9.21
N PRO A 25 -4.58 -9.15 -10.34
CA PRO A 25 -3.51 -8.75 -11.25
C PRO A 25 -3.85 -7.54 -12.13
N ASN A 26 -4.90 -6.75 -11.84
CA ASN A 26 -5.22 -5.62 -12.72
C ASN A 26 -4.32 -4.44 -12.45
N ALA A 27 -3.71 -4.37 -11.26
CA ALA A 27 -2.81 -3.31 -10.86
C ALA A 27 -2.42 -3.49 -9.40
N PHE A 28 -1.13 -3.65 -9.13
CA PHE A 28 -0.54 -3.80 -7.81
C PHE A 28 0.99 -3.90 -7.93
N PHE A 29 1.73 -3.67 -6.84
CA PHE A 29 3.19 -3.74 -6.78
C PHE A 29 3.61 -4.32 -5.43
N LYS A 30 4.77 -4.97 -5.36
CA LYS A 30 5.30 -5.56 -4.12
C LYS A 30 6.46 -4.74 -3.56
N LYS A 31 7.46 -4.48 -4.39
CA LYS A 31 8.66 -3.76 -4.01
C LYS A 31 8.38 -2.27 -3.97
N GLY A 32 8.61 -1.66 -2.81
CA GLY A 32 8.40 -0.24 -2.55
C GLY A 32 9.00 0.65 -3.65
N ASN A 33 10.19 0.29 -4.16
CA ASN A 33 10.87 1.03 -5.20
C ASN A 33 10.05 1.22 -6.48
N GLN A 34 9.04 0.40 -6.75
CA GLN A 34 8.18 0.52 -7.92
C GLN A 34 6.73 0.84 -7.55
N VAL A 35 6.41 0.95 -6.26
CA VAL A 35 5.05 1.25 -5.81
C VAL A 35 4.59 2.63 -6.30
N LYS A 36 3.27 2.78 -6.48
CA LYS A 36 2.56 3.99 -6.90
C LYS A 36 1.24 4.07 -6.09
N PRO A 37 0.57 5.22 -5.99
CA PRO A 37 -0.66 5.35 -5.21
C PRO A 37 -1.88 4.68 -5.87
N LEU A 38 -2.49 3.70 -5.20
CA LEU A 38 -3.69 2.97 -5.67
C LEU A 38 -4.95 3.81 -5.41
N LYS A 39 -6.08 3.40 -6.00
CA LYS A 39 -7.40 4.04 -5.85
C LYS A 39 -7.67 4.26 -4.35
N ILE A 40 -8.16 5.45 -4.00
CA ILE A 40 -8.47 5.77 -2.63
C ILE A 40 -9.59 4.82 -2.19
N GLY A 41 -9.45 4.20 -1.02
CA GLY A 41 -10.43 3.27 -0.50
C GLY A 41 -10.41 1.91 -1.19
N ILE A 42 -9.35 1.58 -1.95
CA ILE A 42 -9.22 0.31 -2.67
C ILE A 42 -9.36 -0.92 -1.75
N PHE A 43 -9.05 -0.80 -0.45
CA PHE A 43 -9.18 -1.94 0.46
C PHE A 43 -10.66 -2.30 0.64
N ASP A 44 -11.55 -1.31 0.66
CA ASP A 44 -12.98 -1.56 0.85
C ASP A 44 -13.56 -2.32 -0.33
N ASP A 45 -13.04 -2.12 -1.53
CA ASP A 45 -13.54 -2.85 -2.71
C ASP A 45 -12.96 -4.26 -2.73
N LEU A 46 -11.70 -4.39 -2.33
CA LEU A 46 -10.92 -5.62 -2.28
C LEU A 46 -11.41 -6.58 -1.21
N ILE A 47 -11.74 -6.09 -0.02
CA ILE A 47 -12.18 -6.94 1.07
C ILE A 47 -13.38 -7.79 0.67
N ASP A 48 -14.22 -7.31 -0.25
CA ASP A 48 -15.40 -8.04 -0.72
C ASP A 48 -14.96 -9.41 -1.28
N PHE A 49 -13.89 -9.35 -2.08
CA PHE A 49 -13.24 -10.47 -2.72
C PHE A 49 -12.65 -11.44 -1.68
N TYR A 50 -12.19 -10.93 -0.51
CA TYR A 50 -11.62 -11.74 0.57
C TYR A 50 -12.76 -12.53 1.24
N GLU A 51 -13.98 -11.99 1.28
CA GLU A 51 -15.13 -12.66 1.89
C GLU A 51 -15.54 -13.87 1.04
N ARG A 52 -15.06 -13.96 -0.21
CA ARG A 52 -15.36 -15.08 -1.09
C ARG A 52 -14.50 -16.29 -0.73
N LEU A 53 -13.33 -16.11 -0.13
CA LEU A 53 -12.44 -17.19 0.27
C LEU A 53 -13.16 -18.04 1.29
N ASP A 54 -13.25 -19.35 1.06
CA ASP A 54 -13.95 -20.26 1.98
C ASP A 54 -13.12 -20.58 3.23
N THR A 55 -11.84 -20.25 3.24
CA THR A 55 -10.91 -20.48 4.34
C THR A 55 -10.09 -19.22 4.62
N PRO A 56 -10.72 -18.14 5.11
CA PRO A 56 -10.04 -16.90 5.41
C PRO A 56 -8.98 -17.12 6.50
N PRO A 57 -7.67 -16.98 6.21
CA PRO A 57 -6.65 -17.17 7.22
C PRO A 57 -6.57 -15.95 8.15
N PHE A 58 -6.08 -14.83 7.64
CA PHE A 58 -5.92 -13.57 8.36
C PHE A 58 -7.22 -12.77 8.30
N SER A 59 -7.53 -12.04 9.36
CA SER A 59 -8.72 -11.21 9.46
C SER A 59 -8.55 -9.94 8.63
N LYS A 60 -9.69 -9.44 8.13
CA LYS A 60 -9.78 -8.23 7.31
C LYS A 60 -9.10 -7.03 7.97
N LYS A 61 -9.09 -6.96 9.30
CA LYS A 61 -8.44 -5.88 10.02
C LYS A 61 -6.95 -5.93 9.70
N SER A 62 -6.31 -7.10 9.74
CA SER A 62 -4.89 -7.25 9.40
C SER A 62 -4.69 -6.87 7.94
N LEU A 63 -5.61 -7.27 7.06
CA LEU A 63 -5.53 -6.95 5.63
C LEU A 63 -5.36 -5.43 5.50
N ARG A 64 -6.26 -4.65 6.12
CA ARG A 64 -6.16 -3.19 6.04
C ARG A 64 -4.92 -2.65 6.74
N GLU A 65 -4.67 -3.05 7.99
CA GLU A 65 -3.53 -2.61 8.79
C GLU A 65 -2.19 -2.83 8.07
N ALA A 66 -2.08 -3.92 7.34
CA ALA A 66 -0.90 -4.26 6.57
C ALA A 66 -0.81 -3.38 5.32
N LEU A 67 -1.93 -3.16 4.61
CA LEU A 67 -1.95 -2.34 3.41
C LEU A 67 -1.52 -0.91 3.76
N SER A 68 -1.92 -0.41 4.94
CA SER A 68 -1.54 0.93 5.38
C SER A 68 -0.03 0.93 5.64
N TYR A 69 0.55 -0.19 6.08
CA TYR A 69 1.98 -0.37 6.36
C TYR A 69 2.75 -0.21 5.05
N TYR A 70 2.24 -0.79 3.95
CA TYR A 70 2.86 -0.68 2.63
C TYR A 70 2.78 0.77 2.19
N SER A 71 1.64 1.39 2.45
CA SER A 71 1.32 2.78 2.17
C SER A 71 2.04 3.74 3.15
N ALA A 72 2.87 3.20 4.05
CA ALA A 72 3.68 3.91 5.03
C ALA A 72 5.17 3.62 4.78
N SER A 73 5.53 2.90 3.69
CA SER A 73 6.92 2.59 3.36
C SER A 73 7.64 3.89 2.94
N PRO A 74 8.98 3.99 3.01
CA PRO A 74 9.68 5.22 2.63
C PRO A 74 9.55 5.50 1.12
N ALA A 75 9.74 4.46 0.30
CA ALA A 75 9.68 4.55 -1.14
C ALA A 75 8.36 5.12 -1.65
N TYR A 76 7.24 4.66 -1.11
CA TYR A 76 5.92 5.16 -1.52
C TYR A 76 5.82 6.67 -1.28
N LEU A 77 6.35 7.15 -0.16
CA LEU A 77 6.30 8.57 0.19
C LEU A 77 7.19 9.34 -0.75
N SER A 78 8.41 8.86 -0.94
CA SER A 78 9.44 9.40 -1.81
C SER A 78 8.92 9.48 -3.25
N CYS A 79 7.97 8.62 -3.63
CA CYS A 79 7.32 8.53 -4.94
C CYS A 79 6.24 9.61 -5.12
N GLN A 80 6.06 10.55 -4.18
CA GLN A 80 5.13 11.69 -4.15
C GLN A 80 4.97 12.38 -5.53
N LYS A 81 4.17 11.81 -6.42
CA LYS A 81 3.94 12.30 -7.77
C LYS A 81 2.45 12.48 -8.02
N PRO A 82 1.92 13.71 -7.93
CA PRO A 82 0.51 14.00 -8.16
C PRO A 82 0.21 13.92 -9.66
N ASP A 83 -1.05 14.18 -10.03
CA ASP A 83 -1.53 14.18 -11.41
C ASP A 83 -1.04 12.91 -12.13
N THR A 84 -1.17 11.77 -11.44
CA THR A 84 -0.72 10.47 -11.91
C THR A 84 -1.81 9.52 -12.42
N ALA A 85 -3.09 9.76 -12.13
CA ALA A 85 -4.22 8.92 -12.57
C ALA A 85 -4.04 7.46 -12.16
N ARG A 86 -4.44 7.17 -10.93
CA ARG A 86 -4.37 5.83 -10.34
C ARG A 86 -5.44 4.92 -10.93
N VAL A 87 -5.47 3.65 -10.50
CA VAL A 87 -6.44 2.64 -10.94
C VAL A 87 -6.86 1.80 -9.73
N ASP A 88 -7.99 1.11 -9.86
CA ASP A 88 -8.62 0.22 -8.87
C ASP A 88 -8.30 -1.27 -9.12
N ILE A 89 -9.02 -2.18 -8.46
CA ILE A 89 -8.89 -3.64 -8.56
C ILE A 89 -9.45 -4.19 -9.88
N TYR A 90 -10.29 -3.42 -10.56
CA TYR A 90 -10.92 -3.75 -11.84
C TYR A 90 -10.13 -3.12 -13.00
N GLY A 91 -9.11 -2.31 -12.71
CA GLY A 91 -8.29 -1.65 -13.71
C GLY A 91 -8.93 -0.35 -14.24
N ASN A 92 -10.00 0.15 -13.61
CA ASN A 92 -10.67 1.37 -14.02
C ASN A 92 -9.74 2.56 -13.80
N GLU A 93 -9.72 3.51 -14.73
CA GLU A 93 -8.92 4.72 -14.61
C GLU A 93 -9.72 5.64 -13.70
N VAL A 94 -9.12 6.01 -12.59
CA VAL A 94 -9.65 6.84 -11.53
C VAL A 94 -8.93 8.19 -11.50
N ASP A 95 -9.29 9.04 -10.55
CA ASP A 95 -8.79 10.41 -10.47
C ASP A 95 -7.36 10.43 -9.94
N VAL A 96 -6.81 11.63 -9.78
CA VAL A 96 -5.42 11.77 -9.37
C VAL A 96 -5.26 12.33 -7.97
N VAL A 97 -4.07 12.06 -7.42
CA VAL A 97 -3.69 12.52 -6.11
C VAL A 97 -3.39 14.00 -6.30
N THR A 98 -4.01 14.85 -5.48
CA THR A 98 -3.85 16.29 -5.51
C THR A 98 -2.39 16.67 -5.23
N PRO A 99 -1.94 17.86 -5.67
CA PRO A 99 -0.57 18.31 -5.52
C PRO A 99 -0.05 18.34 -4.08
N GLU A 100 -0.80 18.94 -3.16
CA GLU A 100 -0.36 19.00 -1.78
C GLU A 100 -0.49 17.64 -1.12
N GLN A 101 -1.56 16.88 -1.35
CA GLN A 101 -1.68 15.58 -0.70
C GLN A 101 -0.56 14.64 -1.13
N ALA A 102 -0.08 14.76 -2.38
CA ALA A 102 1.01 13.93 -2.84
C ALA A 102 2.29 14.36 -2.14
N LYS A 103 2.59 15.68 -2.12
CA LYS A 103 3.81 16.17 -1.48
C LYS A 103 3.80 16.00 0.03
N TYR A 104 2.63 16.03 0.68
CA TYR A 104 2.42 15.90 2.13
C TYR A 104 3.08 14.63 2.65
N ALA A 105 3.22 13.62 1.78
CA ALA A 105 3.86 12.35 2.09
C ALA A 105 5.26 12.60 2.68
N TYR A 106 5.93 13.70 2.30
CA TYR A 106 7.26 14.06 2.79
C TYR A 106 7.30 14.10 4.31
N GLN A 107 6.24 14.62 4.97
CA GLN A 107 6.18 14.71 6.41
C GLN A 107 6.25 13.30 6.96
N ARG A 108 5.43 12.40 6.41
CA ARG A 108 5.39 11.00 6.82
C ARG A 108 6.75 10.34 6.64
N TYR A 109 7.51 10.73 5.62
CA TYR A 109 8.81 10.13 5.42
C TYR A 109 9.70 10.51 6.59
N GLN A 110 9.82 11.80 6.88
CA GLN A 110 10.68 12.30 7.95
C GLN A 110 10.16 11.92 9.34
N GLU A 111 8.84 11.75 9.49
CA GLU A 111 8.24 11.43 10.78
C GLU A 111 8.88 10.22 11.43
N ARG A 112 9.06 9.20 10.61
CA ARG A 112 9.69 7.94 11.01
C ARG A 112 11.11 7.79 10.49
N TYR A 113 11.29 8.05 9.20
CA TYR A 113 12.56 7.92 8.49
C TYR A 113 13.40 9.21 8.46
N GLY A 114 13.23 10.11 9.42
CA GLY A 114 13.97 11.36 9.51
C GLY A 114 14.11 11.76 10.98
N ASN A 115 14.97 12.75 11.22
CA ASN A 115 15.27 13.34 12.51
C ASN A 115 15.92 14.67 12.20
N LYS A 116 15.19 15.77 12.34
CA LYS A 116 15.67 17.13 12.05
C LYS A 116 15.46 18.05 13.24
N LYS A 117 16.06 19.23 13.18
CA LYS A 117 15.93 20.24 14.22
C LYS A 117 14.54 20.84 14.13
N SER A 118 14.09 21.54 15.18
CA SER A 118 12.80 22.19 15.23
C SER A 118 13.03 23.68 15.46
N GLN A 119 12.27 24.50 14.74
CA GLN A 119 12.33 25.95 14.84
C GLN A 119 11.14 26.42 15.70
N ASP A 120 10.02 25.70 15.62
CA ASP A 120 8.81 26.01 16.38
C ASP A 120 8.87 25.17 17.66
N LEU A 121 8.41 25.77 18.76
CA LEU A 121 8.33 25.21 20.11
C LEU A 121 7.02 25.73 20.72
N LYS A 122 6.88 25.64 22.04
CA LYS A 122 5.76 26.05 22.87
C LYS A 122 6.45 26.53 24.12
N GLY A 1 0.95 -35.56 -4.09
CA GLY A 1 1.59 -34.27 -3.85
C GLY A 1 0.62 -33.14 -4.11
N SER A 2 0.97 -31.93 -3.68
CA SER A 2 0.20 -30.71 -3.83
C SER A 2 1.20 -29.56 -3.89
N ASN A 3 0.75 -28.35 -4.22
CA ASN A 3 1.58 -27.17 -4.32
C ASN A 3 0.71 -25.92 -4.20
N GLN A 4 1.38 -24.81 -3.92
CA GLN A 4 0.81 -23.48 -3.79
C GLN A 4 1.84 -22.51 -4.38
N GLN A 5 3.09 -22.58 -3.91
CA GLN A 5 4.22 -21.75 -4.36
C GLN A 5 3.91 -20.26 -4.26
N LEU A 6 3.01 -19.91 -3.34
CA LEU A 6 2.49 -18.60 -3.02
C LEU A 6 2.54 -18.50 -1.50
N ASN A 7 3.61 -17.90 -0.98
CA ASN A 7 3.90 -17.66 0.44
C ASN A 7 5.26 -16.96 0.48
N ALA A 8 5.33 -15.80 1.13
CA ALA A 8 6.56 -15.03 1.28
C ALA A 8 7.65 -15.86 2.00
N THR A 9 7.22 -16.86 2.77
CA THR A 9 8.02 -17.80 3.55
C THR A 9 9.04 -17.05 4.44
N LYS A 10 8.62 -15.90 4.98
CA LYS A 10 9.48 -15.08 5.84
C LYS A 10 8.70 -14.29 6.89
N LYS A 11 8.00 -13.22 6.50
CA LYS A 11 7.23 -12.37 7.40
C LYS A 11 5.75 -12.48 7.08
N ASP A 12 4.93 -12.44 8.11
CA ASP A 12 3.46 -12.53 8.02
C ASP A 12 2.96 -11.31 7.25
N LYS A 13 3.61 -10.17 7.50
CA LYS A 13 3.34 -8.89 6.89
C LYS A 13 3.54 -8.99 5.38
N LEU A 14 4.68 -9.52 4.93
CA LEU A 14 4.94 -9.65 3.50
C LEU A 14 3.96 -10.62 2.85
N GLN A 15 3.54 -11.67 3.55
CA GLN A 15 2.61 -12.66 3.01
C GLN A 15 1.27 -12.03 2.63
N VAL A 16 0.65 -11.25 3.53
CA VAL A 16 -0.65 -10.63 3.24
C VAL A 16 -0.56 -9.65 2.06
N ILE A 17 0.52 -8.88 1.97
CA ILE A 17 0.66 -7.91 0.88
C ILE A 17 0.95 -8.67 -0.42
N ASP A 18 1.76 -9.72 -0.40
CA ASP A 18 2.09 -10.48 -1.60
C ASP A 18 0.85 -11.20 -2.14
N TRP A 19 -0.06 -11.65 -1.27
CA TRP A 19 -1.28 -12.33 -1.68
C TRP A 19 -2.17 -11.35 -2.45
N LEU A 20 -2.48 -10.18 -1.86
CA LEU A 20 -3.33 -9.22 -2.54
C LEU A 20 -2.71 -8.72 -3.85
N ILE A 21 -1.38 -8.62 -3.93
CA ILE A 21 -0.65 -8.18 -5.11
C ILE A 21 -0.84 -9.20 -6.24
N GLU A 22 -0.60 -10.49 -5.98
CA GLU A 22 -0.70 -11.54 -6.99
C GLU A 22 -2.13 -11.83 -7.44
N ASN A 23 -3.13 -11.62 -6.58
CA ASN A 23 -4.54 -11.88 -6.91
C ASN A 23 -5.09 -10.88 -7.90
N PHE A 24 -4.75 -9.61 -7.67
CA PHE A 24 -5.16 -8.46 -8.46
C PHE A 24 -3.94 -7.87 -9.20
N PRO A 25 -3.44 -8.51 -10.27
CA PRO A 25 -2.31 -8.03 -11.06
C PRO A 25 -2.71 -6.88 -12.01
N ASN A 26 -3.79 -6.12 -11.72
CA ASN A 26 -4.20 -5.01 -12.58
C ASN A 26 -3.34 -3.78 -12.32
N ALA A 27 -2.74 -3.72 -11.14
CA ALA A 27 -1.86 -2.66 -10.68
C ALA A 27 -1.45 -2.96 -9.24
N PHE A 28 -0.15 -3.14 -9.01
CA PHE A 28 0.48 -3.39 -7.73
C PHE A 28 1.98 -3.47 -7.95
N PHE A 29 2.77 -3.52 -6.87
CA PHE A 29 4.23 -3.60 -6.93
C PHE A 29 4.73 -4.35 -5.70
N LYS A 30 5.84 -5.07 -5.83
CA LYS A 30 6.43 -5.87 -4.75
C LYS A 30 7.66 -5.18 -4.19
N LYS A 31 8.60 -4.76 -5.05
CA LYS A 31 9.81 -4.08 -4.56
C LYS A 31 9.47 -2.62 -4.25
N GLY A 32 10.04 -2.04 -3.19
CA GLY A 32 9.79 -0.64 -2.84
C GLY A 32 10.36 0.32 -3.89
N ASN A 33 11.25 -0.16 -4.78
CA ASN A 33 11.85 0.64 -5.83
C ASN A 33 10.95 0.90 -7.04
N GLN A 34 9.86 0.15 -7.19
CA GLN A 34 8.92 0.26 -8.31
C GLN A 34 7.53 0.73 -7.87
N VAL A 35 7.34 1.02 -6.59
CA VAL A 35 6.02 1.48 -6.13
C VAL A 35 5.59 2.80 -6.81
N LYS A 36 4.29 3.06 -6.80
CA LYS A 36 3.58 4.23 -7.35
C LYS A 36 2.34 4.38 -6.46
N PRO A 37 1.67 5.53 -6.41
CA PRO A 37 0.49 5.68 -5.58
C PRO A 37 -0.67 4.84 -6.15
N LEU A 38 -1.70 4.61 -5.33
CA LEU A 38 -2.91 3.85 -5.63
C LEU A 38 -4.13 4.68 -5.23
N LYS A 39 -5.33 4.28 -5.64
CA LYS A 39 -6.56 4.99 -5.28
C LYS A 39 -6.67 5.06 -3.75
N ILE A 40 -7.35 6.10 -3.23
CA ILE A 40 -7.58 6.23 -1.81
C ILE A 40 -8.54 5.08 -1.43
N GLY A 41 -8.47 4.56 -0.21
CA GLY A 41 -9.37 3.49 0.19
C GLY A 41 -9.29 2.20 -0.64
N ILE A 42 -8.22 1.97 -1.41
CA ILE A 42 -8.10 0.75 -2.23
C ILE A 42 -8.20 -0.53 -1.36
N PHE A 43 -7.85 -0.45 -0.06
CA PHE A 43 -7.94 -1.58 0.86
C PHE A 43 -9.42 -1.87 1.13
N ASP A 44 -10.26 -0.86 1.31
CA ASP A 44 -11.68 -1.05 1.60
C ASP A 44 -12.37 -1.80 0.46
N ASP A 45 -11.88 -1.66 -0.77
CA ASP A 45 -12.45 -2.37 -1.92
C ASP A 45 -11.98 -3.83 -1.95
N LEU A 46 -10.68 -4.04 -1.75
CA LEU A 46 -10.00 -5.34 -1.76
C LEU A 46 -10.47 -6.24 -0.63
N ILE A 47 -10.79 -5.68 0.53
CA ILE A 47 -11.24 -6.45 1.69
C ILE A 47 -12.46 -7.28 1.26
N ASP A 48 -13.26 -6.82 0.27
CA ASP A 48 -14.42 -7.58 -0.16
C ASP A 48 -13.97 -8.90 -0.80
N PHE A 49 -12.84 -8.86 -1.50
CA PHE A 49 -12.21 -10.00 -2.14
C PHE A 49 -11.65 -10.92 -1.06
N TYR A 50 -11.21 -10.38 0.09
CA TYR A 50 -10.69 -11.18 1.20
C TYR A 50 -11.85 -12.03 1.75
N GLU A 51 -13.07 -11.49 1.81
CA GLU A 51 -14.23 -12.20 2.30
C GLU A 51 -14.72 -13.23 1.27
N ARG A 52 -14.34 -13.05 0.00
CA ARG A 52 -14.71 -13.94 -1.08
C ARG A 52 -13.93 -15.24 -1.01
N LEU A 53 -12.76 -15.26 -0.38
CA LEU A 53 -11.94 -16.44 -0.25
C LEU A 53 -12.63 -17.47 0.65
N ASP A 54 -12.29 -18.74 0.45
CA ASP A 54 -12.83 -19.82 1.26
C ASP A 54 -12.00 -19.91 2.54
N THR A 55 -10.76 -19.42 2.52
CA THR A 55 -9.86 -19.42 3.66
C THR A 55 -9.35 -18.00 3.95
N PRO A 56 -10.22 -17.12 4.48
CA PRO A 56 -9.81 -15.78 4.84
C PRO A 56 -8.75 -15.96 5.93
N PRO A 57 -7.54 -15.38 5.81
CA PRO A 57 -6.46 -15.53 6.78
C PRO A 57 -6.78 -14.86 8.13
N PHE A 58 -6.02 -13.86 8.57
CA PHE A 58 -6.27 -13.17 9.83
C PHE A 58 -7.29 -12.05 9.57
N SER A 59 -7.75 -11.36 10.61
CA SER A 59 -8.70 -10.29 10.43
C SER A 59 -8.04 -9.17 9.62
N LYS A 60 -8.88 -8.32 9.03
CA LYS A 60 -8.54 -7.18 8.18
C LYS A 60 -7.46 -6.28 8.73
N LYS A 61 -7.34 -6.13 10.06
CA LYS A 61 -6.29 -5.29 10.64
C LYS A 61 -4.91 -5.77 10.18
N SER A 62 -4.67 -7.09 10.10
CA SER A 62 -3.38 -7.62 9.67
C SER A 62 -3.11 -7.16 8.24
N LEU A 63 -4.09 -7.38 7.35
CA LEU A 63 -4.02 -7.01 5.93
C LEU A 63 -3.70 -5.53 5.79
N ARG A 64 -4.43 -4.64 6.47
CA ARG A 64 -4.18 -3.21 6.35
C ARG A 64 -2.91 -2.75 7.03
N GLU A 65 -2.53 -3.26 8.19
CA GLU A 65 -1.31 -2.84 8.87
C GLU A 65 -0.12 -3.11 7.96
N ALA A 66 -0.11 -4.30 7.34
CA ALA A 66 0.95 -4.70 6.44
C ALA A 66 0.97 -3.75 5.23
N LEU A 67 -0.18 -3.55 4.59
CA LEU A 67 -0.30 -2.67 3.43
C LEU A 67 0.23 -1.27 3.79
N SER A 68 -0.08 -0.79 5.01
CA SER A 68 0.35 0.50 5.51
C SER A 68 1.88 0.59 5.49
N TYR A 69 2.59 -0.47 5.89
CA TYR A 69 4.05 -0.48 5.87
C TYR A 69 4.58 -0.33 4.44
N TYR A 70 3.87 -0.85 3.44
CA TYR A 70 4.28 -0.72 2.04
C TYR A 70 4.08 0.72 1.59
N SER A 71 2.90 1.31 1.80
CA SER A 71 2.63 2.70 1.42
C SER A 71 3.57 3.63 2.21
N ALA A 72 3.99 3.23 3.40
CA ALA A 72 4.89 3.98 4.25
C ALA A 72 6.37 3.77 3.85
N SER A 73 6.66 3.07 2.75
CA SER A 73 8.04 2.86 2.33
C SER A 73 8.66 4.25 2.09
N PRO A 74 9.96 4.45 2.38
CA PRO A 74 10.60 5.73 2.18
C PRO A 74 10.47 6.14 0.71
N ALA A 75 10.71 5.18 -0.19
CA ALA A 75 10.65 5.36 -1.62
C ALA A 75 9.32 5.92 -2.11
N TYR A 76 8.19 5.41 -1.61
CA TYR A 76 6.86 5.86 -2.01
C TYR A 76 6.64 7.33 -1.65
N LEU A 77 7.02 7.72 -0.43
CA LEU A 77 6.83 9.08 0.06
C LEU A 77 7.81 10.05 -0.60
N SER A 78 9.08 9.68 -0.64
CA SER A 78 10.14 10.48 -1.23
C SER A 78 9.90 10.71 -2.73
N CYS A 79 9.25 9.76 -3.43
CA CYS A 79 8.98 9.88 -4.86
C CYS A 79 7.77 10.76 -5.17
N GLN A 80 7.12 11.40 -4.19
CA GLN A 80 5.96 12.27 -4.39
C GLN A 80 5.99 13.08 -5.70
N LYS A 81 5.17 12.61 -6.64
CA LYS A 81 5.00 13.19 -7.96
C LYS A 81 3.49 13.27 -8.20
N PRO A 82 2.88 14.45 -8.03
CA PRO A 82 1.45 14.63 -8.24
C PRO A 82 1.10 14.46 -9.73
N ASP A 83 -0.20 14.55 -10.05
CA ASP A 83 -0.74 14.44 -11.40
C ASP A 83 -0.23 13.20 -12.17
N THR A 84 -0.07 12.10 -11.44
CA THR A 84 0.43 10.83 -11.97
C THR A 84 -0.65 9.83 -12.38
N ALA A 85 -1.91 10.03 -11.96
CA ALA A 85 -3.06 9.18 -12.23
C ALA A 85 -2.89 7.75 -11.72
N ARG A 86 -3.50 7.50 -10.56
CA ARG A 86 -3.54 6.21 -9.89
C ARG A 86 -4.72 5.43 -10.48
N VAL A 87 -4.92 4.22 -9.98
CA VAL A 87 -5.97 3.29 -10.37
C VAL A 87 -6.38 2.50 -9.13
N ASP A 88 -7.52 1.82 -9.21
CA ASP A 88 -8.10 0.95 -8.18
C ASP A 88 -7.74 -0.52 -8.51
N ILE A 89 -8.16 -1.50 -7.71
CA ILE A 89 -7.88 -2.93 -7.94
C ILE A 89 -8.43 -3.38 -9.30
N TYR A 90 -9.52 -2.79 -9.76
CA TYR A 90 -10.14 -3.10 -11.04
C TYR A 90 -9.42 -2.40 -12.21
N GLY A 91 -8.37 -1.62 -11.94
CA GLY A 91 -7.61 -0.90 -12.95
C GLY A 91 -8.34 0.37 -13.42
N ASN A 92 -9.46 0.74 -12.79
CA ASN A 92 -10.23 1.93 -13.15
C ASN A 92 -9.36 3.15 -12.90
N GLU A 93 -9.39 4.11 -13.82
CA GLU A 93 -8.64 5.34 -13.68
C GLU A 93 -9.44 6.18 -12.66
N VAL A 94 -8.73 6.70 -11.67
CA VAL A 94 -9.22 7.52 -10.55
C VAL A 94 -8.67 8.95 -10.68
N ASP A 95 -8.92 9.87 -9.77
CA ASP A 95 -8.33 11.23 -9.91
C ASP A 95 -6.88 11.15 -9.42
N VAL A 96 -6.12 12.24 -9.45
CA VAL A 96 -4.70 12.17 -9.10
C VAL A 96 -4.38 12.83 -7.76
N VAL A 97 -3.16 12.54 -7.29
CA VAL A 97 -2.65 13.09 -6.04
C VAL A 97 -2.42 14.58 -6.31
N THR A 98 -3.06 15.47 -5.54
CA THR A 98 -2.88 16.91 -5.69
C THR A 98 -1.47 17.28 -5.24
N PRO A 99 -0.92 18.43 -5.67
CA PRO A 99 0.44 18.84 -5.32
C PRO A 99 0.71 18.98 -3.83
N GLU A 100 -0.13 19.67 -3.07
CA GLU A 100 0.13 19.83 -1.64
C GLU A 100 0.04 18.50 -0.90
N GLN A 101 -0.91 17.64 -1.25
CA GLN A 101 -1.06 16.34 -0.62
C GLN A 101 0.08 15.41 -1.04
N ALA A 102 0.63 15.59 -2.23
CA ALA A 102 1.73 14.79 -2.71
C ALA A 102 2.97 15.12 -1.87
N LYS A 103 3.31 16.40 -1.73
CA LYS A 103 4.48 16.81 -0.95
C LYS A 103 4.31 16.47 0.51
N TYR A 104 3.08 16.45 1.04
CA TYR A 104 2.74 16.17 2.42
C TYR A 104 3.33 14.82 2.86
N ALA A 105 3.54 13.90 1.91
CA ALA A 105 4.12 12.59 2.14
C ALA A 105 5.46 12.72 2.89
N TYR A 106 6.19 13.82 2.70
CA TYR A 106 7.47 14.07 3.33
C TYR A 106 7.39 14.06 4.86
N GLN A 107 6.25 14.44 5.45
CA GLN A 107 6.08 14.44 6.90
C GLN A 107 6.20 13.00 7.38
N ARG A 108 5.47 12.09 6.74
CA ARG A 108 5.48 10.68 7.09
C ARG A 108 6.88 10.08 6.87
N TYR A 109 7.66 10.61 5.91
CA TYR A 109 9.00 10.10 5.70
C TYR A 109 9.84 10.49 6.92
N GLN A 110 9.88 11.77 7.30
CA GLN A 110 10.68 12.24 8.42
C GLN A 110 10.18 11.67 9.75
N GLU A 111 8.90 11.37 9.87
CA GLU A 111 8.36 10.84 11.12
C GLU A 111 9.09 9.59 11.59
N ARG A 112 9.31 8.68 10.65
CA ARG A 112 9.99 7.40 10.87
C ARG A 112 11.43 7.30 10.34
N TYR A 113 11.79 8.07 9.32
CA TYR A 113 13.11 8.07 8.69
C TYR A 113 13.83 9.41 8.88
N GLY A 114 13.49 10.10 9.94
CA GLY A 114 14.04 11.39 10.35
C GLY A 114 13.75 11.61 11.83
N ASN A 115 14.10 12.78 12.37
CA ASN A 115 13.86 13.12 13.77
C ASN A 115 13.83 14.64 13.91
N LYS A 116 12.67 15.20 14.25
CA LYS A 116 12.46 16.64 14.45
C LYS A 116 11.17 16.81 15.23
N LYS A 117 11.01 17.94 15.90
CA LYS A 117 9.82 18.29 16.67
C LYS A 117 9.86 19.79 16.90
N SER A 118 8.72 20.44 16.76
CA SER A 118 8.55 21.86 16.99
C SER A 118 7.05 22.12 17.04
N GLN A 119 6.36 21.90 15.91
CA GLN A 119 4.93 22.08 15.64
C GLN A 119 4.56 23.55 15.65
N ASP A 120 4.97 24.27 16.70
CA ASP A 120 4.79 25.68 17.00
C ASP A 120 3.34 25.89 17.40
N LEU A 121 2.45 25.86 16.41
CA LEU A 121 0.99 26.01 16.51
C LEU A 121 0.57 27.40 17.03
N LYS A 122 -0.73 27.54 17.27
CA LYS A 122 -1.44 28.70 17.76
C LYS A 122 -2.66 28.15 18.50
N GLY A 1 12.99 -27.55 -0.09
CA GLY A 1 11.91 -28.56 0.02
C GLY A 1 11.28 -28.72 -1.36
N SER A 2 10.02 -28.29 -1.51
CA SER A 2 9.24 -28.32 -2.74
C SER A 2 8.73 -26.90 -2.95
N ASN A 3 8.20 -26.55 -4.13
CA ASN A 3 7.70 -25.20 -4.42
C ASN A 3 6.25 -25.41 -4.74
N GLN A 4 5.45 -25.44 -3.69
CA GLN A 4 4.03 -25.64 -3.76
C GLN A 4 3.35 -24.28 -3.53
N GLN A 5 3.17 -23.87 -2.28
CA GLN A 5 2.53 -22.61 -1.91
C GLN A 5 3.59 -21.57 -1.51
N LEU A 6 3.30 -20.30 -1.85
CA LEU A 6 4.13 -19.14 -1.60
C LEU A 6 4.29 -18.88 -0.10
N ASN A 7 3.16 -18.62 0.56
CA ASN A 7 3.07 -18.30 1.99
C ASN A 7 3.88 -17.03 2.27
N ALA A 8 4.01 -16.68 3.54
CA ALA A 8 4.75 -15.52 3.99
C ALA A 8 6.21 -15.66 3.57
N THR A 9 6.73 -14.69 2.85
CA THR A 9 8.13 -14.72 2.45
C THR A 9 8.96 -14.54 3.73
N LYS A 10 8.77 -13.42 4.45
CA LYS A 10 9.53 -13.11 5.65
C LYS A 10 8.77 -12.46 6.82
N LYS A 11 7.91 -11.47 6.59
CA LYS A 11 7.14 -10.80 7.63
C LYS A 11 5.65 -11.03 7.45
N ASP A 12 4.92 -11.02 8.57
CA ASP A 12 3.50 -11.20 8.73
C ASP A 12 2.79 -10.08 7.99
N LYS A 13 3.28 -8.86 8.16
CA LYS A 13 2.72 -7.71 7.49
C LYS A 13 2.87 -7.84 5.97
N LEU A 14 4.02 -8.25 5.43
CA LEU A 14 4.16 -8.34 3.97
C LEU A 14 3.33 -9.48 3.38
N GLN A 15 3.02 -10.52 4.15
CA GLN A 15 2.24 -11.66 3.66
C GLN A 15 0.88 -11.24 3.11
N VAL A 16 0.11 -10.45 3.87
CA VAL A 16 -1.21 -9.99 3.47
C VAL A 16 -1.12 -9.09 2.23
N ILE A 17 -0.04 -8.31 2.08
CA ILE A 17 0.17 -7.41 0.95
C ILE A 17 0.49 -8.19 -0.32
N ASP A 18 1.30 -9.23 -0.21
CA ASP A 18 1.66 -10.05 -1.34
C ASP A 18 0.42 -10.73 -1.95
N TRP A 19 -0.59 -11.05 -1.13
CA TRP A 19 -1.84 -11.71 -1.61
C TRP A 19 -2.57 -10.94 -2.70
N LEU A 20 -2.90 -9.68 -2.45
CA LEU A 20 -3.64 -8.80 -3.36
C LEU A 20 -3.14 -8.37 -4.68
N ILE A 21 -1.85 -8.30 -4.73
CA ILE A 21 -1.14 -7.91 -5.90
C ILE A 21 -1.56 -8.72 -7.18
N GLU A 22 -1.68 -10.04 -7.13
CA GLU A 22 -2.04 -11.11 -8.08
C GLU A 22 -3.46 -11.62 -8.68
N ASN A 23 -4.28 -11.16 -7.76
CA ASN A 23 -5.68 -11.22 -7.33
C ASN A 23 -6.58 -10.17 -7.85
N PHE A 24 -5.94 -9.05 -8.02
CA PHE A 24 -6.44 -7.87 -8.56
C PHE A 24 -5.18 -7.61 -9.41
N PRO A 25 -4.84 -8.51 -10.39
CA PRO A 25 -3.70 -8.37 -11.30
C PRO A 25 -4.04 -7.20 -12.27
N ASN A 26 -4.85 -6.23 -11.80
CA ASN A 26 -5.35 -5.05 -12.48
C ASN A 26 -4.40 -3.86 -12.25
N ALA A 27 -3.55 -3.86 -11.21
CA ALA A 27 -2.54 -2.84 -10.86
C ALA A 27 -2.00 -3.06 -9.44
N PHE A 28 -0.70 -3.30 -9.21
CA PHE A 28 -0.16 -3.47 -7.85
C PHE A 28 1.37 -3.70 -7.87
N PHE A 29 2.06 -3.62 -6.72
CA PHE A 29 3.50 -3.83 -6.61
C PHE A 29 4.01 -4.25 -5.22
N LYS A 30 4.87 -5.30 -5.20
CA LYS A 30 5.64 -6.03 -4.05
C LYS A 30 6.78 -5.15 -3.57
N LYS A 31 7.74 -5.01 -4.49
CA LYS A 31 8.98 -4.30 -4.34
C LYS A 31 8.78 -2.80 -4.21
N GLY A 32 9.32 -2.17 -3.18
CA GLY A 32 9.20 -0.73 -2.98
C GLY A 32 9.80 0.09 -4.12
N ASN A 33 10.82 -0.40 -4.83
CA ASN A 33 11.43 0.35 -5.94
C ASN A 33 10.49 0.72 -7.09
N GLN A 34 9.44 -0.06 -7.33
CA GLN A 34 8.48 0.15 -8.40
C GLN A 34 7.08 0.45 -7.86
N VAL A 35 6.90 0.51 -6.53
CA VAL A 35 5.60 0.80 -5.94
C VAL A 35 5.08 2.12 -6.54
N LYS A 36 3.78 2.16 -6.87
CA LYS A 36 3.09 3.32 -7.43
C LYS A 36 1.92 3.59 -6.50
N PRO A 37 1.40 4.82 -6.42
CA PRO A 37 0.26 5.10 -5.59
C PRO A 37 -0.97 4.39 -6.18
N LEU A 38 -1.95 4.11 -5.32
CA LEU A 38 -3.21 3.46 -5.61
C LEU A 38 -4.37 4.42 -5.37
N LYS A 39 -5.56 4.02 -5.81
CA LYS A 39 -6.80 4.77 -5.61
C LYS A 39 -6.92 5.10 -4.13
N ILE A 40 -7.50 6.27 -3.84
CA ILE A 40 -7.69 6.68 -2.48
C ILE A 40 -8.65 5.70 -1.80
N GLY A 41 -8.30 5.25 -0.60
CA GLY A 41 -9.15 4.34 0.15
C GLY A 41 -9.23 2.92 -0.41
N ILE A 42 -8.31 2.50 -1.28
CA ILE A 42 -8.27 1.19 -1.92
C ILE A 42 -8.39 0.00 -0.95
N PHE A 43 -7.98 0.14 0.32
CA PHE A 43 -8.10 -0.98 1.25
C PHE A 43 -9.58 -1.30 1.44
N ASP A 44 -10.44 -0.28 1.49
CA ASP A 44 -11.88 -0.45 1.71
C ASP A 44 -12.53 -1.06 0.48
N ASP A 45 -12.03 -0.80 -0.73
CA ASP A 45 -12.61 -1.38 -1.94
C ASP A 45 -12.31 -2.88 -1.98
N LEU A 46 -11.08 -3.23 -1.59
CA LEU A 46 -10.49 -4.55 -1.53
C LEU A 46 -10.95 -5.39 -0.34
N ILE A 47 -11.25 -4.77 0.79
CA ILE A 47 -11.69 -5.48 2.00
C ILE A 47 -12.92 -6.34 1.62
N ASP A 48 -13.75 -5.86 0.68
CA ASP A 48 -14.96 -6.53 0.21
C ASP A 48 -14.63 -7.89 -0.35
N PHE A 49 -13.53 -7.94 -1.10
CA PHE A 49 -13.03 -9.13 -1.74
C PHE A 49 -12.42 -10.10 -0.74
N TYR A 50 -11.72 -9.60 0.27
CA TYR A 50 -11.12 -10.41 1.33
C TYR A 50 -12.21 -11.22 2.03
N GLU A 51 -13.42 -10.67 2.15
CA GLU A 51 -14.55 -11.35 2.78
C GLU A 51 -15.13 -12.46 1.88
N ARG A 52 -14.92 -12.40 0.55
CA ARG A 52 -15.47 -13.37 -0.41
C ARG A 52 -14.79 -14.74 -0.39
N LEU A 53 -13.56 -14.82 0.06
CA LEU A 53 -12.82 -16.05 0.11
C LEU A 53 -13.46 -17.08 1.04
N ASP A 54 -13.58 -18.30 0.52
CA ASP A 54 -14.10 -19.44 1.26
C ASP A 54 -13.08 -19.78 2.37
N THR A 55 -11.85 -19.25 2.29
CA THR A 55 -10.77 -19.42 3.30
C THR A 55 -9.88 -18.18 3.68
N PRO A 56 -10.37 -17.25 4.51
CA PRO A 56 -9.60 -16.08 4.94
C PRO A 56 -8.59 -16.34 6.09
N PRO A 57 -7.33 -15.89 5.97
CA PRO A 57 -6.26 -16.03 6.96
C PRO A 57 -6.25 -14.84 7.95
N PHE A 58 -5.44 -13.82 7.68
CA PHE A 58 -5.25 -12.62 8.46
C PHE A 58 -6.44 -11.68 8.39
N SER A 59 -6.85 -11.14 9.55
CA SER A 59 -7.96 -10.23 9.77
C SER A 59 -7.89 -8.92 8.97
N LYS A 60 -9.05 -8.31 8.72
CA LYS A 60 -9.20 -7.03 8.00
C LYS A 60 -8.34 -5.91 8.58
N LYS A 61 -8.21 -5.86 9.91
CA LYS A 61 -7.41 -4.88 10.63
C LYS A 61 -5.95 -5.03 10.19
N SER A 62 -5.45 -6.26 10.14
CA SER A 62 -4.07 -6.54 9.76
C SER A 62 -3.81 -6.23 8.28
N LEU A 63 -4.74 -6.57 7.38
CA LEU A 63 -4.65 -6.33 5.93
C LEU A 63 -4.35 -4.84 5.76
N ARG A 64 -5.08 -3.98 6.46
CA ARG A 64 -4.90 -2.54 6.43
C ARG A 64 -3.59 -2.08 7.08
N GLU A 65 -3.31 -2.50 8.31
CA GLU A 65 -2.12 -2.12 9.07
C GLU A 65 -0.83 -2.45 8.34
N ALA A 66 -0.83 -3.58 7.63
CA ALA A 66 0.28 -4.04 6.86
C ALA A 66 0.42 -3.19 5.60
N LEU A 67 -0.69 -3.03 4.86
CA LEU A 67 -0.72 -2.22 3.64
C LEU A 67 -0.24 -0.80 3.98
N SER A 68 -0.56 -0.31 5.18
CA SER A 68 -0.20 1.00 5.72
C SER A 68 1.29 1.18 5.62
N TYR A 69 2.06 0.17 6.05
CA TYR A 69 3.51 0.23 6.00
C TYR A 69 3.97 0.36 4.55
N TYR A 70 3.45 -0.43 3.59
CA TYR A 70 3.86 -0.29 2.19
C TYR A 70 3.50 1.08 1.69
N SER A 71 2.28 1.52 1.99
CA SER A 71 1.87 2.83 1.58
C SER A 71 2.66 3.89 2.28
N ALA A 72 3.44 3.61 3.36
CA ALA A 72 4.27 4.55 4.12
C ALA A 72 5.76 4.33 3.84
N SER A 73 6.08 3.47 2.86
CA SER A 73 7.46 3.15 2.52
C SER A 73 8.27 4.38 2.10
N PRO A 74 9.61 4.35 2.25
CA PRO A 74 10.46 5.46 1.91
C PRO A 74 10.39 5.75 0.42
N ALA A 75 10.51 4.72 -0.40
CA ALA A 75 10.45 4.85 -1.84
C ALA A 75 9.11 5.44 -2.29
N TYR A 76 7.97 5.00 -1.74
CA TYR A 76 6.66 5.54 -2.11
C TYR A 76 6.64 7.06 -1.92
N LEU A 77 7.13 7.51 -0.75
CA LEU A 77 7.16 8.93 -0.39
C LEU A 77 8.18 9.68 -1.25
N SER A 78 9.38 9.14 -1.39
CA SER A 78 10.46 9.71 -2.18
C SER A 78 10.02 9.85 -3.64
N CYS A 79 9.26 8.89 -4.15
CA CYS A 79 8.74 8.84 -5.50
C CYS A 79 7.56 9.79 -5.73
N GLN A 80 7.18 10.66 -4.77
CA GLN A 80 6.10 11.65 -4.84
C GLN A 80 6.02 12.33 -6.23
N LYS A 81 5.31 11.70 -7.17
CA LYS A 81 5.15 12.20 -8.52
C LYS A 81 3.67 12.45 -8.70
N PRO A 82 3.22 13.71 -8.59
CA PRO A 82 1.82 14.06 -8.78
C PRO A 82 1.49 13.90 -10.27
N ASP A 83 0.25 14.20 -10.65
CA ASP A 83 -0.24 14.15 -12.04
C ASP A 83 0.24 12.85 -12.71
N THR A 84 -0.09 11.75 -12.03
CA THR A 84 0.29 10.38 -12.39
C THR A 84 -0.86 9.43 -12.65
N ALA A 85 -2.11 9.80 -12.31
CA ALA A 85 -3.31 8.99 -12.49
C ALA A 85 -3.20 7.58 -11.91
N ARG A 86 -3.74 7.41 -10.72
CA ARG A 86 -3.72 6.09 -10.08
C ARG A 86 -4.88 5.30 -10.68
N VAL A 87 -5.00 4.06 -10.25
CA VAL A 87 -6.03 3.13 -10.66
C VAL A 87 -6.55 2.47 -9.39
N ASP A 88 -7.77 1.95 -9.44
CA ASP A 88 -8.42 1.24 -8.35
C ASP A 88 -8.20 -0.25 -8.61
N ILE A 89 -8.67 -1.10 -7.68
CA ILE A 89 -8.54 -2.54 -7.81
C ILE A 89 -9.23 -3.04 -9.08
N TYR A 90 -10.30 -2.40 -9.56
CA TYR A 90 -11.00 -2.86 -10.75
C TYR A 90 -10.27 -2.46 -12.04
N GLY A 91 -9.11 -1.79 -11.92
CA GLY A 91 -8.30 -1.34 -13.04
C GLY A 91 -8.86 -0.06 -13.64
N ASN A 92 -9.86 0.55 -13.01
CA ASN A 92 -10.45 1.78 -13.52
C ASN A 92 -9.48 2.90 -13.18
N GLU A 93 -9.54 3.92 -14.00
CA GLU A 93 -8.73 5.11 -13.83
C GLU A 93 -9.34 5.94 -12.71
N VAL A 94 -8.46 6.53 -11.92
CA VAL A 94 -8.80 7.37 -10.80
C VAL A 94 -8.14 8.72 -11.04
N ASP A 95 -8.35 9.65 -10.12
CA ASP A 95 -7.82 11.00 -10.29
C ASP A 95 -6.34 10.98 -9.93
N VAL A 96 -5.68 12.13 -9.89
CA VAL A 96 -4.26 12.21 -9.63
C VAL A 96 -3.92 12.87 -8.31
N VAL A 97 -2.73 12.55 -7.81
CA VAL A 97 -2.27 13.14 -6.55
C VAL A 97 -1.94 14.59 -6.87
N THR A 98 -2.55 15.51 -6.11
CA THR A 98 -2.34 16.94 -6.27
C THR A 98 -0.86 17.25 -5.96
N PRO A 99 -0.31 18.36 -6.47
CA PRO A 99 1.09 18.71 -6.26
C PRO A 99 1.44 18.94 -4.79
N GLU A 100 0.58 19.68 -4.09
CA GLU A 100 0.75 20.02 -2.69
C GLU A 100 0.69 18.77 -1.81
N GLN A 101 -0.18 17.82 -2.14
CA GLN A 101 -0.29 16.59 -1.35
C GLN A 101 0.84 15.63 -1.70
N ALA A 102 1.22 15.52 -2.97
CA ALA A 102 2.30 14.64 -3.37
C ALA A 102 3.57 15.07 -2.63
N LYS A 103 3.92 16.36 -2.65
CA LYS A 103 5.13 16.81 -1.97
C LYS A 103 5.07 16.61 -0.46
N TYR A 104 3.87 16.66 0.13
CA TYR A 104 3.64 16.47 1.56
C TYR A 104 4.24 15.15 2.06
N ALA A 105 4.34 14.14 1.18
CA ALA A 105 4.90 12.83 1.52
C ALA A 105 6.30 12.95 2.13
N TYR A 106 7.07 13.98 1.76
CA TYR A 106 8.42 14.17 2.29
C TYR A 106 8.40 14.24 3.82
N GLN A 107 7.37 14.85 4.41
CA GLN A 107 7.27 15.00 5.85
C GLN A 107 7.26 13.64 6.53
N ARG A 108 6.62 12.65 5.91
CA ARG A 108 6.51 11.30 6.42
C ARG A 108 7.82 10.54 6.25
N TYR A 109 8.58 10.81 5.18
CA TYR A 109 9.86 10.17 4.94
C TYR A 109 10.78 10.65 6.05
N GLN A 110 10.90 11.96 6.25
CA GLN A 110 11.74 12.53 7.28
C GLN A 110 11.35 12.17 8.71
N GLU A 111 10.08 11.86 8.97
CA GLU A 111 9.60 11.49 10.31
C GLU A 111 10.39 10.28 10.78
N ARG A 112 10.61 9.29 9.91
CA ARG A 112 11.38 8.11 10.29
C ARG A 112 12.77 8.07 9.70
N TYR A 113 12.83 8.29 8.41
CA TYR A 113 14.02 8.27 7.59
C TYR A 113 14.69 9.65 7.53
N GLY A 114 14.50 10.47 8.57
CA GLY A 114 15.07 11.81 8.70
C GLY A 114 15.29 12.14 10.17
N ASN A 115 15.35 13.43 10.52
CA ASN A 115 15.57 13.91 11.87
C ASN A 115 14.74 15.17 12.07
N LYS A 116 13.52 15.07 12.61
CA LYS A 116 12.65 16.21 12.84
C LYS A 116 12.10 16.12 14.24
N LYS A 117 11.99 17.28 14.89
CA LYS A 117 11.50 17.40 16.25
C LYS A 117 10.04 16.98 16.35
N SER A 118 9.64 16.47 17.51
CA SER A 118 8.28 16.06 17.78
C SER A 118 7.58 17.31 18.27
N GLN A 119 6.49 17.62 17.57
CA GLN A 119 5.64 18.75 17.87
C GLN A 119 4.78 18.39 19.08
N ASP A 120 4.14 19.42 19.59
CA ASP A 120 3.21 19.39 20.70
C ASP A 120 1.97 18.65 20.19
N LEU A 121 0.92 18.59 21.00
CA LEU A 121 -0.32 17.97 20.58
C LEU A 121 -0.94 18.78 19.42
N LYS A 122 -2.06 18.27 18.92
CA LYS A 122 -2.86 18.83 17.83
C LYS A 122 -3.09 20.32 18.05
N GLY A 1 7.17 -35.33 -2.74
CA GLY A 1 5.76 -35.04 -3.04
C GLY A 1 5.31 -33.86 -2.20
N SER A 2 4.67 -32.86 -2.82
CA SER A 2 4.18 -31.66 -2.15
C SER A 2 2.71 -31.48 -2.50
N ASN A 3 1.95 -30.90 -1.57
CA ASN A 3 0.52 -30.59 -1.67
C ASN A 3 0.20 -29.23 -1.05
N GLN A 4 1.21 -28.53 -0.52
CA GLN A 4 1.15 -27.23 0.14
C GLN A 4 1.21 -26.10 -0.90
N GLN A 5 1.56 -24.88 -0.47
CA GLN A 5 1.71 -23.67 -1.28
C GLN A 5 3.08 -23.06 -1.00
N LEU A 6 3.45 -21.99 -1.71
CA LEU A 6 4.75 -21.33 -1.57
C LEU A 6 4.80 -20.16 -0.59
N ASN A 7 3.70 -19.41 -0.40
CA ASN A 7 3.61 -18.26 0.49
C ASN A 7 4.69 -17.20 0.20
N ALA A 8 4.81 -16.17 1.04
CA ALA A 8 5.81 -15.11 0.92
C ALA A 8 7.01 -15.53 1.77
N THR A 9 7.88 -14.59 2.16
CA THR A 9 9.04 -14.90 2.98
C THR A 9 8.66 -15.29 4.41
N LYS A 10 8.25 -14.33 5.26
CA LYS A 10 7.89 -14.61 6.65
C LYS A 10 7.05 -13.53 7.33
N LYS A 11 7.34 -12.25 7.10
CA LYS A 11 6.58 -11.15 7.72
C LYS A 11 5.13 -11.28 7.28
N ASP A 12 4.20 -11.27 8.23
CA ASP A 12 2.77 -11.36 7.90
C ASP A 12 2.38 -10.09 7.18
N LYS A 13 3.03 -8.96 7.49
CA LYS A 13 2.73 -7.71 6.83
C LYS A 13 3.08 -7.83 5.36
N LEU A 14 4.30 -8.29 5.05
CA LEU A 14 4.69 -8.43 3.65
C LEU A 14 3.85 -9.51 2.97
N GLN A 15 3.44 -10.56 3.69
CA GLN A 15 2.64 -11.64 3.11
C GLN A 15 1.24 -11.15 2.70
N VAL A 16 0.54 -10.38 3.54
CA VAL A 16 -0.79 -9.90 3.15
C VAL A 16 -0.71 -8.95 1.95
N ILE A 17 0.31 -8.10 1.90
CA ILE A 17 0.47 -7.16 0.79
C ILE A 17 0.86 -7.96 -0.47
N ASP A 18 1.72 -8.97 -0.34
CA ASP A 18 2.12 -9.78 -1.50
C ASP A 18 0.93 -10.55 -2.04
N TRP A 19 0.03 -10.98 -1.14
CA TRP A 19 -1.17 -11.72 -1.49
C TRP A 19 -2.06 -10.80 -2.32
N LEU A 20 -2.41 -9.61 -1.83
CA LEU A 20 -3.26 -8.70 -2.60
C LEU A 20 -2.59 -8.27 -3.91
N ILE A 21 -1.25 -8.11 -3.95
CA ILE A 21 -0.53 -7.72 -5.16
C ILE A 21 -0.73 -8.81 -6.23
N GLU A 22 -0.59 -10.08 -5.85
CA GLU A 22 -0.72 -11.21 -6.77
C GLU A 22 -2.18 -11.57 -7.09
N ASN A 23 -3.12 -11.26 -6.18
CA ASN A 23 -4.54 -11.57 -6.39
C ASN A 23 -5.10 -10.71 -7.51
N PHE A 24 -4.82 -9.40 -7.52
CA PHE A 24 -5.28 -8.50 -8.58
C PHE A 24 -4.05 -7.99 -9.35
N PRO A 25 -3.57 -8.76 -10.34
CA PRO A 25 -2.43 -8.40 -11.16
C PRO A 25 -2.81 -7.35 -12.22
N ASN A 26 -3.78 -6.47 -11.96
CA ASN A 26 -4.19 -5.44 -12.93
C ASN A 26 -3.45 -4.13 -12.65
N ALA A 27 -2.93 -3.95 -11.43
CA ALA A 27 -2.15 -2.82 -10.96
C ALA A 27 -1.90 -2.96 -9.46
N PHE A 28 -0.63 -3.05 -9.06
CA PHE A 28 -0.08 -3.12 -7.72
C PHE A 28 1.46 -3.22 -7.86
N PHE A 29 2.24 -3.09 -6.78
CA PHE A 29 3.70 -3.22 -6.85
C PHE A 29 4.27 -3.70 -5.52
N LYS A 30 5.40 -4.39 -5.60
CA LYS A 30 6.12 -4.96 -4.48
C LYS A 30 7.15 -3.96 -3.92
N LYS A 31 8.22 -3.72 -4.67
CA LYS A 31 9.28 -2.81 -4.22
C LYS A 31 8.80 -1.37 -4.19
N GLY A 32 9.13 -0.66 -3.10
CA GLY A 32 8.76 0.73 -2.92
C GLY A 32 9.31 1.60 -4.06
N ASN A 33 10.46 1.26 -4.62
CA ASN A 33 11.08 2.01 -5.71
C ASN A 33 10.21 2.13 -6.95
N GLN A 34 9.27 1.21 -7.20
CA GLN A 34 8.37 1.25 -8.36
C GLN A 34 6.92 1.45 -7.95
N VAL A 35 6.64 1.53 -6.64
CA VAL A 35 5.27 1.71 -6.14
C VAL A 35 4.67 3.01 -6.67
N LYS A 36 3.36 3.02 -6.88
CA LYS A 36 2.57 4.15 -7.36
C LYS A 36 1.34 4.25 -6.46
N PRO A 37 0.71 5.42 -6.32
CA PRO A 37 -0.47 5.55 -5.49
C PRO A 37 -1.64 4.85 -6.18
N LEU A 38 -2.38 4.04 -5.44
CA LEU A 38 -3.55 3.30 -5.95
C LEU A 38 -4.82 4.14 -5.70
N LYS A 39 -5.94 3.74 -6.33
CA LYS A 39 -7.24 4.38 -6.18
C LYS A 39 -7.58 4.54 -4.69
N ILE A 40 -8.34 5.58 -4.35
CA ILE A 40 -8.76 5.83 -2.97
C ILE A 40 -9.61 4.63 -2.53
N GLY A 41 -9.41 4.16 -1.30
CA GLY A 41 -10.18 3.05 -0.78
C GLY A 41 -9.99 1.73 -1.52
N ILE A 42 -8.93 1.54 -2.32
CA ILE A 42 -8.70 0.29 -3.04
C ILE A 42 -8.75 -0.93 -2.10
N PHE A 43 -8.40 -0.77 -0.81
CA PHE A 43 -8.45 -1.87 0.16
C PHE A 43 -9.89 -2.35 0.31
N ASP A 44 -10.87 -1.45 0.31
CA ASP A 44 -12.28 -1.76 0.45
C ASP A 44 -12.79 -2.50 -0.79
N ASP A 45 -12.18 -2.23 -1.93
CA ASP A 45 -12.53 -2.84 -3.20
C ASP A 45 -11.98 -4.27 -3.23
N LEU A 46 -10.72 -4.43 -2.77
CA LEU A 46 -9.95 -5.68 -2.69
C LEU A 46 -10.42 -6.61 -1.57
N ILE A 47 -10.86 -6.08 -0.42
CA ILE A 47 -11.31 -6.92 0.70
C ILE A 47 -12.44 -7.85 0.21
N ASP A 48 -13.19 -7.41 -0.80
CA ASP A 48 -14.29 -8.15 -1.40
C ASP A 48 -13.80 -9.49 -1.94
N PHE A 49 -12.58 -9.53 -2.46
CA PHE A 49 -11.91 -10.72 -2.99
C PHE A 49 -11.42 -11.57 -1.82
N TYR A 50 -10.99 -10.95 -0.71
CA TYR A 50 -10.54 -11.68 0.47
C TYR A 50 -11.69 -12.51 1.02
N GLU A 51 -12.93 -12.04 0.86
CA GLU A 51 -14.13 -12.75 1.32
C GLU A 51 -14.35 -14.00 0.47
N ARG A 52 -13.77 -14.05 -0.74
CA ARG A 52 -13.89 -15.20 -1.62
C ARG A 52 -13.01 -16.34 -1.08
N LEU A 53 -11.98 -16.05 -0.29
CA LEU A 53 -11.11 -17.05 0.31
C LEU A 53 -11.99 -17.68 1.38
N ASP A 54 -12.26 -18.96 1.25
CA ASP A 54 -13.10 -19.70 2.20
C ASP A 54 -12.43 -19.90 3.57
N THR A 55 -11.10 -19.75 3.64
CA THR A 55 -10.32 -19.89 4.87
C THR A 55 -9.34 -18.72 4.92
N PRO A 56 -9.73 -17.55 5.44
CA PRO A 56 -8.86 -16.39 5.53
C PRO A 56 -7.74 -16.58 6.57
N PRO A 57 -6.45 -16.58 6.19
CA PRO A 57 -5.35 -16.76 7.13
C PRO A 57 -5.17 -15.53 8.03
N PHE A 58 -4.81 -14.39 7.46
CA PHE A 58 -4.62 -13.17 8.22
C PHE A 58 -5.96 -12.45 8.36
N SER A 59 -6.02 -11.43 9.20
CA SER A 59 -7.25 -10.70 9.42
C SER A 59 -7.43 -9.52 8.47
N LYS A 60 -8.68 -9.04 8.39
CA LYS A 60 -9.05 -7.87 7.57
C LYS A 60 -8.25 -6.68 8.11
N LYS A 61 -8.06 -6.66 9.43
CA LYS A 61 -7.30 -5.62 10.13
C LYS A 61 -5.85 -5.70 9.66
N SER A 62 -5.20 -6.88 9.75
CA SER A 62 -3.82 -7.09 9.35
C SER A 62 -3.59 -6.69 7.88
N LEU A 63 -4.48 -7.10 6.96
CA LEU A 63 -4.38 -6.80 5.53
C LEU A 63 -4.23 -5.29 5.34
N ARG A 64 -5.14 -4.51 5.94
CA ARG A 64 -5.10 -3.05 5.84
C ARG A 64 -3.93 -2.43 6.60
N GLU A 65 -3.65 -2.88 7.81
CA GLU A 65 -2.57 -2.38 8.67
C GLU A 65 -1.23 -2.43 7.95
N ALA A 66 -0.95 -3.57 7.33
CA ALA A 66 0.29 -3.80 6.60
C ALA A 66 0.36 -2.88 5.38
N LEU A 67 -0.74 -2.76 4.64
CA LEU A 67 -0.81 -1.93 3.44
C LEU A 67 -0.37 -0.49 3.75
N SER A 68 -0.73 0.03 4.93
CA SER A 68 -0.37 1.38 5.35
C SER A 68 1.16 1.53 5.37
N TYR A 69 1.90 0.48 5.74
CA TYR A 69 3.35 0.51 5.80
C TYR A 69 3.96 0.71 4.41
N TYR A 70 3.34 0.19 3.34
CA TYR A 70 3.83 0.37 1.97
C TYR A 70 3.55 1.83 1.59
N SER A 71 2.34 2.32 1.86
CA SER A 71 1.93 3.69 1.57
C SER A 71 2.80 4.71 2.34
N ALA A 72 3.43 4.30 3.44
CA ALA A 72 4.30 5.13 4.26
C ALA A 72 5.79 4.82 4.00
N SER A 73 6.11 4.03 2.96
CA SER A 73 7.49 3.70 2.64
C SER A 73 8.25 4.99 2.26
N PRO A 74 9.59 5.02 2.41
CA PRO A 74 10.35 6.22 2.07
C PRO A 74 10.23 6.53 0.58
N ALA A 75 10.21 5.51 -0.27
CA ALA A 75 10.13 5.71 -1.70
C ALA A 75 8.77 6.29 -2.08
N TYR A 76 7.68 5.75 -1.53
CA TYR A 76 6.35 6.25 -1.86
C TYR A 76 6.29 7.76 -1.59
N LEU A 77 6.75 8.18 -0.40
CA LEU A 77 6.71 9.58 0.02
C LEU A 77 7.70 10.47 -0.73
N SER A 78 8.97 10.05 -0.83
CA SER A 78 10.00 10.83 -1.51
C SER A 78 9.70 11.01 -2.99
N CYS A 79 9.13 9.98 -3.64
CA CYS A 79 8.81 9.98 -5.06
C CYS A 79 7.42 10.56 -5.37
N GLN A 80 6.68 11.09 -4.40
CA GLN A 80 5.34 11.63 -4.65
C GLN A 80 5.31 12.63 -5.80
N LYS A 81 4.60 12.24 -6.86
CA LYS A 81 4.39 13.02 -8.06
C LYS A 81 2.90 12.97 -8.36
N PRO A 82 2.20 14.11 -8.23
CA PRO A 82 0.78 14.22 -8.49
C PRO A 82 0.51 14.09 -9.99
N ASP A 83 -0.78 14.25 -10.36
CA ASP A 83 -1.25 14.15 -11.76
C ASP A 83 -0.82 12.81 -12.37
N THR A 84 -0.68 11.80 -11.52
CA THR A 84 -0.25 10.45 -11.82
C THR A 84 -1.36 9.53 -12.33
N ALA A 85 -2.64 9.84 -12.10
CA ALA A 85 -3.78 9.02 -12.53
C ALA A 85 -3.64 7.59 -12.01
N ARG A 86 -4.20 7.37 -10.82
CA ARG A 86 -4.12 6.05 -10.21
C ARG A 86 -4.99 5.08 -11.01
N VAL A 87 -4.97 3.83 -10.59
CA VAL A 87 -5.73 2.74 -11.17
C VAL A 87 -6.34 1.96 -10.02
N ASP A 88 -7.44 1.29 -10.34
CA ASP A 88 -8.26 0.46 -9.47
C ASP A 88 -7.88 -1.03 -9.61
N ILE A 89 -8.45 -1.91 -8.80
CA ILE A 89 -8.17 -3.35 -8.86
C ILE A 89 -8.56 -3.97 -10.20
N TYR A 90 -9.52 -3.39 -10.93
CA TYR A 90 -9.95 -3.89 -12.23
C TYR A 90 -9.00 -3.33 -13.31
N GLY A 91 -7.99 -2.52 -12.94
CA GLY A 91 -7.00 -1.92 -13.81
C GLY A 91 -7.47 -0.66 -14.52
N ASN A 92 -8.70 -0.21 -14.28
CA ASN A 92 -9.28 0.97 -14.89
C ASN A 92 -8.62 2.22 -14.35
N GLU A 93 -8.49 3.22 -15.21
CA GLU A 93 -7.89 4.49 -14.88
C GLU A 93 -8.88 5.27 -13.99
N VAL A 94 -8.35 5.97 -13.00
CA VAL A 94 -9.06 6.78 -12.02
C VAL A 94 -8.49 8.21 -12.03
N ASP A 95 -9.01 9.11 -11.19
CA ASP A 95 -8.58 10.51 -11.17
C ASP A 95 -7.24 10.63 -10.44
N VAL A 96 -6.72 11.84 -10.22
CA VAL A 96 -5.40 12.01 -9.61
C VAL A 96 -5.37 12.60 -8.21
N VAL A 97 -4.18 12.48 -7.61
CA VAL A 97 -3.86 12.99 -6.28
C VAL A 97 -3.50 14.46 -6.45
N THR A 98 -3.97 15.34 -5.55
CA THR A 98 -3.67 16.76 -5.63
C THR A 98 -2.18 16.98 -5.35
N PRO A 99 -1.54 17.98 -6.00
CA PRO A 99 -0.14 18.28 -5.82
C PRO A 99 0.21 18.73 -4.42
N GLU A 100 -0.74 19.35 -3.72
CA GLU A 100 -0.52 19.83 -2.38
C GLU A 100 -0.34 18.64 -1.44
N GLN A 101 -1.26 17.68 -1.48
CA GLN A 101 -1.16 16.51 -0.64
C GLN A 101 0.00 15.62 -1.09
N ALA A 102 0.26 15.53 -2.39
CA ALA A 102 1.35 14.72 -2.93
C ALA A 102 2.68 15.20 -2.33
N LYS A 103 2.99 16.50 -2.38
CA LYS A 103 4.26 16.97 -1.81
C LYS A 103 4.22 16.87 -0.29
N TYR A 104 3.07 17.01 0.35
CA TYR A 104 2.91 16.94 1.79
C TYR A 104 3.52 15.64 2.33
N ALA A 105 3.58 14.56 1.53
CA ALA A 105 4.15 13.30 1.94
C ALA A 105 5.56 13.46 2.53
N TYR A 106 6.29 14.51 2.13
CA TYR A 106 7.63 14.79 2.62
C TYR A 106 7.71 14.90 4.15
N GLN A 107 6.63 15.32 4.81
CA GLN A 107 6.58 15.46 6.26
C GLN A 107 6.73 14.08 6.90
N ARG A 108 5.94 13.14 6.39
CA ARG A 108 5.89 11.75 6.81
C ARG A 108 7.26 11.11 6.58
N TYR A 109 7.99 11.53 5.54
CA TYR A 109 9.31 10.97 5.31
C TYR A 109 10.21 11.42 6.46
N GLN A 110 10.26 12.71 6.78
CA GLN A 110 11.11 13.20 7.86
C GLN A 110 10.63 12.68 9.21
N GLU A 111 9.34 12.40 9.39
CA GLU A 111 8.85 11.92 10.67
C GLU A 111 9.45 10.58 11.08
N ARG A 112 9.49 9.66 10.12
CA ARG A 112 9.97 8.28 10.24
C ARG A 112 11.38 7.99 9.76
N TYR A 113 11.92 8.80 8.86
CA TYR A 113 13.24 8.63 8.26
C TYR A 113 14.06 9.91 8.41
N GLY A 114 13.67 10.79 9.32
CA GLY A 114 14.32 12.06 9.60
C GLY A 114 14.21 12.37 11.10
N ASN A 115 14.55 13.59 11.47
CA ASN A 115 14.54 14.08 12.83
C ASN A 115 13.34 14.98 13.08
N LYS A 116 13.14 15.35 14.34
CA LYS A 116 12.07 16.23 14.81
C LYS A 116 12.66 17.12 15.90
N LYS A 117 11.86 18.00 16.50
CA LYS A 117 12.25 18.95 17.53
C LYS A 117 11.01 19.53 18.19
N SER A 118 11.21 20.42 19.16
CA SER A 118 10.14 21.10 19.87
C SER A 118 9.35 21.94 18.85
N GLN A 119 8.03 21.83 18.83
CA GLN A 119 7.17 22.55 17.89
C GLN A 119 6.34 23.65 18.56
N ASP A 120 6.44 23.77 19.89
CA ASP A 120 5.74 24.74 20.72
C ASP A 120 6.55 24.90 22.01
N LEU A 121 6.12 25.84 22.85
CA LEU A 121 6.71 26.16 24.15
C LEU A 121 5.65 26.89 24.98
N LYS A 122 6.00 27.24 26.22
CA LYS A 122 5.25 27.95 27.23
C LYS A 122 6.28 28.44 28.23
N GLY A 1 14.54 -21.74 -5.50
CA GLY A 1 13.71 -22.42 -4.49
C GLY A 1 14.49 -22.73 -3.23
N SER A 2 14.58 -24.01 -2.86
CA SER A 2 15.25 -24.55 -1.68
C SER A 2 14.60 -24.02 -0.39
N ASN A 3 15.17 -23.02 0.30
CA ASN A 3 14.56 -22.50 1.52
C ASN A 3 13.18 -21.95 1.22
N GLN A 4 12.20 -22.42 1.99
CA GLN A 4 10.81 -22.03 1.87
C GLN A 4 10.15 -22.29 3.22
N GLN A 5 9.01 -21.64 3.50
CA GLN A 5 8.29 -21.80 4.76
C GLN A 5 6.79 -21.55 4.56
N LEU A 6 6.20 -22.31 3.66
CA LEU A 6 4.80 -22.35 3.25
C LEU A 6 4.13 -20.96 3.33
N ASN A 7 4.68 -19.98 2.62
CA ASN A 7 4.19 -18.61 2.58
C ASN A 7 4.50 -17.97 1.23
N ALA A 8 3.72 -16.94 0.87
CA ALA A 8 3.78 -16.17 -0.37
C ALA A 8 5.18 -15.81 -0.84
N THR A 9 5.86 -14.89 -0.16
CA THR A 9 7.20 -14.46 -0.54
C THR A 9 8.15 -14.38 0.65
N LYS A 10 7.74 -13.70 1.73
CA LYS A 10 8.44 -13.48 3.00
C LYS A 10 7.54 -12.61 3.85
N LYS A 11 7.66 -12.70 5.18
CA LYS A 11 6.91 -11.96 6.21
C LYS A 11 5.40 -12.16 6.15
N ASP A 12 4.83 -12.53 7.29
CA ASP A 12 3.41 -12.79 7.46
C ASP A 12 2.60 -11.52 7.22
N LYS A 13 3.17 -10.35 7.51
CA LYS A 13 2.49 -9.08 7.29
C LYS A 13 2.40 -8.89 5.78
N LEU A 14 3.52 -9.01 5.07
CA LEU A 14 3.58 -8.83 3.63
C LEU A 14 2.78 -9.91 2.90
N GLN A 15 2.60 -11.07 3.51
CA GLN A 15 1.86 -12.20 2.97
C GLN A 15 0.42 -11.79 2.62
N VAL A 16 -0.20 -10.93 3.44
CA VAL A 16 -1.57 -10.52 3.15
C VAL A 16 -1.58 -9.59 1.92
N ILE A 17 -0.55 -8.74 1.80
CA ILE A 17 -0.40 -7.81 0.70
C ILE A 17 -0.21 -8.64 -0.58
N ASP A 18 0.56 -9.73 -0.49
CA ASP A 18 0.84 -10.63 -1.60
C ASP A 18 -0.46 -11.28 -2.09
N TRP A 19 -1.37 -11.66 -1.17
CA TRP A 19 -2.61 -12.30 -1.60
C TRP A 19 -3.43 -11.29 -2.39
N LEU A 20 -3.78 -10.12 -1.83
CA LEU A 20 -4.55 -9.11 -2.53
C LEU A 20 -3.85 -8.64 -3.82
N ILE A 21 -2.51 -8.60 -3.85
CA ILE A 21 -1.76 -8.19 -5.03
C ILE A 21 -2.10 -9.12 -6.19
N GLU A 22 -2.03 -10.43 -5.98
CA GLU A 22 -2.31 -11.40 -7.04
C GLU A 22 -3.82 -11.59 -7.23
N ASN A 23 -4.63 -11.35 -6.19
CA ASN A 23 -6.08 -11.50 -6.20
C ASN A 23 -6.76 -10.47 -7.08
N PHE A 24 -6.30 -9.20 -7.07
CA PHE A 24 -6.89 -8.13 -7.87
C PHE A 24 -5.94 -7.70 -9.00
N PRO A 25 -5.87 -8.46 -10.11
CA PRO A 25 -5.00 -8.20 -11.26
C PRO A 25 -5.30 -6.94 -12.10
N ASN A 26 -5.99 -5.92 -11.59
CA ASN A 26 -6.25 -4.70 -12.37
C ASN A 26 -5.16 -3.66 -12.15
N ALA A 27 -4.45 -3.75 -11.03
CA ALA A 27 -3.35 -2.87 -10.65
C ALA A 27 -2.82 -3.34 -9.30
N PHE A 28 -1.54 -3.72 -9.22
CA PHE A 28 -0.82 -4.16 -8.02
C PHE A 28 0.64 -4.45 -8.38
N PHE A 29 1.55 -4.33 -7.42
CA PHE A 29 2.98 -4.57 -7.61
C PHE A 29 3.55 -5.30 -6.40
N LYS A 30 4.33 -6.37 -6.65
CA LYS A 30 4.95 -7.18 -5.59
C LYS A 30 6.08 -6.41 -4.90
N LYS A 31 7.12 -6.03 -5.65
CA LYS A 31 8.27 -5.32 -5.08
C LYS A 31 7.94 -3.87 -4.68
N GLY A 32 8.26 -3.47 -3.45
CA GLY A 32 8.05 -2.14 -2.88
C GLY A 32 8.73 -1.01 -3.64
N ASN A 33 9.67 -1.29 -4.54
CA ASN A 33 10.39 -0.28 -5.32
C ASN A 33 9.71 0.13 -6.64
N GLN A 34 8.72 -0.63 -7.12
CA GLN A 34 8.01 -0.37 -8.38
C GLN A 34 6.54 -0.05 -8.16
N VAL A 35 6.13 0.15 -6.91
CA VAL A 35 4.75 0.48 -6.58
C VAL A 35 4.37 1.82 -7.24
N LYS A 36 3.08 2.05 -7.43
CA LYS A 36 2.47 3.26 -8.00
C LYS A 36 1.32 3.62 -7.06
N PRO A 37 0.82 4.87 -7.02
CA PRO A 37 -0.26 5.23 -6.12
C PRO A 37 -1.61 4.62 -6.54
N LEU A 38 -2.49 4.46 -5.56
CA LEU A 38 -3.84 3.91 -5.66
C LEU A 38 -4.90 4.91 -5.21
N LYS A 39 -6.15 4.60 -5.52
CA LYS A 39 -7.35 5.37 -5.19
C LYS A 39 -7.40 5.66 -3.70
N ILE A 40 -7.94 6.83 -3.34
CA ILE A 40 -8.07 7.25 -1.95
C ILE A 40 -8.99 6.27 -1.22
N GLY A 41 -8.45 5.60 -0.21
CA GLY A 41 -9.15 4.63 0.60
C GLY A 41 -9.43 3.29 -0.10
N ILE A 42 -8.66 2.93 -1.13
CA ILE A 42 -8.78 1.71 -1.93
C ILE A 42 -8.88 0.42 -1.07
N PHE A 43 -8.32 0.38 0.16
CA PHE A 43 -8.42 -0.84 0.97
C PHE A 43 -9.90 -1.15 1.20
N ASP A 44 -10.74 -0.12 1.34
CA ASP A 44 -12.16 -0.27 1.60
C ASP A 44 -12.90 -0.86 0.42
N ASP A 45 -12.41 -0.65 -0.80
CA ASP A 45 -12.99 -1.19 -2.03
C ASP A 45 -12.57 -2.66 -2.17
N LEU A 46 -11.29 -2.89 -1.94
CA LEU A 46 -10.53 -4.14 -1.98
C LEU A 46 -11.01 -5.11 -0.92
N ILE A 47 -11.49 -4.61 0.22
CA ILE A 47 -11.96 -5.41 1.32
C ILE A 47 -13.06 -6.36 0.84
N ASP A 48 -13.82 -5.95 -0.18
CA ASP A 48 -14.92 -6.75 -0.73
C ASP A 48 -14.40 -8.03 -1.38
N PHE A 49 -13.15 -8.04 -1.87
CA PHE A 49 -12.57 -9.21 -2.53
C PHE A 49 -12.21 -10.32 -1.52
N TYR A 50 -11.77 -9.99 -0.30
CA TYR A 50 -11.43 -10.94 0.78
C TYR A 50 -12.69 -11.71 1.17
N GLU A 51 -13.85 -11.07 1.05
CA GLU A 51 -15.16 -11.62 1.38
C GLU A 51 -15.46 -12.82 0.46
N ARG A 52 -14.75 -12.94 -0.67
CA ARG A 52 -14.91 -14.04 -1.61
C ARG A 52 -14.11 -15.26 -1.16
N LEU A 53 -13.13 -15.10 -0.27
CA LEU A 53 -12.36 -16.22 0.23
C LEU A 53 -13.32 -17.08 1.04
N ASP A 54 -13.24 -18.38 0.83
CA ASP A 54 -14.10 -19.35 1.52
C ASP A 54 -13.50 -19.77 2.87
N THR A 55 -12.20 -19.56 3.05
CA THR A 55 -11.48 -19.88 4.29
C THR A 55 -10.42 -18.77 4.48
N PRO A 56 -10.85 -17.58 4.93
CA PRO A 56 -9.95 -16.46 5.14
C PRO A 56 -9.03 -16.69 6.36
N PRO A 57 -7.70 -16.76 6.20
CA PRO A 57 -6.77 -16.96 7.31
C PRO A 57 -6.70 -15.73 8.23
N PHE A 58 -6.10 -14.62 7.76
CA PHE A 58 -5.95 -13.38 8.53
C PHE A 58 -7.22 -12.54 8.56
N SER A 59 -7.26 -11.53 9.45
CA SER A 59 -8.40 -10.64 9.64
C SER A 59 -8.41 -9.38 8.78
N LYS A 60 -9.57 -8.72 8.76
CA LYS A 60 -9.80 -7.48 8.02
C LYS A 60 -8.79 -6.42 8.44
N LYS A 61 -8.64 -6.14 9.74
CA LYS A 61 -7.68 -5.15 10.20
C LYS A 61 -6.25 -5.49 9.79
N SER A 62 -5.89 -6.77 9.79
CA SER A 62 -4.56 -7.26 9.44
C SER A 62 -4.18 -6.88 8.00
N LEU A 63 -5.17 -6.78 7.10
CA LEU A 63 -4.93 -6.41 5.71
C LEU A 63 -4.53 -4.94 5.69
N ARG A 64 -5.38 -4.08 6.27
CA ARG A 64 -5.15 -2.63 6.32
C ARG A 64 -3.84 -2.31 7.00
N GLU A 65 -3.55 -2.94 8.14
CA GLU A 65 -2.33 -2.73 8.89
C GLU A 65 -1.10 -3.07 8.05
N ALA A 66 -1.09 -4.20 7.35
CA ALA A 66 0.06 -4.55 6.53
C ALA A 66 0.13 -3.70 5.26
N LEU A 67 -1.00 -3.38 4.62
CA LEU A 67 -1.02 -2.56 3.40
C LEU A 67 -0.49 -1.16 3.71
N SER A 68 -0.80 -0.60 4.89
CA SER A 68 -0.34 0.73 5.27
C SER A 68 1.18 0.81 5.22
N TYR A 69 1.83 -0.31 5.50
CA TYR A 69 3.27 -0.48 5.50
C TYR A 69 3.83 -0.27 4.09
N TYR A 70 3.17 -0.79 3.05
CA TYR A 70 3.62 -0.64 1.67
C TYR A 70 3.46 0.83 1.27
N SER A 71 2.32 1.45 1.61
CA SER A 71 2.14 2.88 1.31
C SER A 71 3.03 3.77 2.21
N ALA A 72 3.75 3.16 3.16
CA ALA A 72 4.69 3.78 4.08
C ALA A 72 6.11 3.35 3.68
N SER A 73 6.28 2.64 2.57
CA SER A 73 7.58 2.21 2.09
C SER A 73 8.37 3.46 1.71
N PRO A 74 9.70 3.40 1.76
CA PRO A 74 10.52 4.54 1.43
C PRO A 74 10.30 4.96 -0.02
N ALA A 75 10.29 4.01 -0.95
CA ALA A 75 10.11 4.28 -2.36
C ALA A 75 8.83 5.05 -2.64
N TYR A 76 7.68 4.64 -2.09
CA TYR A 76 6.40 5.30 -2.31
C TYR A 76 6.44 6.77 -1.95
N LEU A 77 7.03 7.10 -0.80
CA LEU A 77 7.12 8.47 -0.33
C LEU A 77 8.17 9.24 -1.12
N SER A 78 9.35 8.64 -1.27
CA SER A 78 10.50 9.18 -2.00
C SER A 78 10.17 9.50 -3.45
N CYS A 79 9.21 8.78 -4.05
CA CYS A 79 8.79 8.95 -5.42
C CYS A 79 7.70 10.02 -5.58
N GLN A 80 7.34 10.75 -4.51
CA GLN A 80 6.34 11.84 -4.44
C GLN A 80 6.25 12.68 -5.72
N LYS A 81 5.38 12.28 -6.65
CA LYS A 81 5.16 12.94 -7.93
C LYS A 81 3.67 13.21 -8.11
N PRO A 82 3.25 14.48 -8.00
CA PRO A 82 1.85 14.84 -8.23
C PRO A 82 1.59 14.68 -9.73
N ASP A 83 0.34 14.85 -10.17
CA ASP A 83 -0.02 14.71 -11.59
C ASP A 83 0.42 13.30 -12.04
N THR A 84 -0.34 12.30 -11.55
CA THR A 84 -0.06 10.89 -11.85
C THR A 84 -1.29 10.03 -12.16
N ALA A 85 -2.52 10.49 -11.92
CA ALA A 85 -3.76 9.74 -12.18
C ALA A 85 -3.74 8.33 -11.57
N ARG A 86 -4.14 8.24 -10.30
CA ARG A 86 -4.17 6.95 -9.60
C ARG A 86 -5.31 6.07 -10.15
N VAL A 87 -5.40 4.82 -9.71
CA VAL A 87 -6.42 3.86 -10.14
C VAL A 87 -6.97 3.11 -8.93
N ASP A 88 -8.21 2.64 -9.05
CA ASP A 88 -8.95 1.87 -8.05
C ASP A 88 -8.84 0.37 -8.42
N ILE A 89 -9.35 -0.54 -7.59
CA ILE A 89 -9.31 -1.99 -7.86
C ILE A 89 -10.05 -2.33 -9.16
N TYR A 90 -11.04 -1.52 -9.55
CA TYR A 90 -11.81 -1.75 -10.75
C TYR A 90 -11.03 -1.25 -11.99
N GLY A 91 -9.79 -0.78 -11.83
CA GLY A 91 -8.93 -0.30 -12.90
C GLY A 91 -9.35 1.09 -13.38
N ASN A 92 -10.45 1.63 -12.85
CA ASN A 92 -10.97 2.93 -13.22
C ASN A 92 -9.97 4.00 -12.83
N GLU A 93 -9.74 4.93 -13.75
CA GLU A 93 -8.85 6.02 -13.51
C GLU A 93 -9.58 6.96 -12.55
N VAL A 94 -8.83 7.47 -11.59
CA VAL A 94 -9.23 8.39 -10.53
C VAL A 94 -8.40 9.67 -10.69
N ASP A 95 -8.56 10.64 -9.80
CA ASP A 95 -7.91 11.93 -9.94
C ASP A 95 -6.42 11.85 -9.60
N VAL A 96 -5.72 12.98 -9.58
CA VAL A 96 -4.28 12.99 -9.34
C VAL A 96 -3.94 13.60 -7.99
N VAL A 97 -2.77 13.21 -7.49
CA VAL A 97 -2.28 13.68 -6.20
C VAL A 97 -1.93 15.16 -6.40
N THR A 98 -2.41 16.03 -5.52
CA THR A 98 -2.15 17.46 -5.56
C THR A 98 -0.65 17.71 -5.29
N PRO A 99 -0.07 18.81 -5.79
CA PRO A 99 1.33 19.13 -5.61
C PRO A 99 1.77 19.25 -4.16
N GLU A 100 0.94 19.82 -3.30
CA GLU A 100 1.25 19.97 -1.88
C GLU A 100 1.14 18.62 -1.16
N GLN A 101 0.10 17.84 -1.42
CA GLN A 101 -0.04 16.56 -0.76
C GLN A 101 1.05 15.58 -1.21
N ALA A 102 1.50 15.65 -2.47
CA ALA A 102 2.54 14.76 -2.96
C ALA A 102 3.84 15.04 -2.19
N LYS A 103 4.27 16.31 -2.11
CA LYS A 103 5.51 16.68 -1.40
C LYS A 103 5.44 16.36 0.09
N TYR A 104 4.24 16.38 0.68
CA TYR A 104 3.98 16.08 2.09
C TYR A 104 4.51 14.71 2.49
N ALA A 105 4.60 13.78 1.54
CA ALA A 105 5.10 12.42 1.77
C ALA A 105 6.49 12.44 2.43
N TYR A 106 7.29 13.50 2.16
CA TYR A 106 8.61 13.65 2.73
C TYR A 106 8.61 13.65 4.25
N GLN A 107 7.55 14.15 4.90
CA GLN A 107 7.48 14.15 6.36
C GLN A 107 7.40 12.72 6.85
N ARG A 108 6.56 11.91 6.21
CA ARG A 108 6.39 10.51 6.57
C ARG A 108 7.73 9.78 6.37
N TYR A 109 8.47 10.10 5.31
CA TYR A 109 9.75 9.48 5.03
C TYR A 109 10.74 9.85 6.14
N GLN A 110 10.93 11.14 6.43
CA GLN A 110 11.87 11.60 7.45
C GLN A 110 11.50 11.08 8.85
N GLU A 111 10.21 10.87 9.10
CA GLU A 111 9.72 10.38 10.39
C GLU A 111 10.42 9.08 10.77
N ARG A 112 10.59 8.15 9.83
CA ARG A 112 11.28 6.87 10.10
C ARG A 112 12.69 6.80 9.53
N TYR A 113 12.85 7.15 8.25
CA TYR A 113 14.09 7.09 7.49
C TYR A 113 14.89 8.40 7.49
N GLY A 114 14.61 9.31 8.43
CA GLY A 114 15.30 10.58 8.58
C GLY A 114 15.43 10.93 10.06
N ASN A 115 15.96 12.12 10.34
CA ASN A 115 16.16 12.64 11.69
C ASN A 115 15.79 14.12 11.65
N LYS A 116 14.51 14.44 11.82
CA LYS A 116 13.94 15.77 11.81
C LYS A 116 12.54 15.68 12.46
N LYS A 117 12.10 16.77 13.08
CA LYS A 117 10.79 16.87 13.74
C LYS A 117 10.28 18.31 13.66
N SER A 118 8.96 18.46 13.62
CA SER A 118 8.28 19.74 13.60
C SER A 118 6.86 19.42 14.04
N GLN A 119 6.53 19.68 15.30
CA GLN A 119 5.20 19.40 15.82
C GLN A 119 4.85 20.43 16.89
N ASP A 120 3.77 21.16 16.69
CA ASP A 120 3.25 22.18 17.58
C ASP A 120 1.73 22.15 17.51
N LEU A 121 1.10 22.56 18.60
CA LEU A 121 -0.34 22.65 18.74
C LEU A 121 -0.60 23.80 19.70
N LYS A 122 -1.81 24.36 19.69
CA LYS A 122 -2.18 25.46 20.58
C LYS A 122 -2.62 24.85 21.90
N GLY A 1 2.34 -25.21 -12.99
CA GLY A 1 2.68 -24.62 -11.71
C GLY A 1 2.03 -25.43 -10.61
N SER A 2 2.82 -26.25 -9.93
CA SER A 2 2.34 -27.09 -8.83
C SER A 2 1.87 -26.20 -7.66
N ASN A 3 2.44 -25.00 -7.51
CA ASN A 3 2.13 -24.01 -6.47
C ASN A 3 1.86 -24.66 -5.12
N GLN A 4 2.84 -25.41 -4.63
CA GLN A 4 2.80 -26.12 -3.35
C GLN A 4 3.65 -25.34 -2.36
N GLN A 5 3.61 -25.71 -1.07
CA GLN A 5 4.34 -25.10 0.04
C GLN A 5 4.26 -23.57 -0.01
N LEU A 6 3.11 -23.08 0.40
CA LEU A 6 2.71 -21.71 0.46
C LEU A 6 2.51 -21.28 1.92
N ASN A 7 2.23 -20.00 2.03
CA ASN A 7 2.00 -19.16 3.21
C ASN A 7 3.31 -18.97 3.99
N ALA A 8 3.44 -17.89 4.76
CA ALA A 8 4.64 -17.57 5.53
C ALA A 8 4.29 -17.13 6.96
N THR A 9 5.28 -17.23 7.85
CA THR A 9 5.20 -16.90 9.26
C THR A 9 6.29 -15.93 9.70
N LYS A 10 7.48 -15.97 9.10
CA LYS A 10 8.58 -15.07 9.44
C LYS A 10 8.19 -13.62 9.10
N LYS A 11 7.22 -13.43 8.21
CA LYS A 11 6.76 -12.12 7.78
C LYS A 11 5.26 -12.12 7.62
N ASP A 12 4.48 -12.16 8.71
CA ASP A 12 3.02 -12.18 8.66
C ASP A 12 2.50 -10.93 7.95
N LYS A 13 3.19 -9.80 8.14
CA LYS A 13 2.81 -8.54 7.51
C LYS A 13 3.18 -8.51 6.04
N LEU A 14 4.38 -8.95 5.66
CA LEU A 14 4.72 -8.93 4.23
C LEU A 14 3.87 -9.97 3.51
N GLN A 15 3.50 -11.07 4.18
CA GLN A 15 2.70 -12.15 3.64
C GLN A 15 1.36 -11.63 3.14
N VAL A 16 0.66 -10.81 3.93
CA VAL A 16 -0.64 -10.28 3.52
C VAL A 16 -0.50 -9.36 2.30
N ILE A 17 0.57 -8.55 2.25
CA ILE A 17 0.78 -7.64 1.12
C ILE A 17 1.20 -8.41 -0.13
N ASP A 18 2.07 -9.42 0.01
CA ASP A 18 2.54 -10.22 -1.12
C ASP A 18 1.36 -11.01 -1.70
N TRP A 19 0.40 -11.38 -0.86
CA TRP A 19 -0.81 -12.11 -1.21
C TRP A 19 -1.75 -11.20 -2.01
N LEU A 20 -2.11 -10.02 -1.47
CA LEU A 20 -3.02 -9.11 -2.18
C LEU A 20 -2.42 -8.67 -3.52
N ILE A 21 -1.09 -8.54 -3.61
CA ILE A 21 -0.42 -8.16 -4.85
C ILE A 21 -0.56 -9.30 -5.87
N GLU A 22 -0.24 -10.55 -5.50
CA GLU A 22 -0.33 -11.66 -6.46
C GLU A 22 -1.77 -11.90 -6.92
N ASN A 23 -2.76 -11.72 -6.04
CA ASN A 23 -4.16 -11.94 -6.38
C ASN A 23 -4.73 -10.87 -7.30
N PHE A 24 -4.27 -9.62 -7.20
CA PHE A 24 -4.74 -8.52 -8.04
C PHE A 24 -3.60 -7.95 -8.88
N PRO A 25 -3.17 -8.62 -9.95
CA PRO A 25 -2.10 -8.17 -10.83
C PRO A 25 -2.57 -7.04 -11.79
N ASN A 26 -3.65 -6.30 -11.48
CA ASN A 26 -4.12 -5.25 -12.38
C ASN A 26 -3.28 -3.98 -12.24
N ALA A 27 -2.59 -3.86 -11.10
CA ALA A 27 -1.69 -2.79 -10.72
C ALA A 27 -1.19 -3.08 -9.30
N PHE A 28 0.12 -3.28 -9.11
CA PHE A 28 0.74 -3.53 -7.81
C PHE A 28 2.27 -3.66 -7.98
N PHE A 29 3.03 -3.63 -6.87
CA PHE A 29 4.50 -3.75 -6.91
C PHE A 29 5.05 -4.24 -5.58
N LYS A 30 6.15 -5.01 -5.61
CA LYS A 30 6.83 -5.52 -4.40
C LYS A 30 8.21 -4.88 -4.21
N LYS A 31 8.82 -4.39 -5.29
CA LYS A 31 10.16 -3.78 -5.32
C LYS A 31 10.29 -2.43 -4.58
N GLY A 32 9.25 -1.88 -3.95
CA GLY A 32 9.32 -0.61 -3.21
C GLY A 32 9.52 0.65 -4.06
N ASN A 33 10.72 0.85 -4.61
CA ASN A 33 11.19 1.97 -5.43
C ASN A 33 10.42 2.24 -6.72
N GLN A 34 9.58 1.32 -7.12
CA GLN A 34 8.73 1.42 -8.31
C GLN A 34 7.25 1.47 -7.92
N VAL A 35 6.92 1.44 -6.62
CA VAL A 35 5.48 1.48 -6.25
C VAL A 35 4.75 2.70 -6.87
N LYS A 36 3.50 2.50 -7.31
CA LYS A 36 2.66 3.54 -7.90
C LYS A 36 1.50 3.80 -6.93
N PRO A 37 0.81 4.95 -6.99
CA PRO A 37 -0.27 5.24 -6.08
C PRO A 37 -1.56 4.54 -6.49
N LEU A 38 -2.27 3.97 -5.51
CA LEU A 38 -3.53 3.26 -5.72
C LEU A 38 -4.69 4.19 -5.36
N LYS A 39 -5.90 3.80 -5.76
CA LYS A 39 -7.13 4.54 -5.50
C LYS A 39 -7.32 4.73 -3.99
N ILE A 40 -7.98 5.83 -3.65
CA ILE A 40 -8.30 6.19 -2.29
C ILE A 40 -9.07 5.03 -1.67
N GLY A 41 -8.68 4.67 -0.46
CA GLY A 41 -9.33 3.60 0.28
C GLY A 41 -9.43 2.26 -0.44
N ILE A 42 -8.52 1.93 -1.36
CA ILE A 42 -8.49 0.69 -2.13
C ILE A 42 -8.59 -0.56 -1.26
N PHE A 43 -8.17 -0.49 0.02
CA PHE A 43 -8.25 -1.62 0.91
C PHE A 43 -9.70 -2.07 1.06
N ASP A 44 -10.66 -1.15 1.04
CA ASP A 44 -12.07 -1.49 1.18
C ASP A 44 -12.58 -2.22 -0.06
N ASP A 45 -12.00 -1.96 -1.23
CA ASP A 45 -12.38 -2.61 -2.48
C ASP A 45 -11.77 -4.02 -2.48
N LEU A 46 -10.49 -4.08 -2.13
CA LEU A 46 -9.66 -5.27 -2.06
C LEU A 46 -10.12 -6.27 -1.00
N ILE A 47 -10.52 -5.78 0.17
CA ILE A 47 -10.96 -6.68 1.24
C ILE A 47 -12.13 -7.52 0.75
N ASP A 48 -12.96 -6.96 -0.13
CA ASP A 48 -14.12 -7.66 -0.68
C ASP A 48 -13.66 -8.96 -1.36
N PHE A 49 -12.46 -8.95 -1.95
CA PHE A 49 -11.87 -10.12 -2.61
C PHE A 49 -11.34 -11.10 -1.55
N TYR A 50 -10.81 -10.61 -0.43
CA TYR A 50 -10.31 -11.44 0.66
C TYR A 50 -11.46 -12.30 1.19
N GLU A 51 -12.70 -11.82 1.12
CA GLU A 51 -13.86 -12.56 1.56
C GLU A 51 -14.16 -13.76 0.64
N ARG A 52 -13.51 -13.88 -0.53
CA ARG A 52 -13.73 -15.02 -1.43
C ARG A 52 -13.05 -16.26 -0.85
N LEU A 53 -11.99 -16.10 -0.06
CA LEU A 53 -11.22 -17.11 0.59
C LEU A 53 -12.15 -17.94 1.43
N ASP A 54 -11.93 -19.25 1.34
CA ASP A 54 -12.70 -20.26 2.05
C ASP A 54 -12.41 -20.23 3.54
N THR A 55 -11.16 -19.93 3.91
CA THR A 55 -10.73 -19.90 5.30
C THR A 55 -9.60 -18.89 5.51
N PRO A 56 -9.87 -17.57 5.44
CA PRO A 56 -8.85 -16.54 5.61
C PRO A 56 -8.14 -16.66 6.98
N PRO A 57 -6.85 -17.08 7.07
CA PRO A 57 -6.18 -17.21 8.35
C PRO A 57 -5.79 -15.86 8.96
N PHE A 58 -5.64 -14.78 8.17
CA PHE A 58 -5.26 -13.47 8.67
C PHE A 58 -6.50 -12.56 8.76
N SER A 59 -6.41 -11.53 9.60
CA SER A 59 -7.49 -10.58 9.84
C SER A 59 -7.46 -9.39 8.89
N LYS A 60 -8.61 -8.74 8.74
CA LYS A 60 -8.81 -7.54 7.91
C LYS A 60 -7.91 -6.44 8.42
N LYS A 61 -7.88 -6.29 9.76
CA LYS A 61 -7.05 -5.30 10.42
C LYS A 61 -5.60 -5.54 10.02
N SER A 62 -5.10 -6.78 10.11
CA SER A 62 -3.72 -7.11 9.75
C SER A 62 -3.43 -6.75 8.29
N LEU A 63 -4.33 -7.10 7.37
CA LEU A 63 -4.19 -6.82 5.95
C LEU A 63 -3.94 -5.32 5.75
N ARG A 64 -4.81 -4.45 6.28
CA ARG A 64 -4.61 -3.00 6.13
C ARG A 64 -3.44 -2.46 6.93
N GLU A 65 -3.22 -2.97 8.14
CA GLU A 65 -2.14 -2.54 9.03
C GLU A 65 -0.82 -2.67 8.29
N ALA A 66 -0.61 -3.83 7.66
CA ALA A 66 0.57 -4.12 6.88
C ALA A 66 0.59 -3.29 5.60
N LEU A 67 -0.52 -3.20 4.85
CA LEU A 67 -0.60 -2.44 3.59
C LEU A 67 -0.17 -0.98 3.83
N SER A 68 -0.48 -0.44 5.00
CA SER A 68 -0.13 0.93 5.38
C SER A 68 1.39 1.17 5.26
N TYR A 69 2.23 0.16 5.50
CA TYR A 69 3.68 0.29 5.39
C TYR A 69 4.07 0.49 3.92
N TYR A 70 3.46 -0.25 3.00
CA TYR A 70 3.76 -0.11 1.58
C TYR A 70 3.39 1.30 1.12
N SER A 71 2.30 1.86 1.63
CA SER A 71 1.86 3.22 1.28
C SER A 71 2.65 4.29 2.05
N ALA A 72 3.55 3.90 2.94
CA ALA A 72 4.41 4.75 3.75
C ALA A 72 5.88 4.48 3.41
N SER A 73 6.14 3.72 2.34
CA SER A 73 7.48 3.39 1.89
C SER A 73 8.25 4.71 1.67
N PRO A 74 9.58 4.71 1.85
CA PRO A 74 10.37 5.91 1.65
C PRO A 74 10.15 6.39 0.22
N ALA A 75 10.35 5.51 -0.77
CA ALA A 75 10.19 5.83 -2.18
C ALA A 75 8.82 6.38 -2.55
N TYR A 76 7.74 5.86 -1.94
CA TYR A 76 6.39 6.32 -2.23
C TYR A 76 6.26 7.80 -1.88
N LEU A 77 6.64 8.15 -0.65
CA LEU A 77 6.55 9.50 -0.13
C LEU A 77 7.55 10.42 -0.82
N SER A 78 8.81 9.97 -0.91
CA SER A 78 9.93 10.69 -1.51
C SER A 78 9.70 11.07 -2.97
N CYS A 79 8.85 10.33 -3.71
CA CYS A 79 8.65 10.70 -5.10
C CYS A 79 7.79 11.95 -5.24
N GLN A 80 7.01 12.31 -4.21
CA GLN A 80 6.11 13.46 -4.10
C GLN A 80 5.87 14.22 -5.41
N LYS A 81 5.07 13.62 -6.31
CA LYS A 81 4.74 14.18 -7.61
C LYS A 81 3.23 14.06 -7.82
N PRO A 82 2.49 15.19 -7.82
CA PRO A 82 1.05 15.18 -8.03
C PRO A 82 0.78 14.93 -9.51
N ASP A 83 -0.50 14.91 -9.89
CA ASP A 83 -0.93 14.70 -11.28
C ASP A 83 -0.33 13.43 -11.90
N THR A 84 -0.33 12.36 -11.12
CA THR A 84 0.22 11.05 -11.47
C THR A 84 -0.83 9.96 -11.80
N ALA A 85 -2.12 10.18 -11.56
CA ALA A 85 -3.23 9.23 -11.85
C ALA A 85 -3.15 7.91 -11.08
N ARG A 86 -3.97 7.81 -10.03
CA ARG A 86 -4.06 6.61 -9.20
C ARG A 86 -4.84 5.53 -10.00
N VAL A 87 -4.85 4.27 -9.54
CA VAL A 87 -5.56 3.17 -10.20
C VAL A 87 -6.25 2.28 -9.16
N ASP A 88 -7.34 1.62 -9.55
CA ASP A 88 -8.12 0.72 -8.69
C ASP A 88 -7.66 -0.74 -8.88
N ILE A 89 -8.18 -1.68 -8.09
CA ILE A 89 -7.85 -3.12 -8.15
C ILE A 89 -8.23 -3.78 -9.48
N TYR A 90 -9.11 -3.15 -10.27
CA TYR A 90 -9.53 -3.66 -11.57
C TYR A 90 -8.61 -3.03 -12.64
N GLY A 91 -7.71 -2.11 -12.26
CA GLY A 91 -6.78 -1.44 -13.15
C GLY A 91 -7.40 -0.20 -13.78
N ASN A 92 -8.62 0.19 -13.39
CA ASN A 92 -9.27 1.37 -13.94
C ASN A 92 -8.53 2.59 -13.43
N GLU A 93 -8.35 3.57 -14.31
CA GLU A 93 -7.68 4.81 -13.96
C GLU A 93 -8.67 5.60 -13.09
N VAL A 94 -8.12 6.30 -12.10
CA VAL A 94 -8.83 7.14 -11.13
C VAL A 94 -8.16 8.53 -11.17
N ASP A 95 -8.60 9.49 -10.36
CA ASP A 95 -8.03 10.84 -10.46
C ASP A 95 -6.65 10.88 -9.80
N VAL A 96 -6.07 12.08 -9.72
CA VAL A 96 -4.72 12.28 -9.21
C VAL A 96 -4.66 12.99 -7.87
N VAL A 97 -3.51 12.84 -7.21
CA VAL A 97 -3.23 13.45 -5.92
C VAL A 97 -2.88 14.92 -6.18
N THR A 98 -3.44 15.82 -5.38
CA THR A 98 -3.23 17.27 -5.45
C THR A 98 -1.79 17.64 -5.05
N PRO A 99 -1.29 18.82 -5.44
CA PRO A 99 0.06 19.25 -5.08
C PRO A 99 0.21 19.43 -3.58
N GLU A 100 -0.83 19.85 -2.85
CA GLU A 100 -0.72 20.02 -1.40
C GLU A 100 -0.48 18.64 -0.78
N GLN A 101 -1.33 17.66 -1.13
CA GLN A 101 -1.19 16.31 -0.60
C GLN A 101 0.14 15.69 -1.06
N ALA A 102 0.59 15.99 -2.28
CA ALA A 102 1.84 15.45 -2.79
C ALA A 102 3.02 15.95 -1.96
N LYS A 103 3.13 17.27 -1.71
CA LYS A 103 4.24 17.81 -0.92
C LYS A 103 4.20 17.31 0.52
N TYR A 104 3.02 17.21 1.14
CA TYR A 104 2.78 16.76 2.52
C TYR A 104 3.37 15.40 2.75
N ALA A 105 3.48 14.53 1.74
CA ALA A 105 4.06 13.21 1.93
C ALA A 105 5.47 13.27 2.52
N TYR A 106 6.22 14.36 2.25
CA TYR A 106 7.56 14.54 2.75
C TYR A 106 7.64 14.56 4.28
N GLN A 107 6.56 14.98 4.94
CA GLN A 107 6.44 15.11 6.38
C GLN A 107 6.52 13.70 6.97
N ARG A 108 5.73 12.80 6.40
CA ARG A 108 5.67 11.41 6.81
C ARG A 108 7.03 10.74 6.64
N TYR A 109 7.78 11.08 5.59
CA TYR A 109 9.10 10.49 5.37
C TYR A 109 10.02 10.86 6.52
N GLN A 110 10.16 12.16 6.82
CA GLN A 110 11.02 12.63 7.90
C GLN A 110 10.53 12.13 9.26
N GLU A 111 9.22 11.93 9.44
CA GLU A 111 8.71 11.44 10.72
C GLU A 111 9.33 10.10 11.11
N ARG A 112 9.61 9.22 10.14
CA ARG A 112 10.19 7.91 10.42
C ARG A 112 11.66 7.77 10.08
N TYR A 113 12.01 8.18 8.88
CA TYR A 113 13.35 8.12 8.34
C TYR A 113 14.15 9.38 8.61
N GLY A 114 13.59 10.33 9.36
CA GLY A 114 14.24 11.60 9.69
C GLY A 114 14.20 11.95 11.18
N ASN A 115 13.85 10.99 12.03
CA ASN A 115 13.74 11.12 13.48
C ASN A 115 12.59 12.06 13.89
N LYS A 116 12.39 12.17 15.20
CA LYS A 116 11.35 13.01 15.76
C LYS A 116 11.67 14.48 15.51
N LYS A 117 10.68 15.35 15.75
CA LYS A 117 10.77 16.79 15.57
C LYS A 117 10.14 17.47 16.79
N SER A 118 9.84 18.76 16.69
CA SER A 118 9.23 19.52 17.77
C SER A 118 8.04 20.36 17.25
N GLN A 119 7.45 21.15 18.14
CA GLN A 119 6.32 22.03 17.82
C GLN A 119 6.81 23.20 16.95
N ASP A 120 5.87 24.01 16.46
CA ASP A 120 6.15 25.19 15.63
C ASP A 120 5.33 26.33 16.20
N LEU A 121 4.08 26.44 15.75
CA LEU A 121 3.19 27.48 16.19
C LEU A 121 2.86 27.26 17.68
N LYS A 122 2.57 28.37 18.38
CA LYS A 122 2.26 28.41 19.80
C LYS A 122 1.18 27.42 20.18
N GLY A 1 -0.92 -25.77 -14.75
CA GLY A 1 -0.70 -26.20 -13.36
C GLY A 1 -1.34 -25.19 -12.43
N SER A 2 -1.66 -25.59 -11.19
CA SER A 2 -2.30 -24.71 -10.22
C SER A 2 -1.61 -24.73 -8.86
N ASN A 3 -0.28 -24.73 -8.86
CA ASN A 3 0.50 -24.71 -7.62
C ASN A 3 0.57 -23.27 -7.15
N GLN A 4 1.07 -23.05 -5.95
CA GLN A 4 1.24 -21.71 -5.38
C GLN A 4 2.41 -21.02 -6.10
N GLN A 5 2.39 -19.69 -6.20
CA GLN A 5 3.49 -18.96 -6.81
C GLN A 5 4.49 -18.85 -5.67
N LEU A 6 4.32 -17.89 -4.76
CA LEU A 6 5.19 -17.70 -3.62
C LEU A 6 4.48 -16.81 -2.61
N ASN A 7 3.99 -17.39 -1.52
CA ASN A 7 3.32 -16.64 -0.46
C ASN A 7 3.54 -17.32 0.89
N ALA A 8 3.23 -16.62 2.00
CA ALA A 8 3.33 -17.03 3.39
C ALA A 8 4.55 -17.85 3.79
N THR A 9 5.63 -17.15 4.10
CA THR A 9 6.89 -17.73 4.52
C THR A 9 7.45 -17.00 5.75
N LYS A 10 7.42 -15.66 5.80
CA LYS A 10 7.94 -14.91 6.95
C LYS A 10 7.32 -13.50 7.01
N LYS A 11 7.34 -12.90 8.20
CA LYS A 11 6.84 -11.57 8.57
C LYS A 11 5.33 -11.53 8.46
N ASP A 12 4.65 -11.27 9.58
CA ASP A 12 3.19 -11.22 9.67
C ASP A 12 2.60 -10.11 8.82
N LYS A 13 3.31 -8.99 8.68
CA LYS A 13 2.86 -7.87 7.88
C LYS A 13 3.07 -8.18 6.41
N LEU A 14 4.28 -8.61 6.06
CA LEU A 14 4.61 -8.90 4.67
C LEU A 14 3.76 -10.01 4.11
N GLN A 15 3.39 -11.02 4.90
CA GLN A 15 2.58 -12.12 4.43
C GLN A 15 1.22 -11.64 3.90
N VAL A 16 0.50 -10.81 4.65
CA VAL A 16 -0.81 -10.33 4.21
C VAL A 16 -0.69 -9.38 3.01
N ILE A 17 0.34 -8.53 2.96
CA ILE A 17 0.51 -7.62 1.83
C ILE A 17 0.89 -8.43 0.58
N ASP A 18 1.73 -9.44 0.74
CA ASP A 18 2.17 -10.32 -0.33
C ASP A 18 0.98 -11.08 -0.91
N TRP A 19 0.02 -11.47 -0.05
CA TRP A 19 -1.19 -12.18 -0.44
C TRP A 19 -2.09 -11.25 -1.27
N LEU A 20 -2.43 -10.07 -0.74
CA LEU A 20 -3.30 -9.13 -1.45
C LEU A 20 -2.68 -8.69 -2.79
N ILE A 21 -1.36 -8.59 -2.86
CA ILE A 21 -0.64 -8.21 -4.09
C ILE A 21 -0.88 -9.31 -5.13
N GLU A 22 -0.75 -10.58 -4.76
CA GLU A 22 -0.93 -11.72 -5.67
C GLU A 22 -2.40 -11.85 -6.10
N ASN A 23 -3.34 -11.52 -5.21
CA ASN A 23 -4.78 -11.58 -5.43
C ASN A 23 -5.23 -10.62 -6.52
N PHE A 24 -4.80 -9.36 -6.50
CA PHE A 24 -5.18 -8.36 -7.50
C PHE A 24 -3.94 -7.87 -8.25
N PRO A 25 -3.44 -8.64 -9.22
CA PRO A 25 -2.27 -8.28 -9.99
C PRO A 25 -2.53 -7.19 -11.04
N ASN A 26 -3.63 -6.41 -10.96
CA ASN A 26 -3.87 -5.40 -11.98
C ASN A 26 -3.00 -4.18 -11.74
N ALA A 27 -2.54 -4.01 -10.48
CA ALA A 27 -1.66 -2.96 -10.06
C ALA A 27 -1.22 -3.30 -8.64
N PHE A 28 0.07 -3.53 -8.43
CA PHE A 28 0.70 -3.81 -7.15
C PHE A 28 2.20 -4.01 -7.42
N PHE A 29 3.05 -3.93 -6.38
CA PHE A 29 4.50 -4.11 -6.51
C PHE A 29 5.06 -4.71 -5.23
N LYS A 30 6.14 -5.51 -5.29
CA LYS A 30 6.75 -6.13 -4.10
C LYS A 30 8.21 -5.73 -3.86
N LYS A 31 8.96 -5.24 -4.86
CA LYS A 31 10.38 -4.88 -4.68
C LYS A 31 10.62 -3.66 -3.76
N GLY A 32 9.58 -2.98 -3.29
CA GLY A 32 9.61 -1.79 -2.44
C GLY A 32 10.09 -0.54 -3.17
N ASN A 33 10.98 -0.68 -4.17
CA ASN A 33 11.57 0.38 -4.97
C ASN A 33 10.77 0.78 -6.20
N GLN A 34 9.76 0.02 -6.61
CA GLN A 34 8.94 0.31 -7.79
C GLN A 34 7.49 0.61 -7.40
N VAL A 35 7.23 0.77 -6.11
CA VAL A 35 5.89 1.07 -5.60
C VAL A 35 5.34 2.35 -6.26
N LYS A 36 4.01 2.45 -6.32
CA LYS A 36 3.24 3.55 -6.88
C LYS A 36 2.01 3.76 -6.00
N PRO A 37 1.33 4.93 -6.08
CA PRO A 37 0.13 5.16 -5.30
C PRO A 37 -1.01 4.30 -5.86
N LEU A 38 -2.07 4.19 -5.08
CA LEU A 38 -3.27 3.43 -5.40
C LEU A 38 -4.50 4.24 -5.03
N LYS A 39 -5.67 3.79 -5.50
CA LYS A 39 -6.97 4.42 -5.26
C LYS A 39 -7.12 4.71 -3.77
N ILE A 40 -7.73 5.84 -3.42
CA ILE A 40 -7.94 6.22 -2.04
C ILE A 40 -8.85 5.17 -1.41
N GLY A 41 -8.42 4.63 -0.28
CA GLY A 41 -9.18 3.61 0.43
C GLY A 41 -9.23 2.25 -0.28
N ILE A 42 -8.30 1.96 -1.20
CA ILE A 42 -8.24 0.70 -1.96
C ILE A 42 -8.30 -0.56 -1.10
N PHE A 43 -7.87 -0.51 0.17
CA PHE A 43 -7.93 -1.68 1.05
C PHE A 43 -9.40 -2.07 1.26
N ASP A 44 -10.28 -1.07 1.35
CA ASP A 44 -11.70 -1.29 1.59
C ASP A 44 -12.39 -1.96 0.40
N ASP A 45 -11.88 -1.73 -0.80
CA ASP A 45 -12.38 -2.33 -2.04
C ASP A 45 -11.88 -3.79 -2.16
N LEU A 46 -10.66 -4.01 -1.65
CA LEU A 46 -9.92 -5.27 -1.63
C LEU A 46 -10.43 -6.23 -0.57
N ILE A 47 -10.90 -5.72 0.57
CA ILE A 47 -11.40 -6.53 1.68
C ILE A 47 -12.50 -7.48 1.21
N ASP A 48 -13.25 -7.08 0.18
CA ASP A 48 -14.31 -7.90 -0.37
C ASP A 48 -13.75 -9.24 -0.83
N PHE A 49 -12.47 -9.28 -1.23
CA PHE A 49 -11.82 -10.49 -1.68
C PHE A 49 -11.48 -11.40 -0.49
N TYR A 50 -11.11 -10.87 0.69
CA TYR A 50 -10.78 -11.64 1.91
C TYR A 50 -11.99 -12.48 2.32
N GLU A 51 -13.18 -11.98 2.02
CA GLU A 51 -14.44 -12.65 2.33
C GLU A 51 -14.70 -13.82 1.36
N ARG A 52 -13.93 -13.99 0.28
CA ARG A 52 -14.12 -15.07 -0.69
C ARG A 52 -13.37 -16.34 -0.32
N LEU A 53 -12.29 -16.24 0.45
CA LEU A 53 -11.48 -17.34 0.93
C LEU A 53 -12.39 -18.31 1.66
N ASP A 54 -11.98 -19.58 1.68
CA ASP A 54 -12.76 -20.62 2.35
C ASP A 54 -12.83 -20.32 3.85
N THR A 55 -11.68 -19.96 4.43
CA THR A 55 -11.50 -19.63 5.83
C THR A 55 -10.32 -18.66 5.88
N PRO A 56 -10.55 -17.34 5.87
CA PRO A 56 -9.48 -16.36 5.91
C PRO A 56 -8.84 -16.34 7.31
N PRO A 57 -7.54 -16.64 7.49
CA PRO A 57 -6.89 -16.66 8.79
C PRO A 57 -6.74 -15.26 9.42
N PHE A 58 -5.87 -14.43 8.86
CA PHE A 58 -5.63 -13.07 9.34
C PHE A 58 -6.89 -12.25 9.12
N SER A 59 -7.39 -11.59 10.17
CA SER A 59 -8.58 -10.75 10.05
C SER A 59 -8.22 -9.46 9.31
N LYS A 60 -9.25 -8.81 8.74
CA LYS A 60 -9.15 -7.56 7.98
C LYS A 60 -8.34 -6.46 8.64
N LYS A 61 -8.31 -6.37 9.96
CA LYS A 61 -7.53 -5.35 10.65
C LYS A 61 -6.05 -5.54 10.33
N SER A 62 -5.49 -6.74 10.49
CA SER A 62 -4.09 -7.01 10.18
C SER A 62 -3.80 -6.66 8.72
N LEU A 63 -4.72 -6.99 7.80
CA LEU A 63 -4.59 -6.71 6.38
C LEU A 63 -4.32 -5.22 6.18
N ARG A 64 -5.17 -4.36 6.76
CA ARG A 64 -5.03 -2.92 6.64
C ARG A 64 -3.80 -2.37 7.37
N GLU A 65 -3.56 -2.82 8.61
CA GLU A 65 -2.43 -2.38 9.42
C GLU A 65 -1.12 -2.60 8.68
N ALA A 66 -1.02 -3.73 7.96
CA ALA A 66 0.13 -4.09 7.18
C ALA A 66 0.19 -3.24 5.92
N LEU A 67 -0.90 -3.14 5.14
CA LEU A 67 -0.92 -2.38 3.90
C LEU A 67 -0.49 -0.93 4.12
N SER A 68 -0.90 -0.29 5.22
CA SER A 68 -0.49 1.09 5.45
C SER A 68 1.04 1.25 5.49
N TYR A 69 1.78 0.23 5.97
CA TYR A 69 3.23 0.27 6.03
C TYR A 69 3.83 0.32 4.62
N TYR A 70 3.22 -0.32 3.61
CA TYR A 70 3.74 -0.27 2.25
C TYR A 70 3.64 1.17 1.79
N SER A 71 2.50 1.82 2.04
CA SER A 71 2.31 3.24 1.68
C SER A 71 3.13 4.19 2.58
N ALA A 72 3.89 3.66 3.53
CA ALA A 72 4.75 4.40 4.44
C ALA A 72 6.21 4.10 4.09
N SER A 73 6.45 3.28 3.05
CA SER A 73 7.78 2.91 2.61
C SER A 73 8.54 4.15 2.13
N PRO A 74 9.88 4.13 2.14
CA PRO A 74 10.65 5.29 1.75
C PRO A 74 10.39 5.65 0.30
N ALA A 75 10.50 4.70 -0.63
CA ALA A 75 10.29 4.94 -2.05
C ALA A 75 8.93 5.56 -2.36
N TYR A 76 7.83 5.04 -1.79
CA TYR A 76 6.48 5.57 -2.05
C TYR A 76 6.40 7.06 -1.76
N LEU A 77 6.94 7.46 -0.60
CA LEU A 77 6.91 8.86 -0.17
C LEU A 77 7.94 9.68 -0.94
N SER A 78 9.19 9.19 -1.04
CA SER A 78 10.32 9.83 -1.73
C SER A 78 10.02 10.08 -3.21
N CYS A 79 9.10 9.32 -3.79
CA CYS A 79 8.70 9.45 -5.19
C CYS A 79 7.83 10.69 -5.39
N GLN A 80 7.31 11.32 -4.30
CA GLN A 80 6.46 12.51 -4.18
C GLN A 80 6.32 13.33 -5.47
N LYS A 81 5.52 12.83 -6.42
CA LYS A 81 5.27 13.48 -7.69
C LYS A 81 3.78 13.43 -8.01
N PRO A 82 3.12 14.59 -8.18
CA PRO A 82 1.73 14.65 -8.56
C PRO A 82 1.66 14.22 -10.03
N ASP A 83 0.47 14.18 -10.60
CA ASP A 83 0.27 13.79 -12.01
C ASP A 83 0.87 12.40 -12.34
N THR A 84 0.35 11.36 -11.69
CA THR A 84 0.81 9.98 -11.91
C THR A 84 -0.35 9.03 -12.26
N ALA A 85 -1.61 9.42 -12.04
CA ALA A 85 -2.82 8.63 -12.34
C ALA A 85 -2.83 7.34 -11.54
N ARG A 86 -3.48 7.41 -10.36
CA ARG A 86 -3.56 6.24 -9.50
C ARG A 86 -4.51 5.23 -10.18
N VAL A 87 -4.53 4.01 -9.66
CA VAL A 87 -5.34 2.91 -10.16
C VAL A 87 -5.89 2.11 -8.98
N ASP A 88 -6.99 1.40 -9.22
CA ASP A 88 -7.68 0.55 -8.24
C ASP A 88 -7.27 -0.92 -8.40
N ILE A 89 -7.92 -1.81 -7.65
CA ILE A 89 -7.67 -3.26 -7.67
C ILE A 89 -7.93 -3.89 -9.04
N TYR A 90 -8.85 -3.30 -9.81
CA TYR A 90 -9.19 -3.77 -11.14
C TYR A 90 -8.22 -3.17 -12.16
N GLY A 91 -7.38 -2.22 -11.76
CA GLY A 91 -6.41 -1.54 -12.59
C GLY A 91 -7.03 -0.36 -13.34
N ASN A 92 -8.31 -0.03 -13.13
CA ASN A 92 -8.90 1.11 -13.83
C ASN A 92 -8.27 2.37 -13.30
N GLU A 93 -8.19 3.35 -14.18
CA GLU A 93 -7.61 4.63 -13.89
C GLU A 93 -8.55 5.51 -13.07
N VAL A 94 -7.93 6.18 -12.12
CA VAL A 94 -8.48 7.12 -11.18
C VAL A 94 -7.68 8.42 -11.35
N ASP A 95 -7.96 9.46 -10.57
CA ASP A 95 -7.29 10.73 -10.77
C ASP A 95 -5.87 10.70 -10.22
N VAL A 96 -5.21 11.86 -10.25
CA VAL A 96 -3.83 12.00 -9.85
C VAL A 96 -3.74 12.79 -8.57
N VAL A 97 -2.60 12.64 -7.89
CA VAL A 97 -2.39 13.32 -6.62
C VAL A 97 -2.16 14.82 -6.90
N THR A 98 -2.66 15.70 -6.04
CA THR A 98 -2.47 17.14 -6.19
C THR A 98 -1.04 17.50 -5.81
N PRO A 99 -0.48 18.64 -6.27
CA PRO A 99 0.89 19.01 -5.91
C PRO A 99 1.02 19.23 -4.39
N GLU A 100 -0.06 19.67 -3.76
CA GLU A 100 -0.17 19.94 -2.34
C GLU A 100 -0.03 18.64 -1.55
N GLN A 101 -0.79 17.61 -1.93
CA GLN A 101 -0.74 16.34 -1.23
C GLN A 101 0.49 15.52 -1.62
N ALA A 102 0.98 15.66 -2.86
CA ALA A 102 2.15 14.93 -3.35
C ALA A 102 3.37 15.36 -2.53
N LYS A 103 3.61 16.68 -2.37
CA LYS A 103 4.75 17.16 -1.59
C LYS A 103 4.61 16.81 -0.12
N TYR A 104 3.37 16.74 0.40
CA TYR A 104 3.05 16.41 1.78
C TYR A 104 3.60 15.05 2.20
N ALA A 105 3.77 14.10 1.26
CA ALA A 105 4.30 12.77 1.52
C ALA A 105 5.64 12.85 2.27
N TYR A 106 6.42 13.92 2.06
CA TYR A 106 7.70 14.13 2.71
C TYR A 106 7.58 14.11 4.24
N GLN A 107 6.44 14.55 4.80
CA GLN A 107 6.21 14.59 6.23
C GLN A 107 6.37 13.20 6.81
N ARG A 108 5.84 12.21 6.10
CA ARG A 108 5.85 10.81 6.48
C ARG A 108 7.23 10.19 6.29
N TYR A 109 8.00 10.68 5.31
CA TYR A 109 9.33 10.17 5.06
C TYR A 109 10.24 10.64 6.20
N GLN A 110 10.29 11.95 6.46
CA GLN A 110 11.13 12.51 7.50
C GLN A 110 10.72 11.99 8.87
N GLU A 111 9.45 11.68 9.08
CA GLU A 111 8.98 11.20 10.38
C GLU A 111 9.80 10.00 10.87
N ARG A 112 10.12 9.06 9.98
CA ARG A 112 10.90 7.89 10.31
C ARG A 112 12.32 7.95 9.78
N TYR A 113 12.50 8.31 8.51
CA TYR A 113 13.77 8.39 7.82
C TYR A 113 14.44 9.78 7.90
N GLY A 114 14.05 10.62 8.86
CA GLY A 114 14.59 11.95 9.09
C GLY A 114 14.50 12.28 10.59
N ASN A 115 14.92 13.50 10.97
CA ASN A 115 14.90 13.99 12.35
C ASN A 115 14.74 15.50 12.35
N LYS A 116 13.54 16.02 12.07
CA LYS A 116 13.21 17.44 12.02
C LYS A 116 11.72 17.62 12.32
N LYS A 117 11.24 18.86 12.35
CA LYS A 117 9.86 19.28 12.62
C LYS A 117 9.49 19.01 14.07
N SER A 118 8.46 19.70 14.54
CA SER A 118 7.94 19.60 15.90
C SER A 118 6.41 19.68 15.82
N GLN A 119 5.88 20.83 15.38
CA GLN A 119 4.44 21.10 15.27
C GLN A 119 3.86 20.99 16.67
N ASP A 120 4.27 21.93 17.50
CA ASP A 120 3.86 22.05 18.88
C ASP A 120 2.38 22.42 18.87
N LEU A 121 1.64 21.86 19.81
CA LEU A 121 0.21 22.05 19.99
C LEU A 121 -0.10 22.28 21.47
N LYS A 122 -1.36 22.64 21.78
CA LYS A 122 -1.87 22.94 23.12
C LYS A 122 -3.38 22.96 23.03
N GLY A 1 -3.44 -34.38 -2.57
CA GLY A 1 -2.67 -33.26 -3.11
C GLY A 1 -2.06 -32.50 -1.94
N SER A 2 -0.90 -31.87 -2.16
CA SER A 2 -0.19 -31.09 -1.16
C SER A 2 -0.68 -29.64 -1.13
N ASN A 3 -1.26 -29.16 -2.23
CA ASN A 3 -1.81 -27.82 -2.45
C ASN A 3 -0.88 -26.68 -2.02
N GLN A 4 0.43 -26.87 -2.15
CA GLN A 4 1.46 -25.89 -1.80
C GLN A 4 1.44 -24.73 -2.82
N GLN A 5 1.49 -23.49 -2.32
CA GLN A 5 1.53 -22.27 -3.15
C GLN A 5 2.96 -21.71 -3.09
N LEU A 6 3.26 -20.56 -3.71
CA LEU A 6 4.61 -20.00 -3.65
C LEU A 6 4.83 -19.35 -2.29
N ASN A 7 3.91 -18.47 -1.90
CA ASN A 7 3.86 -17.67 -0.67
C ASN A 7 5.15 -16.90 -0.40
N ALA A 8 5.17 -16.11 0.67
CA ALA A 8 6.34 -15.32 1.07
C ALA A 8 6.87 -15.73 2.45
N THR A 9 6.09 -16.51 3.21
CA THR A 9 6.31 -17.07 4.54
C THR A 9 6.77 -16.03 5.57
N LYS A 10 8.04 -15.64 5.51
CA LYS A 10 8.72 -14.68 6.36
C LYS A 10 7.96 -13.36 6.37
N LYS A 11 8.13 -12.61 7.46
CA LYS A 11 7.52 -11.31 7.75
C LYS A 11 6.02 -11.42 7.52
N ASP A 12 5.28 -11.71 8.59
CA ASP A 12 3.82 -11.89 8.54
C ASP A 12 3.14 -10.65 7.96
N LYS A 13 3.73 -9.47 8.20
CA LYS A 13 3.22 -8.21 7.69
C LYS A 13 3.32 -8.24 6.17
N LEU A 14 4.51 -8.56 5.64
CA LEU A 14 4.73 -8.60 4.22
C LEU A 14 4.00 -9.77 3.58
N GLN A 15 3.77 -10.88 4.29
CA GLN A 15 3.11 -12.06 3.73
C GLN A 15 1.72 -11.74 3.18
N VAL A 16 0.89 -10.96 3.89
CA VAL A 16 -0.45 -10.64 3.40
C VAL A 16 -0.41 -9.72 2.18
N ILE A 17 0.54 -8.78 2.14
CA ILE A 17 0.69 -7.83 1.03
C ILE A 17 1.22 -8.57 -0.18
N ASP A 18 2.22 -9.41 0.03
CA ASP A 18 2.86 -10.21 -1.00
C ASP A 18 1.79 -11.15 -1.62
N TRP A 19 0.77 -11.56 -0.85
CA TRP A 19 -0.33 -12.42 -1.30
C TRP A 19 -1.32 -11.61 -2.15
N LEU A 20 -1.86 -10.49 -1.64
CA LEU A 20 -2.81 -9.64 -2.35
C LEU A 20 -2.20 -9.08 -3.64
N ILE A 21 -0.90 -8.80 -3.68
CA ILE A 21 -0.23 -8.30 -4.88
C ILE A 21 -0.43 -9.31 -6.02
N GLU A 22 -0.30 -10.60 -5.73
CA GLU A 22 -0.45 -11.66 -6.70
C GLU A 22 -1.90 -11.89 -7.13
N ASN A 23 -2.88 -11.53 -6.28
CA ASN A 23 -4.29 -11.74 -6.58
C ASN A 23 -4.79 -10.96 -7.78
N PHE A 24 -4.46 -9.67 -7.84
CA PHE A 24 -4.87 -8.80 -8.96
C PHE A 24 -3.69 -8.22 -9.74
N PRO A 25 -3.32 -8.83 -10.89
CA PRO A 25 -2.21 -8.36 -11.72
C PRO A 25 -2.58 -7.10 -12.54
N ASN A 26 -3.63 -6.33 -12.17
CA ASN A 26 -3.99 -5.16 -12.95
C ASN A 26 -3.11 -3.96 -12.62
N ALA A 27 -2.49 -3.98 -11.44
CA ALA A 27 -1.61 -2.94 -10.92
C ALA A 27 -1.22 -3.27 -9.49
N PHE A 28 0.07 -3.41 -9.21
CA PHE A 28 0.64 -3.68 -7.89
C PHE A 28 2.17 -3.69 -8.02
N PHE A 29 2.89 -3.47 -6.92
CA PHE A 29 4.36 -3.46 -6.90
C PHE A 29 4.80 -4.08 -5.59
N LYS A 30 5.98 -4.70 -5.61
CA LYS A 30 6.55 -5.35 -4.45
C LYS A 30 7.46 -4.37 -3.72
N LYS A 31 8.56 -3.94 -4.35
CA LYS A 31 9.50 -3.02 -3.70
C LYS A 31 8.97 -1.60 -3.63
N GLY A 32 9.50 -0.82 -2.70
CA GLY A 32 9.12 0.57 -2.47
C GLY A 32 9.54 1.48 -3.63
N ASN A 33 10.78 1.39 -4.11
CA ASN A 33 11.32 2.22 -5.20
C ASN A 33 10.55 2.17 -6.53
N GLN A 34 9.67 1.19 -6.70
CA GLN A 34 8.84 0.97 -7.89
C GLN A 34 7.35 1.15 -7.53
N VAL A 35 7.01 1.35 -6.26
CA VAL A 35 5.61 1.52 -5.84
C VAL A 35 4.98 2.78 -6.43
N LYS A 36 3.64 2.83 -6.52
CA LYS A 36 2.87 3.96 -7.04
C LYS A 36 1.62 4.11 -6.17
N PRO A 37 0.98 5.30 -6.12
CA PRO A 37 -0.21 5.50 -5.31
C PRO A 37 -1.40 4.78 -5.97
N LEU A 38 -2.04 3.88 -5.21
CA LEU A 38 -3.20 3.13 -5.65
C LEU A 38 -4.46 3.95 -5.37
N LYS A 39 -5.60 3.54 -5.94
CA LYS A 39 -6.90 4.19 -5.78
C LYS A 39 -7.19 4.45 -4.29
N ILE A 40 -7.93 5.51 -4.00
CA ILE A 40 -8.29 5.91 -2.65
C ILE A 40 -8.99 4.77 -1.91
N GLY A 41 -8.45 4.37 -0.77
CA GLY A 41 -9.02 3.29 0.03
C GLY A 41 -9.18 1.99 -0.73
N ILE A 42 -8.31 1.67 -1.70
CA ILE A 42 -8.33 0.46 -2.54
C ILE A 42 -8.47 -0.82 -1.72
N PHE A 43 -8.04 -0.82 -0.45
CA PHE A 43 -8.16 -1.99 0.39
C PHE A 43 -9.63 -2.41 0.41
N ASP A 44 -10.58 -1.48 0.37
CA ASP A 44 -12.00 -1.80 0.42
C ASP A 44 -12.49 -2.57 -0.82
N ASP A 45 -11.86 -2.30 -1.96
CA ASP A 45 -12.17 -2.94 -3.24
C ASP A 45 -11.56 -4.34 -3.28
N LEU A 46 -10.28 -4.38 -2.90
CA LEU A 46 -9.34 -5.49 -2.82
C LEU A 46 -9.73 -6.54 -1.79
N ILE A 47 -10.16 -6.12 -0.60
CA ILE A 47 -10.55 -7.03 0.49
C ILE A 47 -11.69 -7.92 0.05
N ASP A 48 -12.57 -7.40 -0.81
CA ASP A 48 -13.73 -8.13 -1.29
C ASP A 48 -13.30 -9.44 -1.96
N PHE A 49 -12.12 -9.45 -2.57
CA PHE A 49 -11.55 -10.61 -3.22
C PHE A 49 -10.99 -11.59 -2.18
N TYR A 50 -10.39 -11.11 -1.07
CA TYR A 50 -9.84 -11.95 0.01
C TYR A 50 -10.96 -12.80 0.60
N GLU A 51 -12.20 -12.30 0.56
CA GLU A 51 -13.38 -13.00 1.08
C GLU A 51 -13.78 -14.16 0.15
N ARG A 52 -13.19 -14.30 -1.05
CA ARG A 52 -13.51 -15.37 -1.99
C ARG A 52 -12.77 -16.67 -1.62
N LEU A 53 -11.63 -16.59 -0.94
CA LEU A 53 -10.79 -17.66 -0.50
C LEU A 53 -11.60 -18.71 0.24
N ASP A 54 -11.26 -19.96 -0.03
CA ASP A 54 -11.91 -21.11 0.60
C ASP A 54 -11.53 -21.18 2.07
N THR A 55 -10.30 -20.78 2.40
CA THR A 55 -9.77 -20.77 3.75
C THR A 55 -8.94 -19.49 3.89
N PRO A 56 -9.54 -18.37 4.34
CA PRO A 56 -8.83 -17.12 4.54
C PRO A 56 -7.88 -17.32 5.75
N PRO A 57 -6.54 -17.31 5.59
CA PRO A 57 -5.66 -17.53 6.72
C PRO A 57 -5.54 -16.34 7.69
N PHE A 58 -5.51 -15.11 7.16
CA PHE A 58 -5.37 -13.87 7.93
C PHE A 58 -6.70 -13.14 8.13
N SER A 59 -6.72 -12.18 9.06
CA SER A 59 -7.87 -11.35 9.39
C SER A 59 -7.89 -10.08 8.52
N LYS A 60 -9.05 -9.43 8.42
CA LYS A 60 -9.25 -8.17 7.69
C LYS A 60 -8.40 -7.10 8.37
N LYS A 61 -8.21 -7.22 9.69
CA LYS A 61 -7.39 -6.30 10.48
C LYS A 61 -5.97 -6.40 9.98
N SER A 62 -5.42 -7.61 9.94
CA SER A 62 -4.05 -7.87 9.50
C SER A 62 -3.80 -7.32 8.11
N LEU A 63 -4.71 -7.58 7.16
CA LEU A 63 -4.55 -7.11 5.79
C LEU A 63 -4.49 -5.58 5.73
N ARG A 64 -5.45 -4.86 6.31
CA ARG A 64 -5.45 -3.39 6.28
C ARG A 64 -4.31 -2.78 7.09
N GLU A 65 -3.91 -3.39 8.20
CA GLU A 65 -2.83 -2.88 9.03
C GLU A 65 -1.49 -3.06 8.34
N ALA A 66 -1.28 -4.19 7.65
CA ALA A 66 -0.05 -4.46 6.95
C ALA A 66 0.05 -3.62 5.68
N LEU A 67 -1.03 -3.51 4.88
CA LEU A 67 -1.04 -2.73 3.64
C LEU A 67 -0.62 -1.29 3.94
N SER A 68 -0.95 -0.79 5.14
CA SER A 68 -0.60 0.55 5.60
C SER A 68 0.90 0.78 5.52
N TYR A 69 1.73 -0.26 5.73
CA TYR A 69 3.17 -0.12 5.65
C TYR A 69 3.62 0.12 4.22
N TYR A 70 2.96 -0.45 3.22
CA TYR A 70 3.33 -0.23 1.82
C TYR A 70 2.95 1.21 1.45
N SER A 71 1.73 1.64 1.77
CA SER A 71 1.29 3.00 1.47
C SER A 71 2.01 4.07 2.29
N ALA A 72 2.63 3.71 3.41
CA ALA A 72 3.38 4.61 4.28
C ALA A 72 4.88 4.28 4.16
N SER A 73 5.28 3.50 3.16
CA SER A 73 6.68 3.16 2.97
C SER A 73 7.43 4.45 2.66
N PRO A 74 8.71 4.55 3.05
CA PRO A 74 9.49 5.75 2.80
C PRO A 74 9.56 6.06 1.31
N ALA A 75 9.89 5.07 0.47
CA ALA A 75 9.99 5.27 -0.96
C ALA A 75 8.65 5.68 -1.60
N TYR A 76 7.51 5.31 -1.02
CA TYR A 76 6.19 5.68 -1.54
C TYR A 76 6.03 7.19 -1.38
N LEU A 77 6.25 7.66 -0.14
CA LEU A 77 6.10 9.05 0.25
C LEU A 77 7.17 9.97 -0.35
N SER A 78 8.44 9.59 -0.27
CA SER A 78 9.57 10.36 -0.77
C SER A 78 9.52 10.63 -2.28
N CYS A 79 8.92 9.72 -3.04
CA CYS A 79 8.79 9.81 -4.48
C CYS A 79 7.44 10.38 -4.93
N GLN A 80 6.57 10.85 -4.02
CA GLN A 80 5.27 11.39 -4.40
C GLN A 80 5.40 12.47 -5.48
N LYS A 81 4.65 12.22 -6.55
CA LYS A 81 4.50 13.00 -7.76
C LYS A 81 3.00 13.09 -8.02
N PRO A 82 2.37 14.27 -7.97
CA PRO A 82 0.95 14.43 -8.24
C PRO A 82 0.73 14.24 -9.74
N ASP A 83 -0.53 14.36 -10.20
CA ASP A 83 -0.90 14.20 -11.61
C ASP A 83 -0.38 12.88 -12.21
N THR A 84 -0.29 11.84 -11.38
CA THR A 84 0.21 10.54 -11.78
C THR A 84 -0.87 9.55 -12.23
N ALA A 85 -2.17 9.85 -12.00
CA ALA A 85 -3.29 8.99 -12.40
C ALA A 85 -3.20 7.62 -11.74
N ARG A 86 -3.88 7.50 -10.60
CA ARG A 86 -3.89 6.25 -9.85
C ARG A 86 -4.79 5.27 -10.63
N VAL A 87 -4.75 4.01 -10.22
CA VAL A 87 -5.51 2.92 -10.80
C VAL A 87 -5.97 2.03 -9.65
N ASP A 88 -7.09 1.34 -9.85
CA ASP A 88 -7.71 0.41 -8.91
C ASP A 88 -7.31 -1.04 -9.24
N ILE A 89 -7.94 -2.00 -8.56
CA ILE A 89 -7.72 -3.44 -8.72
C ILE A 89 -8.25 -3.97 -10.07
N TYR A 90 -9.22 -3.29 -10.67
CA TYR A 90 -9.79 -3.67 -11.95
C TYR A 90 -8.93 -3.12 -13.09
N GLY A 91 -7.98 -2.23 -12.78
CA GLY A 91 -7.10 -1.60 -13.73
C GLY A 91 -7.69 -0.30 -14.27
N ASN A 92 -8.89 0.10 -13.80
CA ASN A 92 -9.52 1.33 -14.26
C ASN A 92 -8.75 2.52 -13.74
N GLU A 93 -8.63 3.54 -14.58
CA GLU A 93 -7.97 4.77 -14.26
C GLU A 93 -8.88 5.58 -13.36
N VAL A 94 -8.29 6.24 -12.38
CA VAL A 94 -8.95 7.09 -11.41
C VAL A 94 -8.26 8.46 -11.47
N ASP A 95 -8.67 9.41 -10.64
CA ASP A 95 -8.11 10.75 -10.72
C ASP A 95 -6.72 10.74 -10.09
N VAL A 96 -6.12 11.92 -9.97
CA VAL A 96 -4.76 12.04 -9.51
C VAL A 96 -4.68 12.66 -8.13
N VAL A 97 -3.55 12.38 -7.50
CA VAL A 97 -3.26 12.91 -6.17
C VAL A 97 -3.09 14.40 -6.43
N THR A 98 -3.80 15.25 -5.67
CA THR A 98 -3.72 16.69 -5.85
C THR A 98 -2.27 17.15 -5.63
N PRO A 99 -1.87 18.30 -6.17
CA PRO A 99 -0.51 18.79 -6.00
C PRO A 99 -0.13 19.01 -4.54
N GLU A 100 -1.06 19.52 -3.74
CA GLU A 100 -0.82 19.77 -2.32
C GLU A 100 -0.90 18.49 -1.49
N GLN A 101 -1.76 17.53 -1.86
CA GLN A 101 -1.90 16.28 -1.12
C GLN A 101 -0.80 15.28 -1.43
N ALA A 102 -0.21 15.31 -2.63
CA ALA A 102 0.87 14.39 -2.97
C ALA A 102 2.12 14.76 -2.19
N LYS A 103 2.49 16.05 -2.23
CA LYS A 103 3.68 16.54 -1.54
C LYS A 103 3.56 16.42 -0.02
N TYR A 104 2.33 16.48 0.51
CA TYR A 104 2.04 16.40 1.95
C TYR A 104 2.68 15.14 2.55
N ALA A 105 2.88 14.11 1.73
CA ALA A 105 3.50 12.85 2.12
C ALA A 105 4.86 13.11 2.78
N TYR A 106 5.57 14.20 2.42
CA TYR A 106 6.85 14.56 2.98
C TYR A 106 6.77 14.68 4.51
N GLN A 107 5.65 15.16 5.04
CA GLN A 107 5.44 15.30 6.47
C GLN A 107 5.35 13.93 7.13
N ARG A 108 4.72 12.97 6.46
CA ARG A 108 4.56 11.62 6.97
C ARG A 108 5.92 10.93 6.92
N TYR A 109 6.69 11.14 5.85
CA TYR A 109 8.01 10.56 5.71
C TYR A 109 8.88 10.98 6.88
N GLN A 110 8.96 12.28 7.13
CA GLN A 110 9.78 12.84 8.20
C GLN A 110 9.30 12.41 9.58
N GLU A 111 8.02 12.12 9.73
CA GLU A 111 7.49 11.70 11.03
C GLU A 111 8.20 10.47 11.57
N ARG A 112 8.37 9.50 10.69
CA ARG A 112 8.99 8.20 10.97
C ARG A 112 10.40 7.97 10.46
N TYR A 113 10.79 8.59 9.35
CA TYR A 113 12.07 8.46 8.68
C TYR A 113 12.86 9.77 8.66
N GLY A 114 12.49 10.70 9.52
CA GLY A 114 13.14 12.00 9.64
C GLY A 114 12.93 12.50 11.05
N ASN A 115 13.29 13.77 11.30
CA ASN A 115 13.14 14.37 12.61
C ASN A 115 13.13 15.89 12.47
N LYS A 116 12.22 16.54 13.21
CA LYS A 116 12.01 17.98 13.31
C LYS A 116 11.34 18.25 14.66
N LYS A 117 11.17 19.51 15.03
CA LYS A 117 10.52 20.00 16.26
C LYS A 117 10.44 21.52 16.13
N SER A 118 9.74 22.19 17.04
CA SER A 118 9.64 23.64 17.07
C SER A 118 9.87 24.01 18.53
N GLN A 119 8.82 23.90 19.36
CA GLN A 119 8.82 24.22 20.79
C GLN A 119 9.38 25.63 20.98
N ASP A 120 8.66 26.57 20.36
CA ASP A 120 8.86 28.01 20.29
C ASP A 120 7.58 28.66 20.78
N LEU A 121 7.71 29.74 21.53
CA LEU A 121 6.65 30.54 22.09
C LEU A 121 7.19 31.94 22.41
N LYS A 122 6.27 32.89 22.67
CA LYS A 122 6.51 34.28 23.02
C LYS A 122 5.16 34.86 23.41
N GLY A 1 -6.94 -31.66 -5.30
CA GLY A 1 -5.63 -32.28 -5.05
C GLY A 1 -4.85 -31.37 -4.12
N SER A 2 -3.57 -31.17 -4.38
CA SER A 2 -2.70 -30.29 -3.59
C SER A 2 -3.11 -28.83 -3.85
N ASN A 3 -2.70 -27.91 -2.98
CA ASN A 3 -3.02 -26.48 -3.09
C ASN A 3 -1.75 -25.70 -2.80
N GLN A 4 -1.36 -25.59 -1.52
CA GLN A 4 -0.16 -24.87 -1.02
C GLN A 4 -0.30 -23.35 -1.21
N GLN A 5 0.49 -22.52 -0.53
CA GLN A 5 0.44 -21.06 -0.65
C GLN A 5 1.80 -20.43 -0.30
N LEU A 6 1.97 -19.16 -0.66
CA LEU A 6 3.18 -18.36 -0.43
C LEU A 6 3.52 -18.22 1.06
N ASN A 7 2.50 -18.09 1.91
CA ASN A 7 2.60 -17.94 3.35
C ASN A 7 3.50 -16.76 3.76
N ALA A 8 3.82 -16.65 5.04
CA ALA A 8 4.68 -15.60 5.57
C ALA A 8 6.11 -16.10 5.44
N THR A 9 6.79 -15.66 4.38
CA THR A 9 8.16 -16.03 4.11
C THR A 9 9.08 -15.69 5.30
N LYS A 10 8.83 -14.54 5.94
CA LYS A 10 9.58 -14.01 7.08
C LYS A 10 8.83 -12.89 7.82
N LYS A 11 8.19 -12.00 7.05
CA LYS A 11 7.43 -10.83 7.49
C LYS A 11 5.94 -11.04 7.28
N ASP A 12 5.17 -10.96 8.36
CA ASP A 12 3.73 -11.12 8.38
C ASP A 12 3.02 -9.96 7.70
N LYS A 13 3.56 -8.75 7.83
CA LYS A 13 2.98 -7.56 7.21
C LYS A 13 3.12 -7.68 5.72
N LEU A 14 4.31 -8.04 5.24
CA LEU A 14 4.53 -8.19 3.81
C LEU A 14 3.68 -9.32 3.24
N GLN A 15 3.35 -10.36 4.00
CA GLN A 15 2.56 -11.49 3.49
C GLN A 15 1.19 -11.06 2.93
N VAL A 16 0.41 -10.27 3.65
CA VAL A 16 -0.91 -9.87 3.14
C VAL A 16 -0.80 -8.95 1.93
N ILE A 17 0.20 -8.08 1.88
CA ILE A 17 0.40 -7.16 0.76
C ILE A 17 0.90 -7.94 -0.45
N ASP A 18 1.81 -8.89 -0.24
CA ASP A 18 2.40 -9.74 -1.28
C ASP A 18 1.30 -10.58 -1.94
N TRP A 19 0.29 -10.97 -1.15
CA TRP A 19 -0.85 -11.76 -1.63
C TRP A 19 -1.74 -10.87 -2.50
N LEU A 20 -2.21 -9.72 -1.98
CA LEU A 20 -3.09 -8.81 -2.74
C LEU A 20 -2.45 -8.29 -4.02
N ILE A 21 -1.13 -8.08 -4.03
CA ILE A 21 -0.35 -7.61 -5.18
C ILE A 21 -0.56 -8.56 -6.36
N GLU A 22 -0.39 -9.86 -6.09
CA GLU A 22 -0.51 -10.95 -7.05
C GLU A 22 -1.96 -11.37 -7.34
N ASN A 23 -2.88 -11.19 -6.39
CA ASN A 23 -4.31 -11.55 -6.51
C ASN A 23 -4.99 -10.71 -7.59
N PHE A 24 -4.78 -9.38 -7.58
CA PHE A 24 -5.34 -8.45 -8.55
C PHE A 24 -4.17 -7.74 -9.23
N PRO A 25 -3.53 -8.38 -10.23
CA PRO A 25 -2.40 -7.86 -10.97
C PRO A 25 -2.74 -6.73 -11.96
N ASN A 26 -3.80 -5.95 -11.73
CA ASN A 26 -4.17 -4.88 -12.67
C ASN A 26 -3.26 -3.67 -12.46
N ALA A 27 -2.63 -3.55 -11.29
CA ALA A 27 -1.72 -2.48 -10.94
C ALA A 27 -1.17 -2.76 -9.54
N PHE A 28 0.13 -2.95 -9.37
CA PHE A 28 0.81 -3.18 -8.09
C PHE A 28 2.32 -3.34 -8.32
N PHE A 29 3.15 -3.31 -7.27
CA PHE A 29 4.60 -3.48 -7.33
C PHE A 29 5.13 -3.98 -5.99
N LYS A 30 6.34 -4.57 -5.93
CA LYS A 30 6.94 -5.10 -4.70
C LYS A 30 8.28 -4.44 -4.35
N LYS A 31 9.15 -4.20 -5.34
CA LYS A 31 10.47 -3.63 -5.13
C LYS A 31 10.55 -2.25 -4.48
N GLY A 32 9.47 -1.45 -4.43
CA GLY A 32 9.55 -0.13 -3.83
C GLY A 32 10.09 0.88 -4.84
N ASN A 33 11.22 0.59 -5.48
CA ASN A 33 11.86 1.45 -6.48
C ASN A 33 10.93 1.81 -7.65
N GLN A 34 9.94 0.96 -7.94
CA GLN A 34 8.97 1.14 -9.01
C GLN A 34 7.54 1.32 -8.46
N VAL A 35 7.36 1.43 -7.14
CA VAL A 35 6.04 1.58 -6.53
C VAL A 35 5.42 2.92 -6.93
N LYS A 36 4.09 2.98 -7.05
CA LYS A 36 3.35 4.18 -7.42
C LYS A 36 2.09 4.29 -6.56
N PRO A 37 1.35 5.42 -6.56
CA PRO A 37 0.14 5.54 -5.76
C PRO A 37 -1.05 4.74 -6.33
N LEU A 38 -1.97 4.38 -5.43
CA LEU A 38 -3.20 3.63 -5.69
C LEU A 38 -4.42 4.42 -5.20
N LYS A 39 -5.62 4.05 -5.67
CA LYS A 39 -6.90 4.69 -5.31
C LYS A 39 -7.07 4.84 -3.80
N ILE A 40 -7.71 5.93 -3.44
CA ILE A 40 -8.06 6.34 -2.09
C ILE A 40 -8.99 5.24 -1.56
N GLY A 41 -8.53 4.49 -0.57
CA GLY A 41 -9.33 3.44 0.03
C GLY A 41 -9.29 2.12 -0.74
N ILE A 42 -8.25 1.85 -1.54
CA ILE A 42 -8.11 0.61 -2.32
C ILE A 42 -8.28 -0.66 -1.45
N PHE A 43 -7.96 -0.59 -0.15
CA PHE A 43 -8.13 -1.72 0.75
C PHE A 43 -9.60 -2.16 0.77
N ASP A 44 -10.53 -1.21 0.72
CA ASP A 44 -11.97 -1.47 0.77
C ASP A 44 -12.48 -2.22 -0.45
N ASP A 45 -11.83 -2.01 -1.58
CA ASP A 45 -12.18 -2.66 -2.84
C ASP A 45 -11.67 -4.10 -2.85
N LEU A 46 -10.42 -4.29 -2.41
CA LEU A 46 -9.68 -5.54 -2.34
C LEU A 46 -10.11 -6.44 -1.19
N ILE A 47 -10.51 -5.88 -0.05
CA ILE A 47 -10.89 -6.70 1.10
C ILE A 47 -12.01 -7.66 0.70
N ASP A 48 -12.83 -7.27 -0.28
CA ASP A 48 -13.93 -8.08 -0.77
C ASP A 48 -13.40 -9.44 -1.24
N PHE A 49 -12.29 -9.40 -1.97
CA PHE A 49 -11.60 -10.58 -2.50
C PHE A 49 -11.04 -11.42 -1.35
N TYR A 50 -10.59 -10.80 -0.25
CA TYR A 50 -10.09 -11.50 0.94
C TYR A 50 -11.25 -12.29 1.56
N GLU A 51 -12.48 -11.84 1.43
CA GLU A 51 -13.64 -12.55 1.99
C GLU A 51 -13.94 -13.83 1.19
N ARG A 52 -13.34 -13.99 0.00
CA ARG A 52 -13.50 -15.17 -0.85
C ARG A 52 -12.61 -16.29 -0.32
N LEU A 53 -11.54 -15.96 0.41
CA LEU A 53 -10.61 -16.92 0.99
C LEU A 53 -11.45 -17.92 1.79
N ASP A 54 -11.28 -19.21 1.50
CA ASP A 54 -12.02 -20.28 2.18
C ASP A 54 -11.68 -20.30 3.68
N THR A 55 -10.51 -19.75 4.01
CA THR A 55 -9.97 -19.62 5.33
C THR A 55 -9.08 -18.37 5.37
N PRO A 56 -9.60 -17.24 5.87
CA PRO A 56 -8.84 -16.01 5.97
C PRO A 56 -7.78 -16.23 7.08
N PRO A 57 -6.48 -15.98 6.83
CA PRO A 57 -5.45 -16.19 7.83
C PRO A 57 -5.62 -15.20 8.98
N PHE A 58 -5.32 -13.92 8.72
CA PHE A 58 -5.44 -12.85 9.70
C PHE A 58 -6.81 -12.17 9.53
N SER A 59 -7.12 -11.23 10.41
CA SER A 59 -8.36 -10.47 10.39
C SER A 59 -8.11 -9.24 9.50
N LYS A 60 -9.20 -8.61 9.05
CA LYS A 60 -9.24 -7.41 8.18
C LYS A 60 -8.27 -6.31 8.63
N LYS A 61 -8.14 -6.14 9.95
CA LYS A 61 -7.26 -5.16 10.57
C LYS A 61 -5.83 -5.32 10.05
N SER A 62 -5.30 -6.53 10.01
CA SER A 62 -3.94 -6.79 9.54
C SER A 62 -3.76 -6.31 8.10
N LEU A 63 -4.66 -6.67 7.18
CA LEU A 63 -4.57 -6.27 5.78
C LEU A 63 -4.53 -4.75 5.66
N ARG A 64 -5.48 -4.04 6.29
CA ARG A 64 -5.51 -2.58 6.23
C ARG A 64 -4.27 -1.97 6.89
N GLU A 65 -3.81 -2.51 8.00
CA GLU A 65 -2.65 -2.01 8.73
C GLU A 65 -1.38 -2.17 7.89
N ALA A 66 -1.15 -3.37 7.34
CA ALA A 66 0.01 -3.69 6.54
C ALA A 66 0.11 -2.78 5.32
N LEU A 67 -1.00 -2.58 4.58
CA LEU A 67 -1.00 -1.73 3.39
C LEU A 67 -0.50 -0.31 3.70
N SER A 68 -0.63 0.16 4.95
CA SER A 68 -0.18 1.46 5.40
C SER A 68 1.34 1.57 5.30
N TYR A 69 2.07 0.47 5.50
CA TYR A 69 3.52 0.47 5.43
C TYR A 69 3.96 0.61 3.97
N TYR A 70 3.26 0.00 3.01
CA TYR A 70 3.67 0.16 1.61
C TYR A 70 3.54 1.62 1.20
N SER A 71 2.43 2.28 1.57
CA SER A 71 2.26 3.69 1.25
C SER A 71 3.24 4.57 2.04
N ALA A 72 3.76 4.11 3.18
CA ALA A 72 4.71 4.85 4.01
C ALA A 72 6.15 4.44 3.69
N SER A 73 6.38 3.67 2.61
CA SER A 73 7.70 3.22 2.20
C SER A 73 8.57 4.43 1.82
N PRO A 74 9.91 4.31 1.88
CA PRO A 74 10.79 5.43 1.57
C PRO A 74 10.64 5.90 0.13
N ALA A 75 10.81 4.99 -0.84
CA ALA A 75 10.73 5.29 -2.26
C ALA A 75 9.43 5.99 -2.68
N TYR A 76 8.29 5.57 -2.13
CA TYR A 76 7.01 6.19 -2.48
C TYR A 76 6.98 7.65 -2.04
N LEU A 77 7.29 7.91 -0.77
CA LEU A 77 7.25 9.25 -0.20
C LEU A 77 8.29 10.15 -0.85
N SER A 78 9.52 9.64 -0.97
CA SER A 78 10.67 10.33 -1.53
C SER A 78 10.47 10.80 -2.97
N CYS A 79 9.71 10.09 -3.81
CA CYS A 79 9.58 10.56 -5.19
C CYS A 79 8.65 11.78 -5.29
N GLN A 80 7.78 12.01 -4.29
CA GLN A 80 6.82 13.11 -4.22
C GLN A 80 6.28 13.44 -5.63
N LYS A 81 5.56 12.51 -6.26
CA LYS A 81 5.03 12.70 -7.61
C LYS A 81 3.55 13.04 -7.73
N PRO A 82 3.21 14.33 -7.94
CA PRO A 82 1.84 14.78 -8.12
C PRO A 82 1.50 14.47 -9.59
N ASP A 83 0.28 14.81 -10.04
CA ASP A 83 -0.19 14.64 -11.42
C ASP A 83 0.29 13.31 -12.00
N THR A 84 0.00 12.22 -11.29
CA THR A 84 0.43 10.87 -11.65
C THR A 84 -0.74 9.90 -11.92
N ALA A 85 -1.99 10.32 -11.70
CA ALA A 85 -3.22 9.54 -11.94
C ALA A 85 -3.28 8.18 -11.27
N ARG A 86 -3.92 8.11 -10.11
CA ARG A 86 -4.05 6.81 -9.45
C ARG A 86 -5.02 5.95 -10.27
N VAL A 87 -5.08 4.67 -9.94
CA VAL A 87 -5.94 3.66 -10.56
C VAL A 87 -6.47 2.77 -9.43
N ASP A 88 -7.55 2.03 -9.70
CA ASP A 88 -8.21 1.10 -8.79
C ASP A 88 -7.72 -0.35 -9.07
N ILE A 89 -8.26 -1.34 -8.36
CA ILE A 89 -7.93 -2.76 -8.50
C ILE A 89 -8.31 -3.33 -9.87
N TYR A 90 -9.20 -2.67 -10.60
CA TYR A 90 -9.64 -3.03 -11.95
C TYR A 90 -8.77 -2.28 -12.98
N GLY A 91 -7.83 -1.45 -12.52
CA GLY A 91 -6.94 -0.67 -13.36
C GLY A 91 -7.64 0.57 -13.93
N ASN A 92 -8.89 0.85 -13.54
CA ASN A 92 -9.62 2.02 -14.00
C ASN A 92 -9.01 3.25 -13.37
N GLU A 93 -8.84 4.29 -14.16
CA GLU A 93 -8.26 5.55 -13.74
C GLU A 93 -9.19 6.33 -12.81
N VAL A 94 -8.54 7.01 -11.87
CA VAL A 94 -9.02 7.90 -10.84
C VAL A 94 -8.24 9.21 -11.04
N ASP A 95 -8.49 10.20 -10.21
CA ASP A 95 -7.88 11.51 -10.34
C ASP A 95 -6.42 11.56 -9.80
N VAL A 96 -5.78 12.72 -9.83
CA VAL A 96 -4.39 12.91 -9.45
C VAL A 96 -4.18 13.73 -8.18
N VAL A 97 -2.99 13.58 -7.61
CA VAL A 97 -2.54 14.29 -6.40
C VAL A 97 -1.93 15.65 -6.79
N THR A 98 -2.14 16.69 -5.98
CA THR A 98 -1.60 18.03 -6.20
C THR A 98 -0.12 18.11 -5.76
N PRO A 99 0.65 19.12 -6.21
CA PRO A 99 2.06 19.26 -5.82
C PRO A 99 2.27 19.40 -4.31
N GLU A 100 1.35 20.07 -3.61
CA GLU A 100 1.43 20.25 -2.17
C GLU A 100 1.29 18.90 -1.45
N GLN A 101 0.24 18.16 -1.80
CA GLN A 101 -0.03 16.87 -1.18
C GLN A 101 1.06 15.86 -1.53
N ALA A 102 1.67 15.98 -2.72
CA ALA A 102 2.75 15.09 -3.13
C ALA A 102 3.99 15.35 -2.26
N LYS A 103 4.39 16.62 -2.07
CA LYS A 103 5.56 16.97 -1.27
C LYS A 103 5.39 16.75 0.23
N TYR A 104 4.17 16.84 0.77
CA TYR A 104 3.87 16.65 2.19
C TYR A 104 4.42 15.32 2.70
N ALA A 105 4.52 14.34 1.80
CA ALA A 105 5.05 13.01 2.05
C ALA A 105 6.44 13.05 2.70
N TYR A 106 7.25 14.10 2.46
CA TYR A 106 8.58 14.23 3.01
C TYR A 106 8.55 14.11 4.54
N GLN A 107 7.53 14.65 5.21
CA GLN A 107 7.38 14.59 6.66
C GLN A 107 7.35 13.13 7.11
N ARG A 108 6.59 12.31 6.40
CA ARG A 108 6.42 10.89 6.67
C ARG A 108 7.72 10.14 6.41
N TYR A 109 8.55 10.59 5.47
CA TYR A 109 9.82 9.92 5.20
C TYR A 109 10.74 10.16 6.39
N GLN A 110 10.92 11.42 6.77
CA GLN A 110 11.77 11.83 7.88
C GLN A 110 11.29 11.27 9.21
N GLU A 111 9.99 11.03 9.38
CA GLU A 111 9.45 10.51 10.63
C GLU A 111 10.20 9.25 11.08
N ARG A 112 10.41 8.36 10.11
CA ARG A 112 11.08 7.06 10.26
C ARG A 112 12.49 6.96 9.72
N TYR A 113 12.85 7.73 8.70
CA TYR A 113 14.16 7.70 8.05
C TYR A 113 14.94 8.99 8.25
N GLY A 114 14.48 9.83 9.18
CA GLY A 114 15.06 11.11 9.57
C GLY A 114 14.88 11.27 11.07
N ASN A 115 15.09 12.47 11.61
CA ASN A 115 14.94 12.74 13.04
C ASN A 115 14.36 14.14 13.24
N LYS A 116 13.04 14.29 13.20
CA LYS A 116 12.38 15.59 13.38
C LYS A 116 11.02 15.38 14.07
N LYS A 117 10.71 16.28 15.01
CA LYS A 117 9.50 16.27 15.81
C LYS A 117 8.25 16.28 14.92
N SER A 118 7.24 15.54 15.36
CA SER A 118 5.95 15.41 14.68
C SER A 118 5.01 16.52 15.17
N GLN A 119 3.88 16.71 14.49
CA GLN A 119 2.90 17.73 14.87
C GLN A 119 2.18 17.35 16.17
N ASP A 120 1.50 18.33 16.75
CA ASP A 120 0.70 18.24 17.98
C ASP A 120 -0.60 19.02 17.80
N LEU A 121 -1.40 19.06 18.87
CA LEU A 121 -2.70 19.71 18.96
C LEU A 121 -3.67 19.09 17.94
N LYS A 122 -4.72 19.77 17.50
CA LYS A 122 -5.69 19.24 16.55
C LYS A 122 -6.13 20.35 15.63
#